data_9B9K
#
_entry.id   9B9K
#
_cell.length_a   1.00
_cell.length_b   1.00
_cell.length_c   1.00
_cell.angle_alpha   90.00
_cell.angle_beta   90.00
_cell.angle_gamma   90.00
#
_symmetry.space_group_name_H-M   'P 1'
#
loop_
_entity.id
_entity.type
_entity.pdbx_description
1 polymer 'Integrin alpha-5 light chain'
2 polymer 'Integrin beta-1'
3 polymer 'MINT1526A Fab Heavy Chain'
4 polymer 'MINT1526A Fab Light Chain'
5 branched beta-D-mannopyranose-(1-4)-2-acetamido-2-deoxy-beta-D-glucopyranose-(1-4)-2-acetamido-2-deoxy-beta-D-glucopyranose
6 branched alpha-D-mannopyranose-(1-3)-[alpha-D-mannopyranose-(1-6)]alpha-D-mannopyranose-(1-6)-[alpha-D-mannopyranose-(1-3)]beta-D-mannopyranose-(1-4)-2-acetamido-2-deoxy-beta-D-glucopyranose-(1-4)-2-acetamido-2-deoxy-beta-D-glucopyranose
7 branched alpha-D-mannopyranose-(1-3)-beta-D-mannopyranose-(1-4)-2-acetamido-2-deoxy-beta-D-glucopyranose-(1-4)-2-acetamido-2-deoxy-beta-D-glucopyranose
8 branched 2-acetamido-2-deoxy-beta-D-glucopyranose-(1-4)-2-acetamido-2-deoxy-beta-D-glucopyranose
9 non-polymer 'CALCIUM ION'
10 non-polymer 2-acetamido-2-deoxy-beta-D-glucopyranose
#
loop_
_entity_poly.entity_id
_entity_poly.type
_entity_poly.pdbx_seq_one_letter_code
_entity_poly.pdbx_strand_id
1 'polypeptide(L)'
;MGSRTPESPLHAVQLRWGPRRRPPLLPLLLLLLPPPPRVGGFNLDAEAPAVLSGPPGSFFGFSVEFYRPGTDGVSVLVGA
PKANTSQPGVLQGGAVYLCPWGASPTQCTPIEFDSKGSRLLESSLSSSEGEEPVEYKSLQWFGATVRAHGSSILACAPLY
SWRTEKEPLSDPVGTCYLSTDNFTRILEYAPCRSDFSWAAGQGYCQGGFSAEFTKTGRVVLGGPGSYFWQGQILSATQEQ
IAESYYPEYLINLVQGQLQTRQASSIYDDSYLGYSVAVGEFSGDDTEDFVAGVPKGNLTYGYVTILNGSDIRSLYNFSGE
QMASYFGYAVAATDVNGDGLDDLLVGAPLLMDRTPDGRPQEVGRVYVYLQHPAGIEPTPTLTLTGHDEFGRFGSSLTPLG
DLDQDGYNDVAIGAPFGGETQQGVVFVFPGGPGGLGSKPSQVLQPLWAASHTPDFFGSALRGGRDLDGNGYPDLIVGSFG
VDKAVVYRGRPIVSASASLTIFPAMFNPEERSCSLEGNPVACINLSFCLNASGKHVADSIGFTVELQLDWQKQKGGVRRA
LFLASRQATLTQTLLIQNGAREDCREMKIYLRNESEFRDKLSPIHIALNFSLDPQAPVDSHGLRPALHYQSKSRIEDKAQ
ILLDCGEDNICVPDLQLEVFGEQNHVYLGDKNALNLTFHAQNVGEGGAYEAELRVTAPPEAEYSGLVRHPGNFSSLSCDY
FAVNQSRLLVCDLGNPMKAGASLWGGLRFTVPHLRDTKKTIQFDFQILSKNLNNSQSDVVSFRLSVEAQAQVTLNGVSKP
EAVLFPVSDWHPRDQPQKEEDLGPAVHHVYELINQGPSSISQGVLELSCPQALEGQQLLYVTRVTGLNCTTNHPINPKGL
ELDPEGSLHHQQKREAPSRSSASSGPQILKCPEAECFRLRCELGPLHQQESQSLQLHFRVWAKTFLQREHQPFSLQCEAV
YKALKMPYRILPRQLPQKERQVATAVQWTKAEGSY
;
A
2 'polypeptide(L)'
;MNLQPIFWIGLISSVCCVFAQTDENRCLKANAKSCGECIQAGPNCGWCTNSTFLQEGMPTSARCDDLEALKKKGCPPDDI
ENPRGSKDIKKNKNVTNRSKGTAEKLKPEDITQIQPQQLVLRLRSGEPQTFTLKFKRAEDYPIDLYYLMDLSYSMKDDLE
NVKSLGTDLMNEMRRITSDFRIGFGSFVEKTVMPYISTTPAKLRNPCTSEQNCTSPFSYKNVLSLTNKGEVFNELVGKQR
ISGNLDSPEGGFDAIMQVAVCGSLIGWRNVTRLLVFSTDAGFHFAGDGKLGGIVLPNDGQCHLENNMYTMSHYYDYPSIA
HLVQKLSENNIQTIFAVTEEFQPVYKELKNLIPKSAVGTLSANSSNVIQLIIDAYNSLSSEVILENGKLSEGVTISYKSY
CKNGVNGTGENGRKCSNISIGDEVQFEISITSNKCPKKDSDSFKIRPLGFTEEVEVILQYICECECQSEGIPESPKCHEG
NGTFECGACRCNEGRVGRHCECSTDEVNSEDMDAYCRKENSSEICSNNGECVCGQCVCRKRDNTNEIYSGKFCECDNFNC
DRSNGLICGGNGVCKCRVCECNPNYTGSACDCSLDTSTCEASNGQICNGRGICECGVCKCTDPKFQGQTCEMCQTCLGVC
AEHKECVQCRAFNKGEKKDTCTQECSYFNITKVESRDKLPQPVQPDPVSHCKEKDVDDCWFYFTYSVNGNNEVMVHVVEN
PECPTGPD
;
B
3 'polypeptide(L)'
;EVHLVESGGDLVQPGSSLKLSCAASGFTFSNRWLYWVKQAPGKGLEWVGGLKTKPNLYATEYADSVKGRFTISRDDSKNS
LYLQMNTLRVDDTALYYCTSLTGMRYFDYWGQGTMVTVSS
;
H
4 'polypeptide(L)'
;LDVLTQSPSASASLGNSVKLTCTLSSQHSTYTIGWYQAGHPDKAPKYVMYLNSDGSHNKGDGLPDRFSGSSSGAHRYLSI
SNIQPEDEADYFCGSSYSSGYVFGSGTKVELK
;
L
#
loop_
_chem_comp.id
_chem_comp.type
_chem_comp.name
_chem_comp.formula
BMA D-saccharide, beta linking beta-D-mannopyranose 'C6 H12 O6'
CA non-polymer 'CALCIUM ION' 'Ca 2'
MAN D-saccharide, alpha linking alpha-D-mannopyranose 'C6 H12 O6'
NAG D-saccharide, beta linking 2-acetamido-2-deoxy-beta-D-glucopyranose 'C8 H15 N O6'
#
# COMPACT_ATOMS: atom_id res chain seq x y z
N PHE A 42 -7.43 30.88 -8.07
CA PHE A 42 -6.37 31.22 -9.05
C PHE A 42 -6.48 30.40 -10.33
N ASN A 43 -5.46 29.61 -10.73
CA ASN A 43 -5.27 29.32 -12.16
C ASN A 43 -6.08 28.19 -12.79
N LEU A 44 -6.54 27.18 -12.05
CA LEU A 44 -7.34 26.12 -12.63
C LEU A 44 -8.79 26.58 -12.81
N ASP A 45 -9.37 26.34 -13.97
CA ASP A 45 -10.76 26.69 -14.30
C ASP A 45 -11.76 25.84 -13.50
N ALA A 46 -12.15 26.30 -12.31
CA ALA A 46 -12.97 25.54 -11.36
C ALA A 46 -14.49 25.77 -11.45
N GLU A 47 -14.96 26.76 -12.21
CA GLU A 47 -16.40 27.05 -12.33
C GLU A 47 -17.12 26.18 -13.37
N ALA A 48 -16.39 25.57 -14.31
CA ALA A 48 -16.95 24.68 -15.33
C ALA A 48 -15.95 23.61 -15.84
N PRO A 49 -15.37 22.77 -14.96
CA PRO A 49 -14.51 21.67 -15.37
C PRO A 49 -15.27 20.61 -16.19
N ALA A 50 -14.57 19.82 -16.99
CA ALA A 50 -15.18 18.74 -17.77
C ALA A 50 -15.31 17.48 -16.92
N VAL A 51 -16.49 16.90 -16.82
CA VAL A 51 -16.78 15.73 -15.97
C VAL A 51 -17.02 14.50 -16.83
N LEU A 52 -16.25 13.45 -16.58
CA LEU A 52 -16.35 12.13 -17.19
C LEU A 52 -17.13 11.23 -16.22
N SER A 53 -18.01 10.38 -16.71
CA SER A 53 -18.75 9.43 -15.87
C SER A 53 -18.77 8.03 -16.47
N GLY A 54 -18.57 7.03 -15.61
CA GLY A 54 -18.55 5.62 -15.97
C GLY A 54 -19.77 4.87 -15.43
N PRO A 55 -19.82 3.54 -15.58
CA PRO A 55 -20.97 2.75 -15.13
C PRO A 55 -21.18 2.85 -13.61
N PRO A 56 -22.43 2.82 -13.14
CA PRO A 56 -22.74 2.93 -11.71
C PRO A 56 -22.23 1.71 -10.93
N GLY A 57 -21.54 1.93 -9.82
CA GLY A 57 -20.98 0.86 -8.98
C GLY A 57 -19.72 0.19 -9.53
N SER A 58 -19.06 0.78 -10.53
CA SER A 58 -17.85 0.26 -11.16
C SER A 58 -16.54 0.71 -10.50
N PHE A 59 -16.57 1.72 -9.65
CA PHE A 59 -15.40 2.44 -9.14
C PHE A 59 -14.64 3.16 -10.26
N PHE A 60 -15.31 3.65 -11.30
CA PHE A 60 -14.70 4.50 -12.32
C PHE A 60 -14.07 5.73 -11.70
N GLY A 61 -12.83 6.05 -12.03
CA GLY A 61 -12.07 7.13 -11.43
C GLY A 61 -11.15 6.69 -10.29
N PHE A 62 -10.98 5.39 -10.07
CA PHE A 62 -10.08 4.87 -9.02
C PHE A 62 -8.62 5.19 -9.33
N SER A 63 -8.22 5.14 -10.60
CA SER A 63 -6.92 5.55 -11.11
C SER A 63 -7.09 6.30 -12.43
N VAL A 64 -6.33 7.36 -12.67
CA VAL A 64 -6.49 8.29 -13.80
C VAL A 64 -5.14 8.61 -14.44
N GLU A 65 -5.18 9.01 -15.69
CA GLU A 65 -3.95 9.36 -16.40
C GLU A 65 -4.14 10.14 -17.68
N PHE A 66 -3.10 10.79 -18.12
CA PHE A 66 -3.03 11.41 -19.44
C PHE A 66 -2.42 10.43 -20.44
N TYR A 67 -2.92 10.39 -21.67
CA TYR A 67 -2.38 9.57 -22.73
C TYR A 67 -2.10 10.38 -24.00
N ARG A 68 -0.96 10.14 -24.65
CA ARG A 68 -0.43 10.89 -25.79
C ARG A 68 -0.46 12.43 -25.59
N PRO A 69 -0.06 12.99 -24.43
CA PRO A 69 -0.06 14.44 -24.25
C PRO A 69 0.83 15.12 -25.30
N GLY A 70 0.23 15.96 -26.14
CA GLY A 70 0.84 16.47 -27.37
C GLY A 70 -0.16 17.22 -28.26
N THR A 71 0.23 17.47 -29.51
CA THR A 71 -0.58 18.23 -30.49
C THR A 71 -1.77 17.43 -31.05
N ASP A 72 -1.70 16.09 -31.03
CA ASP A 72 -2.74 15.19 -31.54
C ASP A 72 -2.82 13.87 -30.76
N GLY A 73 -3.97 13.19 -30.81
CA GLY A 73 -4.23 11.92 -30.12
C GLY A 73 -4.45 12.00 -28.60
N VAL A 74 -4.29 13.18 -28.01
CA VAL A 74 -4.33 13.39 -26.56
C VAL A 74 -5.67 12.99 -25.93
N SER A 75 -5.61 12.22 -24.85
CA SER A 75 -6.75 11.50 -24.27
C SER A 75 -6.58 11.35 -22.76
N VAL A 76 -7.65 11.04 -22.05
CA VAL A 76 -7.63 10.66 -20.63
C VAL A 76 -7.87 9.16 -20.52
N LEU A 77 -7.12 8.44 -19.69
CA LEU A 77 -7.39 7.03 -19.35
C LEU A 77 -7.97 6.96 -17.94
N VAL A 78 -9.03 6.20 -17.72
CA VAL A 78 -9.66 6.05 -16.41
C VAL A 78 -9.86 4.58 -16.05
N GLY A 79 -9.42 4.16 -14.87
CA GLY A 79 -9.61 2.82 -14.37
C GLY A 79 -10.92 2.64 -13.63
N ALA A 80 -11.52 1.46 -13.76
CA ALA A 80 -12.77 1.09 -13.11
C ALA A 80 -12.66 -0.33 -12.54
N PRO A 81 -12.05 -0.51 -11.34
CA PRO A 81 -11.68 -1.81 -10.79
C PRO A 81 -12.81 -2.83 -10.67
N LYS A 82 -14.05 -2.38 -10.51
CA LYS A 82 -15.21 -3.24 -10.26
C LYS A 82 -16.14 -3.33 -11.46
N ALA A 83 -15.79 -2.75 -12.61
CA ALA A 83 -16.61 -2.81 -13.82
C ALA A 83 -16.77 -4.26 -14.33
N ASN A 84 -17.83 -4.42 -15.11
CA ASN A 84 -18.15 -5.69 -15.75
C ASN A 84 -17.39 -5.64 -17.07
N THR A 85 -17.18 -6.75 -17.75
CA THR A 85 -16.30 -6.90 -18.90
C THR A 85 -16.84 -8.00 -19.81
N SER A 86 -16.58 -7.95 -21.11
CA SER A 86 -17.08 -8.92 -22.09
C SER A 86 -16.19 -10.18 -22.18
N GLN A 87 -15.80 -10.74 -21.03
CA GLN A 87 -14.91 -11.90 -20.92
C GLN A 87 -15.68 -13.13 -20.44
N PRO A 88 -15.61 -14.29 -21.12
CA PRO A 88 -16.39 -15.48 -20.78
C PRO A 88 -16.21 -15.95 -19.32
N GLY A 89 -17.28 -15.88 -18.53
CA GLY A 89 -17.32 -16.38 -17.16
C GLY A 89 -16.61 -15.52 -16.11
N VAL A 90 -16.24 -14.27 -16.41
CA VAL A 90 -15.55 -13.36 -15.47
C VAL A 90 -16.52 -12.34 -14.92
N LEU A 91 -16.67 -12.26 -13.58
CA LEU A 91 -17.57 -11.34 -12.89
C LEU A 91 -16.78 -10.19 -12.25
N GLN A 92 -17.17 -8.94 -12.51
CA GLN A 92 -16.48 -7.73 -12.03
C GLN A 92 -14.96 -7.79 -12.18
N GLY A 93 -14.48 -8.19 -13.36
CA GLY A 93 -13.05 -8.31 -13.65
C GLY A 93 -12.30 -6.98 -13.67
N GLY A 94 -12.99 -5.85 -13.79
CA GLY A 94 -12.39 -4.52 -13.93
C GLY A 94 -12.27 -4.07 -15.38
N ALA A 95 -11.96 -2.80 -15.62
CA ALA A 95 -11.81 -2.20 -16.95
C ALA A 95 -10.93 -0.96 -16.92
N VAL A 96 -10.47 -0.53 -18.09
CA VAL A 96 -9.81 0.76 -18.32
C VAL A 96 -10.52 1.45 -19.50
N TYR A 97 -10.83 2.73 -19.38
CA TYR A 97 -11.58 3.51 -20.35
C TYR A 97 -10.71 4.55 -21.01
N LEU A 98 -10.69 4.61 -22.34
CA LEU A 98 -10.10 5.70 -23.11
C LEU A 98 -11.18 6.77 -23.34
N CYS A 99 -10.89 8.00 -22.94
CA CYS A 99 -11.79 9.15 -23.04
C CYS A 99 -11.12 10.24 -23.88
N PRO A 100 -11.28 10.28 -25.22
CA PRO A 100 -10.55 11.21 -26.08
C PRO A 100 -10.82 12.68 -25.76
N TRP A 101 -9.79 13.53 -25.71
CA TRP A 101 -9.99 14.96 -25.47
C TRP A 101 -10.36 15.72 -26.76
N GLY A 102 -11.02 16.87 -26.60
CA GLY A 102 -11.46 17.73 -27.70
C GLY A 102 -12.84 17.38 -28.28
N ALA A 103 -13.41 16.23 -27.92
CA ALA A 103 -14.80 15.89 -28.18
C ALA A 103 -15.70 16.51 -27.10
N SER A 104 -16.62 17.41 -27.45
CA SER A 104 -17.37 18.23 -26.47
C SER A 104 -18.27 17.43 -25.50
N PRO A 105 -18.90 16.31 -25.89
CA PRO A 105 -19.60 15.44 -24.93
C PRO A 105 -18.65 14.57 -24.07
N THR A 106 -17.35 14.54 -24.35
CA THR A 106 -16.30 13.77 -23.64
C THR A 106 -16.69 12.32 -23.35
N GLN A 107 -17.02 11.56 -24.39
CA GLN A 107 -17.40 10.14 -24.31
C GLN A 107 -16.20 9.25 -23.96
N CYS A 108 -16.45 8.08 -23.37
CA CYS A 108 -15.45 7.11 -22.94
C CYS A 108 -15.76 5.70 -23.47
N THR A 109 -14.76 4.97 -23.96
CA THR A 109 -14.92 3.57 -24.43
C THR A 109 -13.90 2.65 -23.75
N PRO A 110 -14.28 1.43 -23.32
CA PRO A 110 -13.37 0.51 -22.65
C PRO A 110 -12.33 -0.06 -23.61
N ILE A 111 -11.12 -0.30 -23.12
CA ILE A 111 -10.03 -0.95 -23.88
C ILE A 111 -9.96 -2.42 -23.46
N GLU A 112 -9.99 -3.34 -24.43
CA GLU A 112 -9.69 -4.75 -24.20
C GLU A 112 -8.18 -5.00 -24.18
N PHE A 113 -7.55 -4.85 -23.01
CA PHE A 113 -6.21 -5.40 -22.77
C PHE A 113 -6.27 -6.93 -22.77
N ASP A 114 -7.25 -7.50 -22.07
CA ASP A 114 -7.57 -8.93 -22.12
C ASP A 114 -9.02 -9.13 -22.57
N SER A 115 -9.25 -10.22 -23.28
CA SER A 115 -10.50 -10.62 -23.93
C SER A 115 -10.84 -12.10 -23.72
N LYS A 116 -9.93 -12.88 -23.12
CA LYS A 116 -10.13 -14.28 -22.75
C LYS A 116 -10.77 -14.42 -21.36
N GLY A 117 -11.31 -15.60 -21.07
CA GLY A 117 -11.72 -16.00 -19.72
C GLY A 117 -10.53 -16.42 -18.84
N SER A 118 -10.80 -17.08 -17.72
CA SER A 118 -9.76 -17.70 -16.87
C SER A 118 -9.22 -19.00 -17.48
N ARG A 119 -7.90 -19.19 -17.55
CA ARG A 119 -7.26 -20.40 -18.10
C ARG A 119 -7.54 -21.66 -17.26
N LEU A 120 -7.41 -22.85 -17.87
CA LEU A 120 -7.76 -24.15 -17.28
C LEU A 120 -6.52 -25.04 -17.03
N LEU A 121 -6.60 -25.89 -16.01
CA LEU A 121 -5.51 -26.78 -15.61
C LEU A 121 -5.35 -27.90 -16.65
N GLU A 122 -4.19 -28.05 -17.27
CA GLU A 122 -3.96 -29.05 -18.34
C GLU A 122 -4.32 -30.48 -17.91
N SER A 123 -3.95 -30.85 -16.68
CA SER A 123 -4.32 -32.14 -16.09
C SER A 123 -5.84 -32.33 -16.01
N SER A 124 -6.61 -31.28 -15.68
CA SER A 124 -8.06 -31.36 -15.52
C SER A 124 -8.78 -31.57 -16.85
N LEU A 125 -8.43 -30.80 -17.89
CA LEU A 125 -8.98 -30.96 -19.25
C LEU A 125 -8.50 -32.27 -19.92
N SER A 126 -7.48 -32.92 -19.35
CA SER A 126 -7.01 -34.26 -19.72
C SER A 126 -7.63 -35.39 -18.88
N SER A 127 -8.55 -35.11 -17.96
CA SER A 127 -9.02 -36.04 -16.91
C SER A 127 -10.53 -36.28 -16.92
N SER A 128 -10.94 -37.49 -16.56
CA SER A 128 -12.35 -37.88 -16.38
C SER A 128 -13.05 -37.14 -15.23
N GLU A 129 -12.28 -36.60 -14.27
CA GLU A 129 -12.81 -35.74 -13.19
C GLU A 129 -13.38 -34.40 -13.71
N GLY A 130 -13.02 -33.98 -14.92
CA GLY A 130 -13.47 -32.73 -15.54
C GLY A 130 -12.57 -31.52 -15.29
N GLU A 131 -12.81 -30.45 -16.04
CA GLU A 131 -12.01 -29.22 -16.08
C GLU A 131 -12.06 -28.42 -14.76
N GLU A 132 -10.99 -27.72 -14.42
CA GLU A 132 -10.98 -26.67 -13.38
C GLU A 132 -10.06 -25.49 -13.74
N PRO A 133 -10.37 -24.25 -13.30
CA PRO A 133 -9.52 -23.09 -13.56
C PRO A 133 -8.16 -23.17 -12.87
N VAL A 134 -7.13 -22.71 -13.57
CA VAL A 134 -5.86 -22.29 -12.97
C VAL A 134 -5.95 -20.86 -12.45
N GLU A 135 -6.82 -20.03 -13.00
CA GLU A 135 -6.87 -18.60 -12.72
C GLU A 135 -8.19 -18.17 -12.09
N TYR A 136 -8.14 -17.09 -11.32
CA TYR A 136 -9.31 -16.45 -10.74
C TYR A 136 -9.34 -14.97 -11.15
N LYS A 137 -9.71 -14.70 -12.40
CA LYS A 137 -9.89 -13.34 -12.95
C LYS A 137 -11.16 -12.63 -12.45
N SER A 138 -12.18 -13.34 -11.99
CA SER A 138 -13.33 -12.71 -11.33
C SER A 138 -12.88 -11.91 -10.12
N LEU A 139 -13.34 -10.68 -10.00
CA LEU A 139 -13.05 -9.77 -8.89
C LEU A 139 -11.55 -9.45 -8.72
N GLN A 140 -10.77 -9.47 -9.80
CA GLN A 140 -9.31 -9.22 -9.79
C GLN A 140 -8.89 -7.75 -9.62
N TRP A 141 -9.80 -6.78 -9.73
CA TRP A 141 -9.49 -5.34 -9.69
C TRP A 141 -8.60 -4.83 -10.84
N PHE A 142 -8.82 -5.26 -12.09
CA PHE A 142 -8.08 -4.72 -13.23
C PHE A 142 -8.40 -3.23 -13.44
N GLY A 143 -7.39 -2.40 -13.64
CA GLY A 143 -7.57 -0.96 -13.75
C GLY A 143 -7.49 -0.22 -12.41
N ALA A 144 -7.20 -0.91 -11.31
CA ALA A 144 -6.89 -0.25 -10.03
C ALA A 144 -5.57 0.53 -10.05
N THR A 145 -4.69 0.23 -11.00
CA THR A 145 -3.53 1.06 -11.35
C THR A 145 -3.50 1.24 -12.86
N VAL A 146 -3.39 2.48 -13.35
CA VAL A 146 -3.18 2.82 -14.76
C VAL A 146 -2.01 3.79 -14.85
N ARG A 147 -1.08 3.55 -15.77
CA ARG A 147 0.08 4.39 -16.06
C ARG A 147 0.29 4.44 -17.55
N ALA A 148 0.83 5.53 -18.08
CA ALA A 148 1.21 5.60 -19.48
C ALA A 148 2.51 6.37 -19.67
N HIS A 149 3.25 6.04 -20.72
CA HIS A 149 4.49 6.71 -21.09
C HIS A 149 4.68 6.61 -22.59
N GLY A 150 4.63 7.74 -23.30
CA GLY A 150 4.57 7.73 -24.75
C GLY A 150 3.32 7.00 -25.25
N SER A 151 3.48 6.13 -26.23
CA SER A 151 2.41 5.29 -26.77
C SER A 151 2.13 4.00 -25.97
N SER A 152 2.90 3.70 -24.91
CA SER A 152 2.74 2.52 -24.05
C SER A 152 1.85 2.80 -22.84
N ILE A 153 1.05 1.82 -22.42
CA ILE A 153 0.15 1.88 -21.25
C ILE A 153 0.36 0.65 -20.40
N LEU A 154 0.49 0.78 -19.08
CA LEU A 154 0.55 -0.30 -18.11
C LEU A 154 -0.69 -0.25 -17.23
N ALA A 155 -1.48 -1.33 -17.22
CA ALA A 155 -2.68 -1.44 -16.41
C ALA A 155 -2.63 -2.72 -15.56
N CYS A 156 -2.90 -2.63 -14.27
CA CYS A 156 -2.65 -3.72 -13.33
C CYS A 156 -3.89 -4.15 -12.53
N ALA A 157 -3.91 -5.41 -12.13
CA ALA A 157 -4.98 -6.10 -11.40
C ALA A 157 -4.47 -6.68 -10.09
N PRO A 158 -4.28 -5.88 -9.03
CA PRO A 158 -3.59 -6.31 -7.81
C PRO A 158 -4.33 -7.34 -6.95
N LEU A 159 -5.58 -7.70 -7.27
CA LEU A 159 -6.35 -8.73 -6.58
C LEU A 159 -6.52 -9.99 -7.43
N TYR A 160 -5.85 -10.09 -8.59
CA TYR A 160 -5.71 -11.34 -9.32
C TYR A 160 -5.13 -12.42 -8.43
N SER A 161 -5.52 -13.68 -8.62
CA SER A 161 -4.95 -14.82 -7.91
C SER A 161 -5.07 -16.09 -8.75
N TRP A 162 -4.30 -17.11 -8.42
CA TRP A 162 -4.26 -18.34 -9.20
C TRP A 162 -4.11 -19.58 -8.32
N ARG A 163 -4.63 -20.71 -8.80
CA ARG A 163 -4.22 -22.04 -8.36
C ARG A 163 -2.86 -22.30 -8.98
N THR A 164 -1.86 -22.51 -8.16
CA THR A 164 -0.56 -23.01 -8.62
C THR A 164 -0.77 -24.35 -9.34
N GLU A 165 -0.11 -24.61 -10.45
CA GLU A 165 -0.36 -25.83 -11.24
C GLU A 165 0.04 -27.15 -10.54
N LYS A 166 0.79 -27.09 -9.42
CA LYS A 166 1.16 -28.24 -8.61
C LYS A 166 0.09 -28.68 -7.62
N GLU A 167 -0.42 -27.79 -6.77
CA GLU A 167 -1.32 -28.14 -5.66
C GLU A 167 -2.37 -27.04 -5.40
N PRO A 168 -3.57 -27.35 -4.87
CA PRO A 168 -4.61 -26.37 -4.65
C PRO A 168 -4.18 -25.26 -3.70
N LEU A 169 -4.13 -24.04 -4.24
CA LEU A 169 -3.72 -22.79 -3.59
C LEU A 169 -4.60 -21.66 -4.14
N SER A 170 -4.65 -20.50 -3.47
CA SER A 170 -5.39 -19.33 -3.95
C SER A 170 -4.52 -18.08 -3.80
N ASP A 171 -3.38 -18.06 -4.48
CA ASP A 171 -2.27 -17.13 -4.27
C ASP A 171 -2.51 -15.78 -4.98
N PRO A 172 -2.73 -14.64 -4.28
CA PRO A 172 -2.85 -13.33 -4.90
C PRO A 172 -1.52 -12.72 -5.31
N VAL A 173 -0.88 -13.37 -6.28
CA VAL A 173 0.20 -12.80 -7.10
C VAL A 173 -0.38 -11.59 -7.87
N GLY A 174 0.45 -10.68 -8.36
CA GLY A 174 -0.09 -9.61 -9.21
C GLY A 174 -0.26 -10.07 -10.65
N THR A 175 -0.98 -9.28 -11.45
CA THR A 175 -0.76 -9.26 -12.89
C THR A 175 -0.92 -7.84 -13.43
N CYS A 176 -0.19 -7.49 -14.49
CA CYS A 176 -0.38 -6.29 -15.30
C CYS A 176 -0.43 -6.68 -16.77
N TYR A 177 -1.12 -5.91 -17.59
CA TYR A 177 -1.01 -5.97 -19.04
C TYR A 177 -0.34 -4.70 -19.53
N LEU A 178 0.74 -4.84 -20.30
CA LEU A 178 1.48 -3.74 -20.90
C LEU A 178 1.08 -3.66 -22.37
N SER A 179 0.50 -2.55 -22.81
CA SER A 179 0.28 -2.26 -24.23
C SER A 179 1.47 -1.48 -24.78
N THR A 180 1.92 -1.79 -25.98
CA THR A 180 3.05 -1.14 -26.65
C THR A 180 2.65 -0.71 -28.05
N ASP A 181 3.21 0.40 -28.55
CA ASP A 181 2.92 0.97 -29.86
C ASP A 181 1.41 1.16 -30.10
N ASN A 182 0.69 1.87 -29.25
CA ASN A 182 -0.76 2.14 -29.45
C ASN A 182 -1.58 0.89 -29.71
N PHE A 183 -1.59 0.00 -28.75
CA PHE A 183 -2.37 -1.23 -28.82
C PHE A 183 -1.95 -2.20 -29.95
N THR A 184 -0.79 -2.02 -30.58
CA THR A 184 -0.26 -2.98 -31.57
C THR A 184 0.05 -4.33 -30.94
N ARG A 185 0.44 -4.30 -29.67
CA ARG A 185 0.75 -5.50 -28.94
C ARG A 185 0.43 -5.32 -27.50
N ILE A 186 -0.16 -6.31 -26.86
CA ILE A 186 -0.47 -6.31 -25.42
C ILE A 186 0.17 -7.55 -24.78
N LEU A 187 0.96 -7.36 -23.73
CA LEU A 187 1.79 -8.39 -23.06
C LEU A 187 1.38 -8.56 -21.59
N GLU A 188 1.02 -9.76 -21.13
CA GLU A 188 0.87 -10.01 -19.69
C GLU A 188 2.23 -10.00 -19.00
N TYR A 189 2.41 -9.13 -18.01
CA TYR A 189 3.57 -9.08 -17.13
C TYR A 189 3.13 -9.40 -15.70
N ALA A 190 3.57 -10.53 -15.15
CA ALA A 190 3.17 -11.03 -13.84
C ALA A 190 4.40 -11.48 -13.03
N PRO A 191 5.29 -10.57 -12.64
CA PRO A 191 6.64 -10.91 -12.18
C PRO A 191 6.71 -11.68 -10.86
N CYS A 192 5.71 -11.58 -9.98
CA CYS A 192 5.62 -12.39 -8.76
C CYS A 192 4.99 -13.78 -8.98
N ARG A 193 4.39 -14.09 -10.14
CA ARG A 193 3.86 -15.44 -10.48
C ARG A 193 5.03 -16.36 -10.80
N SER A 194 5.39 -17.22 -9.85
CA SER A 194 6.67 -17.94 -9.79
C SER A 194 6.55 -19.30 -9.11
N ASP A 195 7.62 -20.10 -9.15
CA ASP A 195 7.70 -21.39 -8.44
C ASP A 195 7.85 -21.24 -6.91
N PHE A 196 7.99 -20.01 -6.40
CA PHE A 196 8.05 -19.67 -4.98
C PHE A 196 6.64 -19.35 -4.45
N SER A 197 5.75 -20.35 -4.47
CA SER A 197 4.30 -20.18 -4.44
C SER A 197 3.65 -20.56 -3.11
N TRP A 198 3.69 -19.63 -2.15
CA TRP A 198 2.76 -19.47 -1.02
C TRP A 198 3.08 -18.13 -0.33
N ALA A 199 2.43 -17.76 0.78
CA ALA A 199 2.68 -16.51 1.51
C ALA A 199 4.13 -16.33 1.98
N ALA A 200 4.84 -17.42 2.26
CA ALA A 200 6.25 -17.43 2.65
C ALA A 200 7.22 -17.07 1.52
N GLY A 201 6.82 -17.28 0.27
CA GLY A 201 7.51 -16.85 -0.94
C GLY A 201 6.83 -15.63 -1.56
N GLN A 202 6.59 -15.65 -2.86
CA GLN A 202 5.95 -14.55 -3.60
C GLN A 202 4.45 -14.75 -3.81
N GLY A 203 3.81 -15.73 -3.18
CA GLY A 203 2.44 -16.12 -3.53
C GLY A 203 1.39 -15.08 -3.21
N TYR A 204 1.65 -14.17 -2.28
CA TYR A 204 0.71 -13.12 -1.88
C TYR A 204 1.17 -11.74 -2.36
N CYS A 205 2.06 -11.67 -3.35
CA CYS A 205 2.81 -10.45 -3.68
C CYS A 205 1.95 -9.23 -4.00
N GLN A 206 0.83 -9.40 -4.70
CA GLN A 206 -0.02 -8.31 -5.22
C GLN A 206 0.76 -7.26 -6.01
N GLY A 207 1.60 -7.70 -6.95
CA GLY A 207 2.37 -6.82 -7.83
C GLY A 207 1.48 -5.93 -8.69
N GLY A 208 1.86 -4.67 -8.86
CA GLY A 208 1.01 -3.70 -9.54
C GLY A 208 -0.08 -3.10 -8.64
N PHE A 209 -0.02 -3.36 -7.33
CA PHE A 209 -0.71 -2.57 -6.32
C PHE A 209 -0.27 -1.10 -6.37
N SER A 210 0.99 -0.88 -6.75
CA SER A 210 1.50 0.40 -7.18
C SER A 210 2.41 0.24 -8.39
N ALA A 211 2.56 1.27 -9.22
CA ALA A 211 3.40 1.23 -10.42
C ALA A 211 3.84 2.62 -10.90
N GLU A 212 4.90 2.65 -11.70
CA GLU A 212 5.43 3.83 -12.41
C GLU A 212 6.09 3.45 -13.75
N PHE A 213 6.31 4.44 -14.61
CA PHE A 213 7.29 4.40 -15.70
C PHE A 213 8.38 5.44 -15.43
N THR A 214 9.68 5.09 -15.52
CA THR A 214 10.75 6.11 -15.50
C THR A 214 10.78 6.94 -16.78
N LYS A 215 11.57 8.03 -16.84
CA LYS A 215 11.73 8.88 -18.04
C LYS A 215 12.17 8.14 -19.32
N THR A 216 12.85 7.01 -19.22
CA THR A 216 13.24 6.15 -20.35
C THR A 216 12.17 5.13 -20.72
N GLY A 217 11.16 4.92 -19.87
CA GLY A 217 10.07 3.97 -20.07
C GLY A 217 10.22 2.64 -19.33
N ARG A 218 11.13 2.50 -18.37
CA ARG A 218 11.24 1.28 -17.52
C ARG A 218 9.99 1.14 -16.65
N VAL A 219 9.35 -0.02 -16.67
CA VAL A 219 8.25 -0.38 -15.76
C VAL A 219 8.79 -0.62 -14.35
N VAL A 220 8.20 0.01 -13.34
CA VAL A 220 8.51 -0.21 -11.91
C VAL A 220 7.24 -0.61 -11.20
N LEU A 221 7.21 -1.73 -10.46
CA LEU A 221 6.04 -2.19 -9.71
C LEU A 221 6.34 -2.27 -8.21
N GLY A 222 5.34 -2.03 -7.38
CA GLY A 222 5.32 -2.46 -5.99
C GLY A 222 4.42 -3.67 -5.78
N GLY A 223 4.83 -4.60 -4.93
CA GLY A 223 3.99 -5.69 -4.44
C GLY A 223 4.13 -5.81 -2.92
N PRO A 224 3.15 -5.37 -2.12
CA PRO A 224 3.31 -5.28 -0.67
C PRO A 224 3.32 -6.62 0.08
N GLY A 225 3.01 -7.76 -0.56
CA GLY A 225 2.76 -9.01 0.15
C GLY A 225 3.84 -10.09 0.09
N SER A 226 4.96 -9.91 -0.63
CA SER A 226 6.01 -10.92 -0.72
C SER A 226 6.65 -11.23 0.61
N TYR A 227 7.06 -12.48 0.80
CA TYR A 227 7.84 -12.96 1.92
C TYR A 227 7.17 -12.62 3.25
N PHE A 228 5.96 -13.12 3.51
CA PHE A 228 5.14 -12.74 4.66
C PHE A 228 5.01 -11.22 4.81
N TRP A 229 4.51 -10.56 3.77
CA TRP A 229 4.22 -9.13 3.78
C TRP A 229 5.40 -8.20 4.10
N GLN A 230 6.64 -8.64 3.89
CA GLN A 230 7.78 -7.72 3.80
C GLN A 230 7.59 -6.75 2.64
N GLY A 231 7.12 -7.25 1.50
CA GLY A 231 6.91 -6.47 0.28
C GLY A 231 8.14 -6.40 -0.62
N GLN A 232 7.97 -5.90 -1.84
CA GLN A 232 9.01 -5.96 -2.88
C GLN A 232 8.87 -4.81 -3.90
N ILE A 233 10.00 -4.32 -4.43
CA ILE A 233 10.07 -3.48 -5.64
C ILE A 233 10.68 -4.31 -6.76
N LEU A 234 10.21 -4.09 -7.99
CA LEU A 234 10.25 -5.12 -9.02
C LEU A 234 10.15 -4.47 -10.41
N SER A 235 11.25 -4.41 -11.16
CA SER A 235 11.40 -3.48 -12.31
C SER A 235 12.01 -4.10 -13.56
N ALA A 236 11.47 -3.82 -14.75
CA ALA A 236 11.97 -4.33 -16.03
C ALA A 236 11.73 -3.33 -17.18
N THR A 237 12.54 -3.34 -18.21
CA THR A 237 12.35 -2.48 -19.39
C THR A 237 11.32 -3.09 -20.33
N GLN A 238 10.62 -2.29 -21.13
CA GLN A 238 9.60 -2.80 -22.04
C GLN A 238 10.21 -3.75 -23.10
N GLU A 239 11.49 -3.56 -23.45
CA GLU A 239 12.27 -4.48 -24.28
C GLU A 239 12.50 -5.83 -23.61
N GLN A 240 12.83 -5.88 -22.31
CA GLN A 240 12.92 -7.14 -21.58
C GLN A 240 11.56 -7.82 -21.44
N ILE A 241 10.50 -7.08 -21.16
CA ILE A 241 9.16 -7.64 -21.03
C ILE A 241 8.72 -8.25 -22.37
N ALA A 242 8.99 -7.59 -23.49
CA ALA A 242 8.76 -8.13 -24.82
C ALA A 242 9.64 -9.35 -25.17
N GLU A 243 10.96 -9.32 -24.92
CA GLU A 243 11.86 -10.46 -25.13
C GLU A 243 11.47 -11.68 -24.29
N SER A 244 10.84 -11.49 -23.13
CA SER A 244 10.40 -12.58 -22.25
C SER A 244 9.19 -13.37 -22.76
N TYR A 245 8.48 -12.92 -23.78
CA TYR A 245 7.14 -13.40 -24.10
C TYR A 245 7.12 -14.89 -24.51
N TYR A 246 6.51 -15.72 -23.67
CA TYR A 246 6.37 -17.17 -23.85
C TYR A 246 4.98 -17.55 -23.32
N PRO A 247 3.90 -17.29 -24.07
CA PRO A 247 2.53 -17.28 -23.53
C PRO A 247 2.04 -18.64 -23.04
N GLU A 248 2.60 -19.75 -23.51
CA GLU A 248 2.30 -21.10 -23.03
C GLU A 248 2.77 -21.39 -21.60
N TYR A 249 3.65 -20.56 -21.03
CA TYR A 249 4.15 -20.72 -19.67
C TYR A 249 3.63 -19.62 -18.75
N LEU A 250 2.94 -20.01 -17.68
CA LEU A 250 2.46 -19.08 -16.64
C LEU A 250 3.55 -18.69 -15.65
N ILE A 251 4.55 -19.54 -15.44
CA ILE A 251 5.79 -19.20 -14.72
C ILE A 251 6.89 -19.03 -15.76
N ASN A 252 7.47 -17.83 -15.83
CA ASN A 252 8.25 -17.36 -16.95
C ASN A 252 9.36 -16.40 -16.47
N LEU A 253 10.48 -16.29 -17.19
CA LEU A 253 11.63 -15.47 -16.81
C LEU A 253 11.74 -14.19 -17.64
N VAL A 254 11.77 -13.02 -17.00
CA VAL A 254 12.19 -11.74 -17.60
C VAL A 254 13.68 -11.56 -17.31
N GLN A 255 14.54 -12.12 -18.14
CA GLN A 255 15.99 -12.18 -17.88
C GLN A 255 16.59 -10.76 -17.82
N GLY A 256 17.24 -10.40 -16.72
CA GLY A 256 17.75 -9.06 -16.45
C GLY A 256 16.87 -8.17 -15.58
N GLN A 257 15.68 -8.61 -15.18
CA GLN A 257 14.79 -7.90 -14.24
C GLN A 257 15.47 -7.63 -12.90
N LEU A 258 15.24 -6.44 -12.34
CA LEU A 258 15.71 -6.04 -11.00
C LEU A 258 14.60 -6.34 -9.99
N GLN A 259 14.95 -6.84 -8.81
CA GLN A 259 14.03 -6.93 -7.67
C GLN A 259 14.76 -6.93 -6.32
N THR A 260 14.13 -6.40 -5.28
CA THR A 260 14.70 -6.35 -3.92
C THR A 260 14.66 -7.73 -3.25
N ARG A 261 15.74 -8.16 -2.57
CA ARG A 261 15.83 -9.47 -1.90
C ARG A 261 14.88 -9.66 -0.72
N GLN A 262 14.64 -10.91 -0.32
CA GLN A 262 14.05 -11.27 0.98
C GLN A 262 14.96 -10.90 2.15
N ALA A 263 14.39 -10.38 3.23
CA ALA A 263 15.09 -10.08 4.48
C ALA A 263 14.69 -11.05 5.62
N SER A 264 15.30 -10.93 6.79
CA SER A 264 14.98 -11.74 7.98
C SER A 264 13.54 -11.54 8.46
N SER A 265 12.95 -12.50 9.19
CA SER A 265 11.54 -12.47 9.59
C SER A 265 11.14 -11.28 10.48
N ILE A 266 12.12 -10.58 11.08
CA ILE A 266 11.91 -9.32 11.81
C ILE A 266 11.38 -8.19 10.93
N TYR A 267 11.50 -8.31 9.60
CA TYR A 267 10.98 -7.36 8.62
C TYR A 267 9.58 -7.72 8.09
N ASP A 268 8.99 -8.84 8.47
CA ASP A 268 7.67 -9.26 8.02
C ASP A 268 6.60 -8.21 8.33
N ASP A 269 5.51 -8.21 7.57
CA ASP A 269 4.38 -7.29 7.71
C ASP A 269 4.73 -5.79 7.55
N SER A 270 5.78 -5.46 6.80
CA SER A 270 6.22 -4.08 6.53
C SER A 270 5.47 -3.37 5.38
N TYR A 271 4.98 -4.08 4.38
CA TYR A 271 4.35 -3.54 3.16
C TYR A 271 5.25 -2.65 2.30
N LEU A 272 6.51 -3.00 2.03
CA LEU A 272 7.30 -2.25 1.04
C LEU A 272 6.62 -2.28 -0.32
N GLY A 273 6.53 -1.13 -1.00
CA GLY A 273 5.89 -1.04 -2.30
C GLY A 273 4.38 -0.84 -2.24
N TYR A 274 3.83 -0.44 -1.08
CA TYR A 274 2.47 0.05 -0.95
C TYR A 274 2.23 1.27 -1.87
N SER A 275 3.27 2.07 -2.09
CA SER A 275 3.32 3.18 -3.06
C SER A 275 4.71 3.28 -3.69
N VAL A 276 4.82 3.72 -4.94
CA VAL A 276 6.09 4.02 -5.62
C VAL A 276 6.02 5.35 -6.39
N ALA A 277 7.16 6.03 -6.48
CA ALA A 277 7.39 7.21 -7.34
C ALA A 277 8.82 7.14 -7.90
N VAL A 278 9.17 8.01 -8.84
CA VAL A 278 10.50 8.04 -9.45
C VAL A 278 11.05 9.46 -9.53
N GLY A 279 12.35 9.63 -9.33
CA GLY A 279 13.05 10.90 -9.51
C GLY A 279 14.56 10.67 -9.55
N GLU A 280 15.35 11.63 -9.99
CA GLU A 280 16.81 11.49 -9.91
C GLU A 280 17.32 12.01 -8.57
N PHE A 281 17.86 11.10 -7.76
CA PHE A 281 18.31 11.37 -6.40
C PHE A 281 19.77 10.94 -6.16
N SER A 282 20.32 10.06 -6.98
CA SER A 282 21.69 9.55 -6.84
C SER A 282 22.75 10.51 -7.38
N GLY A 283 22.37 11.37 -8.33
CA GLY A 283 23.30 12.19 -9.10
C GLY A 283 23.83 11.50 -10.38
N ASP A 284 23.21 10.41 -10.82
CA ASP A 284 23.51 9.78 -12.13
C ASP A 284 22.43 10.14 -13.16
N ASP A 285 22.49 9.54 -14.34
CA ASP A 285 21.55 9.79 -15.44
C ASP A 285 20.22 9.00 -15.33
N THR A 286 20.10 8.04 -14.41
CA THR A 286 19.01 7.05 -14.35
C THR A 286 18.14 7.23 -13.13
N GLU A 287 16.85 7.51 -13.28
CA GLU A 287 15.96 7.74 -12.15
C GLU A 287 15.94 6.60 -11.13
N ASP A 288 15.79 7.01 -9.87
CA ASP A 288 15.85 6.23 -8.66
C ASP A 288 14.44 6.05 -8.07
N PHE A 289 14.11 4.86 -7.62
CA PHE A 289 12.76 4.49 -7.19
C PHE A 289 12.51 4.92 -5.75
N VAL A 290 11.59 5.84 -5.51
CA VAL A 290 11.06 6.11 -4.17
C VAL A 290 9.99 5.05 -3.86
N ALA A 291 9.97 4.49 -2.67
CA ALA A 291 8.94 3.53 -2.27
C ALA A 291 8.47 3.74 -0.84
N GLY A 292 7.18 3.50 -0.59
CA GLY A 292 6.57 3.62 0.73
C GLY A 292 6.54 2.29 1.48
N VAL A 293 6.92 2.33 2.75
CA VAL A 293 6.81 1.23 3.71
C VAL A 293 5.94 1.68 4.88
N PRO A 294 4.62 1.68 4.77
CA PRO A 294 3.77 2.33 5.77
C PRO A 294 3.66 1.62 7.12
N LYS A 295 4.01 0.33 7.19
CA LYS A 295 3.99 -0.46 8.43
C LYS A 295 5.38 -0.86 8.94
N GLY A 296 6.43 -0.54 8.20
CA GLY A 296 7.80 -0.85 8.58
C GLY A 296 8.22 -0.13 9.84
N ASN A 297 9.36 -0.43 10.41
CA ASN A 297 9.83 0.30 11.61
C ASN A 297 8.86 0.26 12.78
N LEU A 298 8.54 -0.93 13.25
CA LEU A 298 7.66 -1.06 14.43
C LEU A 298 6.32 -0.34 14.28
N THR A 299 5.77 -0.29 13.06
CA THR A 299 4.57 0.45 12.62
C THR A 299 4.65 1.97 12.67
N TYR A 300 5.82 2.59 12.84
CA TYR A 300 6.00 4.02 12.58
C TYR A 300 5.97 4.36 11.08
N GLY A 301 6.41 3.43 10.24
CA GLY A 301 6.47 3.60 8.80
C GLY A 301 7.76 4.28 8.35
N TYR A 302 8.18 4.04 7.12
CA TYR A 302 9.34 4.69 6.53
C TYR A 302 9.21 4.76 5.00
N VAL A 303 10.01 5.60 4.36
CA VAL A 303 10.14 5.72 2.91
C VAL A 303 11.59 5.48 2.54
N THR A 304 11.82 4.78 1.45
CA THR A 304 13.15 4.37 0.99
C THR A 304 13.38 4.84 -0.43
N ILE A 305 14.57 5.32 -0.74
CA ILE A 305 14.96 5.65 -2.11
C ILE A 305 15.96 4.59 -2.54
N LEU A 306 15.60 3.83 -3.58
CA LEU A 306 16.38 2.77 -4.15
C LEU A 306 17.04 3.32 -5.41
N ASN A 307 18.26 2.98 -5.65
CA ASN A 307 18.92 3.49 -6.80
C ASN A 307 18.51 2.81 -8.05
N GLY A 308 18.44 3.54 -9.14
CA GLY A 308 18.31 2.91 -10.45
C GLY A 308 19.59 2.16 -10.84
N SER A 309 19.63 1.45 -11.96
CA SER A 309 20.78 0.63 -12.42
C SER A 309 21.11 -0.58 -11.52
N ASP A 310 21.39 -0.39 -10.23
CA ASP A 310 21.19 -1.43 -9.21
C ASP A 310 19.74 -1.36 -8.70
N ILE A 311 19.44 -1.97 -7.54
CA ILE A 311 18.23 -1.69 -6.76
C ILE A 311 18.53 -1.52 -5.25
N ARG A 312 19.77 -1.11 -4.93
CA ARG A 312 20.30 -0.92 -3.57
C ARG A 312 19.81 0.39 -2.94
N SER A 313 19.65 0.44 -1.63
CA SER A 313 19.08 1.59 -0.92
C SER A 313 20.08 2.75 -0.75
N LEU A 314 19.65 3.98 -1.03
CA LEU A 314 20.45 5.20 -0.96
C LEU A 314 20.13 6.08 0.26
N TYR A 315 18.85 6.29 0.59
CA TYR A 315 18.44 7.10 1.76
C TYR A 315 17.23 6.49 2.42
N ASN A 316 16.96 6.81 3.69
CA ASN A 316 15.72 6.36 4.38
C ASN A 316 15.15 7.52 5.20
N PHE A 317 13.84 7.73 5.20
CA PHE A 317 13.15 8.76 6.03
C PHE A 317 12.16 7.99 6.89
N SER A 318 11.80 8.40 8.09
CA SER A 318 10.92 7.63 9.00
C SER A 318 9.80 8.46 9.62
N GLY A 319 8.68 7.81 9.88
CA GLY A 319 7.44 8.46 10.29
C GLY A 319 7.48 9.06 11.70
N GLU A 320 6.73 10.12 11.89
CA GLU A 320 6.69 10.92 13.12
C GLU A 320 5.95 10.24 14.28
N GLN A 321 4.97 9.38 13.97
CA GLN A 321 3.99 8.87 14.93
C GLN A 321 3.57 7.44 14.56
N MET A 322 3.37 6.58 15.56
CA MET A 322 3.04 5.18 15.32
C MET A 322 1.65 5.03 14.68
N ALA A 323 1.55 4.18 13.66
CA ALA A 323 0.35 3.89 12.88
C ALA A 323 -0.29 5.10 12.17
N SER A 324 0.37 6.27 12.16
CA SER A 324 0.18 7.24 11.08
C SER A 324 0.76 6.60 9.82
N TYR A 325 0.03 6.63 8.70
CA TYR A 325 0.33 5.75 7.56
C TYR A 325 1.41 6.33 6.64
N PHE A 326 2.57 6.70 7.19
CA PHE A 326 3.65 7.39 6.48
C PHE A 326 4.18 6.56 5.29
N GLY A 327 3.98 7.04 4.06
CA GLY A 327 4.23 6.26 2.84
C GLY A 327 2.96 5.69 2.19
N TYR A 328 1.76 6.11 2.62
CA TYR A 328 0.52 5.88 1.88
C TYR A 328 0.60 6.45 0.45
N ALA A 329 1.21 7.63 0.32
CA ALA A 329 1.53 8.31 -0.92
C ALA A 329 2.96 8.83 -0.87
N VAL A 330 3.65 8.83 -2.00
CA VAL A 330 4.97 9.47 -2.20
C VAL A 330 4.98 10.19 -3.54
N ALA A 331 5.73 11.27 -3.66
CA ALA A 331 5.95 12.02 -4.89
C ALA A 331 7.34 12.64 -4.92
N ALA A 332 7.85 12.97 -6.11
CA ALA A 332 9.15 13.62 -6.28
C ALA A 332 9.07 14.64 -7.42
N THR A 333 9.33 15.92 -7.12
CA THR A 333 9.41 16.98 -8.13
C THR A 333 10.23 18.15 -7.60
N ASP A 334 10.80 19.00 -8.45
CA ASP A 334 11.59 20.14 -7.99
C ASP A 334 10.71 21.34 -7.60
N VAL A 335 10.28 21.44 -6.35
CA VAL A 335 9.31 22.47 -5.92
C VAL A 335 9.92 23.85 -5.66
N ASN A 336 11.24 23.95 -5.47
CA ASN A 336 11.92 25.23 -5.25
C ASN A 336 12.72 25.73 -6.48
N GLY A 337 12.82 24.94 -7.55
CA GLY A 337 13.50 25.35 -8.76
C GLY A 337 15.03 25.30 -8.66
N ASP A 338 15.59 24.59 -7.67
CA ASP A 338 17.05 24.47 -7.52
C ASP A 338 17.68 23.55 -8.58
N GLY A 339 16.88 22.86 -9.40
CA GLY A 339 17.28 21.90 -10.42
C GLY A 339 17.22 20.44 -9.95
N LEU A 340 16.93 20.19 -8.68
CA LEU A 340 16.97 18.89 -8.03
C LEU A 340 15.59 18.49 -7.51
N ASP A 341 15.21 17.22 -7.71
CA ASP A 341 13.93 16.70 -7.25
C ASP A 341 13.84 16.71 -5.73
N ASP A 342 12.79 17.29 -5.20
CA ASP A 342 12.49 17.33 -3.78
C ASP A 342 11.45 16.24 -3.47
N LEU A 343 11.62 15.52 -2.37
CA LEU A 343 10.72 14.43 -1.97
C LEU A 343 9.49 14.98 -1.24
N LEU A 344 8.33 14.39 -1.46
CA LEU A 344 7.11 14.60 -0.68
C LEU A 344 6.52 13.25 -0.23
N VAL A 345 6.04 13.15 1.01
CA VAL A 345 5.47 11.92 1.59
C VAL A 345 4.16 12.22 2.30
N GLY A 346 3.14 11.39 2.11
CA GLY A 346 1.84 11.52 2.77
C GLY A 346 1.65 10.55 3.92
N ALA A 347 1.07 11.03 5.02
CA ALA A 347 0.67 10.26 6.18
C ALA A 347 -0.79 10.57 6.55
N PRO A 348 -1.80 10.03 5.84
CA PRO A 348 -3.18 10.49 5.92
C PRO A 348 -3.84 10.32 7.29
N LEU A 349 -3.44 9.32 8.06
CA LEU A 349 -4.02 9.02 9.37
C LEU A 349 -3.39 9.81 10.52
N LEU A 350 -2.45 10.72 10.26
CA LEU A 350 -1.72 11.37 11.34
C LEU A 350 -2.68 12.05 12.35
N MET A 351 -2.45 11.93 13.67
CA MET A 351 -3.15 12.71 14.71
C MET A 351 -2.39 13.95 15.15
N ASP A 352 -3.11 15.02 15.44
CA ASP A 352 -2.66 16.03 16.40
C ASP A 352 -3.76 16.31 17.43
N ARG A 353 -3.52 17.22 18.39
CA ARG A 353 -4.58 17.77 19.23
C ARG A 353 -4.73 19.28 19.07
N THR A 354 -5.98 19.69 19.14
CA THR A 354 -6.47 21.06 19.07
C THR A 354 -5.88 21.95 20.17
N PRO A 355 -5.90 23.30 20.03
CA PRO A 355 -5.47 24.21 21.09
C PRO A 355 -6.29 24.08 22.39
N ASP A 356 -7.55 23.66 22.25
CA ASP A 356 -8.44 23.22 23.32
C ASP A 356 -7.84 22.02 24.10
N GLY A 357 -7.48 20.95 23.38
CA GLY A 357 -6.81 19.77 23.95
C GLY A 357 -7.37 18.43 23.45
N ARG A 358 -8.46 18.44 22.68
CA ARG A 358 -9.05 17.25 22.05
C ARG A 358 -8.16 16.74 20.91
N PRO A 359 -7.88 15.42 20.79
CA PRO A 359 -7.19 14.84 19.65
C PRO A 359 -8.08 14.77 18.40
N GLN A 360 -7.48 14.69 17.22
CA GLN A 360 -8.18 14.59 15.93
C GLN A 360 -7.32 13.89 14.87
N GLU A 361 -7.91 13.07 14.01
CA GLU A 361 -7.23 12.55 12.82
C GLU A 361 -7.17 13.64 11.75
N VAL A 362 -5.99 14.19 11.48
CA VAL A 362 -5.75 15.24 10.47
C VAL A 362 -4.42 14.96 9.79
N GLY A 363 -4.46 14.33 8.62
CA GLY A 363 -3.25 13.86 7.95
C GLY A 363 -2.20 14.94 7.68
N ARG A 364 -0.98 14.51 7.38
CA ARG A 364 0.18 15.39 7.20
C ARG A 364 0.98 15.02 5.98
N VAL A 365 1.51 16.01 5.28
CA VAL A 365 2.45 15.84 4.16
C VAL A 365 3.81 16.43 4.55
N TYR A 366 4.87 15.64 4.38
CA TYR A 366 6.24 15.99 4.72
C TYR A 366 7.03 16.28 3.46
N VAL A 367 7.74 17.41 3.42
CA VAL A 367 8.53 17.86 2.27
C VAL A 367 10.00 17.86 2.63
N TYR A 368 10.86 17.31 1.77
CA TYR A 368 12.30 17.23 1.98
C TYR A 368 13.01 17.75 0.73
N LEU A 369 13.49 19.01 0.76
CA LEU A 369 14.26 19.55 -0.36
C LEU A 369 15.56 18.77 -0.57
N GLN A 370 15.96 18.53 -1.81
CA GLN A 370 17.29 17.99 -2.11
C GLN A 370 18.28 19.14 -2.26
N HIS A 371 19.38 19.10 -1.54
CA HIS A 371 20.53 19.99 -1.69
C HIS A 371 21.62 19.31 -2.55
N PRO A 372 22.59 20.03 -3.13
CA PRO A 372 23.67 19.41 -3.90
C PRO A 372 24.55 18.44 -3.08
N ALA A 373 24.57 18.59 -1.75
CA ALA A 373 25.23 17.68 -0.83
C ALA A 373 24.45 16.38 -0.50
N GLY A 374 23.13 16.33 -0.76
CA GLY A 374 22.25 15.22 -0.38
C GLY A 374 20.84 15.65 0.03
N ILE A 375 20.03 14.72 0.55
CA ILE A 375 18.69 14.98 1.08
C ILE A 375 18.75 14.94 2.62
N GLU A 376 18.18 15.93 3.30
CA GLU A 376 18.18 15.96 4.77
C GLU A 376 17.27 14.86 5.36
N PRO A 377 17.66 14.19 6.46
CA PRO A 377 16.87 13.09 7.04
C PRO A 377 15.59 13.53 7.76
N THR A 378 15.33 14.84 7.82
CA THR A 378 14.24 15.47 8.57
C THR A 378 13.51 16.49 7.69
N PRO A 379 12.18 16.71 7.83
CA PRO A 379 11.43 17.54 6.91
C PRO A 379 11.90 18.99 6.90
N THR A 380 12.00 19.61 5.73
CA THR A 380 12.24 21.06 5.58
C THR A 380 10.94 21.85 5.75
N LEU A 381 9.78 21.23 5.50
CA LEU A 381 8.43 21.77 5.69
C LEU A 381 7.46 20.62 6.00
N THR A 382 6.39 20.88 6.75
CA THR A 382 5.25 19.96 6.88
C THR A 382 3.92 20.70 6.73
N LEU A 383 2.99 20.13 5.98
CA LEU A 383 1.65 20.66 5.74
C LEU A 383 0.63 19.75 6.48
N THR A 384 -0.31 20.29 7.26
CA THR A 384 -1.30 19.47 7.99
C THR A 384 -2.72 19.83 7.57
N GLY A 385 -3.61 18.84 7.51
CA GLY A 385 -5.03 19.05 7.22
C GLY A 385 -5.78 19.72 8.37
N HIS A 386 -7.02 20.17 8.11
CA HIS A 386 -7.87 20.84 9.10
C HIS A 386 -9.21 20.15 9.38
N ASP A 387 -9.57 19.10 8.63
CA ASP A 387 -10.82 18.36 8.79
C ASP A 387 -10.58 17.02 9.49
N GLU A 388 -11.25 16.75 10.60
CA GLU A 388 -11.14 15.48 11.31
C GLU A 388 -11.61 14.31 10.44
N PHE A 389 -10.83 13.23 10.41
CA PHE A 389 -10.98 12.10 9.48
C PHE A 389 -10.87 12.48 7.99
N GLY A 390 -10.38 13.68 7.65
CA GLY A 390 -10.34 14.15 6.27
C GLY A 390 -9.34 13.42 5.37
N ARG A 391 -8.27 12.89 5.96
CA ARG A 391 -7.17 12.16 5.31
C ARG A 391 -6.39 12.97 4.28
N PHE A 392 -5.98 14.17 4.68
CA PHE A 392 -5.04 14.99 3.93
C PHE A 392 -3.73 14.21 3.68
N GLY A 393 -3.31 14.07 2.42
CA GLY A 393 -2.10 13.35 2.06
C GLY A 393 -2.33 11.92 1.56
N SER A 394 -3.58 11.46 1.42
CA SER A 394 -3.90 10.24 0.67
C SER A 394 -3.49 10.31 -0.80
N SER A 395 -3.39 11.52 -1.37
CA SER A 395 -3.01 11.75 -2.76
C SER A 395 -2.02 12.89 -2.86
N LEU A 396 -1.01 12.73 -3.70
CA LEU A 396 -0.02 13.74 -4.06
C LEU A 396 0.15 13.71 -5.57
N THR A 397 0.27 14.87 -6.22
CA THR A 397 0.77 14.94 -7.59
C THR A 397 1.58 16.21 -7.81
N PRO A 398 2.66 16.17 -8.61
CA PRO A 398 3.20 17.37 -9.23
C PRO A 398 2.15 18.00 -10.14
N LEU A 399 2.16 19.32 -10.27
CA LEU A 399 1.34 20.03 -11.27
C LEU A 399 2.17 20.58 -12.44
N GLY A 400 3.47 20.29 -12.49
CA GLY A 400 4.38 21.13 -13.27
C GLY A 400 4.32 22.55 -12.74
N ASP A 401 4.70 23.53 -13.54
CA ASP A 401 4.53 24.94 -13.16
C ASP A 401 3.18 25.46 -13.62
N LEU A 402 2.17 25.35 -12.77
CA LEU A 402 0.76 25.55 -13.12
C LEU A 402 0.48 26.99 -13.58
N ASP A 403 1.10 27.96 -12.91
CA ASP A 403 0.91 29.39 -13.11
C ASP A 403 2.11 30.02 -13.82
N GLN A 404 3.00 29.19 -14.38
CA GLN A 404 4.21 29.57 -15.08
C GLN A 404 5.07 30.59 -14.28
N ASP A 405 5.11 30.46 -12.95
CA ASP A 405 5.77 31.40 -12.03
C ASP A 405 7.28 31.18 -11.95
N GLY A 406 7.77 30.07 -12.50
CA GLY A 406 9.15 29.60 -12.47
C GLY A 406 9.35 28.33 -11.61
N TYR A 407 8.34 27.87 -10.88
CA TYR A 407 8.43 26.86 -9.83
C TYR A 407 7.29 25.84 -9.91
N ASN A 408 7.61 24.56 -9.75
CA ASN A 408 6.60 23.52 -9.83
C ASN A 408 5.66 23.59 -8.62
N ASP A 409 4.37 23.62 -8.88
CA ASP A 409 3.33 23.55 -7.84
C ASP A 409 2.95 22.09 -7.56
N VAL A 410 2.23 21.82 -6.48
CA VAL A 410 1.80 20.47 -6.08
C VAL A 410 0.32 20.47 -5.71
N ALA A 411 -0.43 19.44 -6.10
CA ALA A 411 -1.78 19.21 -5.61
C ALA A 411 -1.81 18.08 -4.59
N ILE A 412 -2.55 18.27 -3.49
CA ILE A 412 -2.65 17.33 -2.38
C ILE A 412 -4.13 17.04 -2.12
N GLY A 413 -4.51 15.78 -1.98
CA GLY A 413 -5.91 15.37 -1.81
C GLY A 413 -6.27 15.04 -0.37
N ALA A 414 -7.53 15.30 -0.02
CA ALA A 414 -8.16 14.91 1.24
C ALA A 414 -9.50 14.25 0.92
N PRO A 415 -9.58 12.92 0.73
CA PRO A 415 -10.75 12.25 0.16
C PRO A 415 -12.05 12.38 0.96
N PHE A 416 -11.96 12.74 2.23
CA PHE A 416 -13.11 12.92 3.13
C PHE A 416 -13.18 14.34 3.72
N GLY A 417 -12.42 15.30 3.19
CA GLY A 417 -12.45 16.70 3.62
C GLY A 417 -13.69 17.46 3.16
N GLY A 418 -13.78 18.73 3.54
CA GLY A 418 -14.88 19.64 3.21
C GLY A 418 -16.06 19.57 4.19
N GLU A 419 -16.95 20.56 4.10
CA GLU A 419 -18.05 20.79 5.06
C GLU A 419 -19.12 19.68 5.07
N THR A 420 -19.16 18.83 4.05
CA THR A 420 -20.07 17.67 3.95
C THR A 420 -19.35 16.37 3.57
N GLN A 421 -18.03 16.30 3.79
CA GLN A 421 -17.19 15.10 3.66
C GLN A 421 -17.31 14.35 2.33
N GLN A 422 -17.39 15.08 1.22
CA GLN A 422 -17.25 14.53 -0.13
C GLN A 422 -15.80 14.41 -0.59
N GLY A 423 -14.91 15.29 -0.12
CA GLY A 423 -13.50 15.33 -0.50
C GLY A 423 -13.07 16.68 -1.07
N VAL A 424 -11.77 16.94 -1.06
CA VAL A 424 -11.14 18.21 -1.43
C VAL A 424 -9.80 17.96 -2.13
N VAL A 425 -9.34 18.89 -2.96
CA VAL A 425 -7.97 18.96 -3.48
C VAL A 425 -7.39 20.35 -3.24
N PHE A 426 -6.18 20.45 -2.73
CA PHE A 426 -5.51 21.70 -2.39
C PHE A 426 -4.29 21.92 -3.30
N VAL A 427 -4.19 23.06 -3.97
CA VAL A 427 -3.02 23.43 -4.77
C VAL A 427 -2.06 24.26 -3.92
N PHE A 428 -0.83 23.79 -3.73
CA PHE A 428 0.23 24.49 -3.01
C PHE A 428 1.29 25.03 -4.00
N PRO A 429 1.64 26.32 -3.93
CA PRO A 429 2.51 26.94 -4.93
C PRO A 429 3.98 26.62 -4.71
N GLY A 430 4.77 26.48 -5.78
CA GLY A 430 6.23 26.43 -5.68
C GLY A 430 6.83 27.80 -5.36
N GLY A 431 8.10 27.83 -4.95
CA GLY A 431 8.84 29.08 -4.70
C GLY A 431 10.23 28.84 -4.10
N PRO A 432 11.11 29.85 -4.01
CA PRO A 432 12.51 29.66 -3.64
C PRO A 432 12.78 28.97 -2.29
N GLY A 433 11.86 29.08 -1.33
CA GLY A 433 11.91 28.40 -0.02
C GLY A 433 11.30 26.99 0.00
N GLY A 434 10.82 26.47 -1.13
CA GLY A 434 9.96 25.28 -1.22
C GLY A 434 8.49 25.65 -1.41
N LEU A 435 7.57 24.72 -1.15
CA LEU A 435 6.14 25.02 -1.25
C LEU A 435 5.72 26.15 -0.31
N GLY A 436 4.73 26.93 -0.70
CA GLY A 436 4.02 27.81 0.25
C GLY A 436 3.26 26.98 1.29
N SER A 437 3.17 27.45 2.53
CA SER A 437 2.50 26.71 3.62
C SER A 437 0.96 26.79 3.59
N LYS A 438 0.38 27.60 2.69
CA LYS A 438 -1.07 27.81 2.50
C LYS A 438 -1.42 27.72 1.02
N PRO A 439 -2.55 27.09 0.64
CA PRO A 439 -2.85 26.78 -0.74
C PRO A 439 -3.23 28.01 -1.55
N SER A 440 -2.87 28.05 -2.84
CA SER A 440 -3.30 29.09 -3.78
C SER A 440 -4.68 28.81 -4.40
N GLN A 441 -5.17 27.56 -4.33
CA GLN A 441 -6.52 27.19 -4.76
C GLN A 441 -7.04 25.98 -4.00
N VAL A 442 -8.35 25.89 -3.78
CA VAL A 442 -9.03 24.74 -3.20
C VAL A 442 -10.15 24.29 -4.15
N LEU A 443 -10.08 23.03 -4.59
CA LEU A 443 -11.00 22.42 -5.55
C LEU A 443 -11.95 21.48 -4.80
N GLN A 444 -13.24 21.54 -5.11
CA GLN A 444 -14.29 20.80 -4.42
C GLN A 444 -15.40 20.38 -5.40
N PRO A 445 -16.18 19.33 -5.11
CA PRO A 445 -17.26 18.90 -5.99
C PRO A 445 -18.32 19.99 -6.20
N LEU A 446 -18.79 20.16 -7.45
CA LEU A 446 -19.93 21.01 -7.76
C LEU A 446 -21.28 20.31 -7.54
N TRP A 447 -21.30 18.97 -7.52
CA TRP A 447 -22.49 18.15 -7.27
C TRP A 447 -22.75 17.95 -5.76
N ALA A 448 -24.01 17.70 -5.39
CA ALA A 448 -24.45 17.54 -4.01
C ALA A 448 -24.05 16.19 -3.38
N ALA A 449 -23.98 16.16 -2.04
CA ALA A 449 -23.70 14.95 -1.27
C ALA A 449 -24.81 13.88 -1.40
N SER A 450 -24.52 12.65 -0.94
CA SER A 450 -25.38 11.47 -1.16
C SER A 450 -25.28 10.45 0.00
N HIS A 451 -25.82 9.25 -0.19
CA HIS A 451 -25.90 8.16 0.80
C HIS A 451 -24.56 7.46 1.12
N THR A 452 -23.55 7.63 0.28
CA THR A 452 -22.20 7.02 0.40
C THR A 452 -21.12 8.02 -0.03
N PRO A 453 -19.87 7.89 0.44
CA PRO A 453 -18.82 8.87 0.16
C PRO A 453 -18.50 9.01 -1.33
N ASP A 454 -18.00 10.17 -1.77
CA ASP A 454 -17.57 10.38 -3.15
C ASP A 454 -16.10 9.99 -3.38
N PHE A 455 -15.28 10.05 -2.33
CA PHE A 455 -13.83 9.92 -2.39
C PHE A 455 -13.20 10.88 -3.42
N PHE A 456 -13.72 12.10 -3.55
CA PHE A 456 -13.17 13.09 -4.49
C PHE A 456 -11.76 13.49 -4.06
N GLY A 457 -10.78 13.40 -4.95
CA GLY A 457 -9.38 13.66 -4.61
C GLY A 457 -8.62 12.44 -4.11
N SER A 458 -9.21 11.24 -4.17
CA SER A 458 -8.55 9.95 -3.90
C SER A 458 -7.56 9.52 -4.98
N ALA A 459 -7.68 10.06 -6.19
CA ALA A 459 -6.74 9.90 -7.28
C ALA A 459 -6.52 11.24 -7.96
N LEU A 460 -5.28 11.58 -8.28
CA LEU A 460 -4.88 12.82 -8.95
C LEU A 460 -3.86 12.49 -10.04
N ARG A 461 -3.91 13.21 -11.17
CA ARG A 461 -2.80 13.26 -12.13
C ARG A 461 -2.68 14.67 -12.69
N GLY A 462 -1.49 15.24 -12.72
CA GLY A 462 -1.26 16.61 -13.21
C GLY A 462 0.10 16.80 -13.87
N GLY A 463 0.33 17.98 -14.43
CA GLY A 463 1.63 18.36 -15.00
C GLY A 463 1.82 18.05 -16.49
N ARG A 464 0.80 17.48 -17.16
CA ARG A 464 0.68 17.46 -18.62
C ARG A 464 -0.36 18.50 -19.09
N ASP A 465 -0.51 18.70 -20.38
CA ASP A 465 -1.37 19.73 -20.97
C ASP A 465 -2.33 19.09 -21.98
N LEU A 466 -3.62 19.09 -21.71
CA LEU A 466 -4.64 18.41 -22.52
C LEU A 466 -5.11 19.27 -23.68
N ASP A 467 -5.47 20.53 -23.44
CA ASP A 467 -5.99 21.39 -24.49
C ASP A 467 -4.89 22.04 -25.33
N GLY A 468 -3.63 21.98 -24.90
CA GLY A 468 -2.50 22.51 -25.65
C GLY A 468 -2.36 24.03 -25.55
N ASN A 469 -2.98 24.65 -24.55
CA ASN A 469 -2.91 26.10 -24.33
C ASN A 469 -1.60 26.60 -23.71
N GLY A 470 -0.63 25.72 -23.43
CA GLY A 470 0.65 26.10 -22.84
C GLY A 470 0.65 26.19 -21.30
N TYR A 471 -0.44 25.77 -20.64
CA TYR A 471 -0.53 25.69 -19.18
C TYR A 471 -0.94 24.27 -18.77
N PRO A 472 -0.34 23.70 -17.72
CA PRO A 472 -0.69 22.38 -17.23
C PRO A 472 -2.16 22.27 -16.80
N ASP A 473 -2.68 21.06 -16.88
CA ASP A 473 -4.05 20.68 -16.52
C ASP A 473 -4.02 19.55 -15.47
N LEU A 474 -5.13 19.26 -14.81
CA LEU A 474 -5.25 18.31 -13.69
C LEU A 474 -6.46 17.41 -13.88
N ILE A 475 -6.34 16.11 -13.64
CA ILE A 475 -7.44 15.16 -13.59
C ILE A 475 -7.64 14.73 -12.13
N VAL A 476 -8.86 14.81 -11.61
CA VAL A 476 -9.23 14.34 -10.27
C VAL A 476 -10.19 13.16 -10.36
N GLY A 477 -9.86 12.04 -9.71
CA GLY A 477 -10.75 10.90 -9.57
C GLY A 477 -11.70 11.03 -8.39
N SER A 478 -12.88 10.40 -8.48
CA SER A 478 -13.95 10.52 -7.51
C SER A 478 -14.82 9.26 -7.47
N PHE A 479 -14.20 8.10 -7.27
CA PHE A 479 -14.81 6.81 -7.59
C PHE A 479 -16.07 6.43 -6.80
N GLY A 480 -16.38 7.05 -5.67
CA GLY A 480 -17.60 6.78 -4.92
C GLY A 480 -18.88 7.21 -5.64
N VAL A 481 -18.75 8.10 -6.61
CA VAL A 481 -19.81 8.52 -7.53
C VAL A 481 -19.59 8.03 -8.97
N ASP A 482 -18.54 7.25 -9.23
CA ASP A 482 -18.14 6.79 -10.57
C ASP A 482 -17.90 7.95 -11.56
N LYS A 483 -17.11 8.95 -11.15
CA LYS A 483 -16.75 10.13 -11.96
C LYS A 483 -15.25 10.44 -11.92
N ALA A 484 -14.77 11.16 -12.93
CA ALA A 484 -13.48 11.85 -12.96
C ALA A 484 -13.68 13.26 -13.52
N VAL A 485 -12.87 14.23 -13.09
CA VAL A 485 -13.06 15.66 -13.36
C VAL A 485 -11.77 16.27 -13.91
N VAL A 486 -11.85 17.05 -14.98
CA VAL A 486 -10.67 17.65 -15.64
C VAL A 486 -10.67 19.17 -15.49
N TYR A 487 -9.65 19.69 -14.82
CA TYR A 487 -9.45 21.11 -14.51
C TYR A 487 -8.31 21.66 -15.37
N ARG A 488 -8.51 22.82 -16.01
CA ARG A 488 -7.59 23.34 -17.03
C ARG A 488 -6.95 24.63 -16.60
N GLY A 489 -5.64 24.78 -16.79
CA GLY A 489 -4.93 26.00 -16.45
C GLY A 489 -5.32 27.15 -17.37
N ARG A 490 -5.75 28.28 -16.82
CA ARG A 490 -6.13 29.49 -17.57
C ARG A 490 -4.90 30.30 -17.99
N PRO A 491 -4.93 31.07 -19.08
CA PRO A 491 -3.81 31.92 -19.44
C PRO A 491 -3.59 33.00 -18.39
N ILE A 492 -2.35 33.39 -18.08
CA ILE A 492 -2.10 34.44 -17.09
C ILE A 492 -1.63 35.72 -17.78
N VAL A 493 -2.25 36.83 -17.42
CA VAL A 493 -1.88 38.19 -17.82
C VAL A 493 -1.15 38.88 -16.69
N SER A 494 -0.03 39.51 -17.00
CA SER A 494 0.69 40.44 -16.13
C SER A 494 0.38 41.86 -16.60
N ALA A 495 0.14 42.79 -15.68
CA ALA A 495 -0.31 44.14 -16.00
C ALA A 495 0.31 45.20 -15.09
N SER A 496 0.30 46.43 -15.56
CA SER A 496 0.73 47.63 -14.85
C SER A 496 -0.03 48.86 -15.36
N ALA A 497 -0.24 49.85 -14.50
CA ALA A 497 -0.83 51.13 -14.87
C ALA A 497 -0.34 52.24 -13.91
N SER A 498 -0.47 53.50 -14.33
CA SER A 498 -0.15 54.65 -13.48
C SER A 498 -0.98 55.90 -13.81
N LEU A 499 -1.28 56.70 -12.79
CA LEU A 499 -1.80 58.07 -12.90
C LEU A 499 -0.66 59.06 -13.15
N THR A 500 -0.88 60.02 -14.04
CA THR A 500 0.08 61.02 -14.52
C THR A 500 -0.64 62.34 -14.80
N ILE A 501 -1.30 62.88 -13.78
CA ILE A 501 -2.04 64.16 -13.83
C ILE A 501 -1.05 65.34 -14.05
N SER A 526 -3.65 62.69 -16.95
CA SER A 526 -3.62 61.53 -17.82
C SER A 526 -3.38 60.23 -17.04
N PHE A 527 -3.59 59.07 -17.67
CA PHE A 527 -3.21 57.76 -17.12
C PHE A 527 -2.77 56.81 -18.24
N CYS A 528 -1.87 55.88 -17.93
CA CYS A 528 -1.36 54.90 -18.90
C CYS A 528 -1.45 53.45 -18.39
N LEU A 529 -1.55 52.50 -19.32
CA LEU A 529 -1.77 51.06 -19.12
C LEU A 529 -0.76 50.24 -19.97
N ASN A 530 -0.21 49.17 -19.40
CA ASN A 530 0.74 48.27 -20.07
C ASN A 530 0.55 46.84 -19.54
N ALA A 531 0.24 45.88 -20.41
CA ALA A 531 -0.04 44.50 -20.05
C ALA A 531 0.49 43.49 -21.09
N SER A 532 0.91 42.32 -20.62
CA SER A 532 1.41 41.22 -21.46
C SER A 532 1.31 39.87 -20.73
N GLY A 533 1.35 38.74 -21.45
CA GLY A 533 1.27 37.44 -20.80
C GLY A 533 1.59 36.23 -21.67
N LYS A 534 2.14 35.18 -21.03
CA LYS A 534 2.63 33.96 -21.67
C LYS A 534 1.49 33.19 -22.33
N HIS A 535 1.59 32.91 -23.62
CA HIS A 535 0.58 32.18 -24.42
C HIS A 535 -0.80 32.86 -24.52
N VAL A 536 -0.92 34.12 -24.10
CA VAL A 536 -2.14 34.95 -24.21
C VAL A 536 -2.32 35.44 -25.66
N ALA A 537 -3.56 35.76 -26.06
CA ALA A 537 -3.88 36.35 -27.36
C ALA A 537 -3.20 37.72 -27.62
N ASP A 538 -3.31 38.23 -28.84
CA ASP A 538 -2.64 39.46 -29.29
C ASP A 538 -3.21 40.75 -28.65
N SER A 539 -4.54 40.84 -28.52
CA SER A 539 -5.24 41.94 -27.83
C SER A 539 -5.91 41.43 -26.55
N ILE A 540 -5.63 42.09 -25.42
CA ILE A 540 -6.14 41.71 -24.10
C ILE A 540 -7.24 42.71 -23.71
N GLY A 541 -8.42 42.24 -23.30
CA GLY A 541 -9.53 43.10 -22.91
C GLY A 541 -9.45 43.53 -21.44
N PHE A 542 -9.31 44.83 -21.18
CA PHE A 542 -9.27 45.42 -19.83
C PHE A 542 -10.45 46.36 -19.63
N THR A 543 -10.89 46.52 -18.38
CA THR A 543 -11.87 47.52 -17.98
C THR A 543 -11.36 48.33 -16.78
N VAL A 544 -11.63 49.62 -16.78
CA VAL A 544 -10.93 50.63 -15.99
C VAL A 544 -11.92 51.58 -15.34
N GLU A 545 -11.67 51.97 -14.09
CA GLU A 545 -12.47 52.93 -13.34
C GLU A 545 -11.57 53.99 -12.68
N LEU A 546 -11.98 55.26 -12.80
CA LEU A 546 -11.38 56.42 -12.17
C LEU A 546 -12.35 57.00 -11.12
N GLN A 547 -11.85 57.30 -9.93
CA GLN A 547 -12.68 57.54 -8.74
C GLN A 547 -12.11 58.68 -7.88
N THR A 569 -16.78 60.35 -11.35
CA THR A 569 -16.20 59.09 -11.80
C THR A 569 -16.25 58.91 -13.32
N LEU A 570 -15.32 58.12 -13.87
CA LEU A 570 -15.28 57.69 -15.27
C LEU A 570 -14.95 56.20 -15.34
N THR A 571 -15.63 55.47 -16.23
CA THR A 571 -15.39 54.04 -16.48
C THR A 571 -15.21 53.76 -17.96
N GLN A 572 -14.23 52.94 -18.33
CA GLN A 572 -13.83 52.66 -19.71
C GLN A 572 -13.52 51.17 -19.92
N THR A 573 -13.60 50.71 -21.16
CA THR A 573 -13.16 49.36 -21.56
C THR A 573 -12.23 49.49 -22.76
N LEU A 574 -11.08 48.83 -22.68
CA LEU A 574 -9.90 49.04 -23.52
C LEU A 574 -9.40 47.70 -24.05
N LEU A 575 -8.86 47.67 -25.27
CA LEU A 575 -8.04 46.56 -25.74
C LEU A 575 -6.58 47.03 -25.73
N ILE A 576 -5.74 46.37 -24.94
CA ILE A 576 -4.29 46.62 -24.85
C ILE A 576 -3.55 45.48 -25.54
N GLN A 577 -2.64 45.79 -26.46
CA GLN A 577 -1.89 44.79 -27.22
C GLN A 577 -0.78 44.15 -26.37
N ASN A 578 -0.69 42.82 -26.40
CA ASN A 578 0.23 42.00 -25.61
C ASN A 578 1.70 42.32 -25.87
N GLY A 579 2.05 42.73 -27.11
CA GLY A 579 3.40 43.14 -27.50
C GLY A 579 3.72 44.64 -27.32
N ALA A 580 2.78 45.48 -26.87
CA ALA A 580 2.99 46.92 -26.78
C ALA A 580 4.00 47.32 -25.70
N ARG A 581 4.60 48.51 -25.85
CA ARG A 581 5.37 49.16 -24.79
C ARG A 581 4.45 49.83 -23.74
N GLU A 582 3.46 50.60 -24.18
CA GLU A 582 2.44 51.22 -23.33
C GLU A 582 1.25 51.73 -24.19
N ASP A 583 0.08 51.95 -23.57
CA ASP A 583 -1.05 52.70 -24.13
C ASP A 583 -1.53 53.76 -23.11
N CYS A 584 -1.98 54.93 -23.54
CA CYS A 584 -2.22 56.05 -22.62
C CYS A 584 -3.40 56.97 -23.02
N ARG A 585 -4.05 57.61 -22.03
CA ARG A 585 -5.24 58.46 -22.19
C ARG A 585 -5.10 59.78 -21.42
N GLU A 586 -5.56 60.89 -22.02
CA GLU A 586 -5.79 62.16 -21.33
C GLU A 586 -7.12 62.13 -20.54
N MET A 587 -7.25 62.93 -19.49
CA MET A 587 -8.44 62.93 -18.62
C MET A 587 -9.70 63.41 -19.33
N ILE A 606 -7.38 61.34 -6.11
CA ILE A 606 -8.08 60.37 -6.95
C ILE A 606 -7.39 58.99 -6.98
N ALA A 607 -8.14 57.98 -7.40
CA ALA A 607 -7.66 56.61 -7.60
C ALA A 607 -8.00 56.06 -8.99
N LEU A 608 -7.10 55.22 -9.49
CA LEU A 608 -7.21 54.44 -10.72
C LEU A 608 -7.33 52.96 -10.33
N ASN A 609 -8.41 52.30 -10.77
CA ASN A 609 -8.60 50.85 -10.50
C ASN A 609 -9.10 50.06 -11.72
N PHE A 610 -8.44 48.93 -12.02
CA PHE A 610 -8.67 48.18 -13.25
C PHE A 610 -8.85 46.68 -13.00
N SER A 611 -9.42 45.98 -13.99
CA SER A 611 -9.55 44.54 -14.01
C SER A 611 -9.60 44.04 -15.46
N LEU A 612 -9.34 42.75 -15.70
CA LEU A 612 -9.67 42.15 -17.00
C LEU A 612 -11.18 42.20 -17.19
N ASP A 613 -11.65 42.57 -18.38
CA ASP A 613 -13.08 42.75 -18.63
C ASP A 613 -13.84 41.42 -18.46
N PRO A 614 -14.80 41.32 -17.51
CA PRO A 614 -15.49 40.05 -17.25
C PRO A 614 -16.27 39.51 -18.46
N GLN A 615 -16.70 40.36 -19.38
CA GLN A 615 -17.53 39.94 -20.55
C GLN A 615 -16.69 39.95 -21.83
N ALA A 616 -15.37 40.10 -21.74
CA ALA A 616 -14.46 40.05 -22.90
C ALA A 616 -14.63 38.69 -23.60
N PRO A 617 -14.26 38.51 -24.88
CA PRO A 617 -14.45 37.27 -25.63
C PRO A 617 -13.65 36.11 -25.03
N VAL A 618 -14.23 34.91 -25.06
CA VAL A 618 -13.58 33.64 -24.68
C VAL A 618 -12.54 33.25 -25.73
N ASP A 619 -11.36 32.82 -25.29
CA ASP A 619 -10.22 32.46 -26.17
C ASP A 619 -10.50 31.22 -27.06
N SER A 620 -9.59 30.95 -28.00
CA SER A 620 -9.68 29.82 -28.95
C SER A 620 -9.92 28.46 -28.29
N HIS A 621 -9.37 28.26 -27.08
CA HIS A 621 -9.51 27.03 -26.29
C HIS A 621 -10.79 26.95 -25.44
N GLY A 622 -11.55 28.04 -25.28
CA GLY A 622 -12.74 28.09 -24.41
C GLY A 622 -12.53 28.71 -23.03
N LEU A 623 -11.35 29.26 -22.75
CA LEU A 623 -10.96 29.84 -21.45
C LEU A 623 -10.94 31.38 -21.48
N ARG A 624 -10.82 32.03 -20.33
CA ARG A 624 -10.53 33.48 -20.20
C ARG A 624 -9.25 33.68 -19.39
N PRO A 625 -8.47 34.75 -19.59
CA PRO A 625 -7.26 34.96 -18.81
C PRO A 625 -7.52 35.23 -17.32
N ALA A 626 -6.58 34.83 -16.47
CA ALA A 626 -6.50 35.22 -15.07
C ALA A 626 -5.49 36.35 -14.91
N LEU A 627 -5.79 37.39 -14.14
CA LEU A 627 -4.77 38.38 -13.80
C LEU A 627 -3.84 37.78 -12.75
N HIS A 628 -2.52 37.91 -12.96
CA HIS A 628 -1.50 37.41 -12.05
C HIS A 628 -1.61 38.00 -10.62
N TYR A 629 -0.97 37.35 -9.65
CA TYR A 629 -0.77 37.92 -8.31
C TYR A 629 0.04 39.24 -8.35
N GLN A 630 0.06 39.97 -7.23
CA GLN A 630 0.60 41.33 -7.14
C GLN A 630 0.01 42.21 -8.25
N SER A 631 0.81 42.75 -9.17
CA SER A 631 0.37 43.47 -10.39
C SER A 631 -0.45 44.75 -10.16
N LYS A 632 -0.63 45.19 -8.90
CA LYS A 632 -1.17 46.49 -8.45
C LYS A 632 -2.41 46.96 -9.23
N SER A 633 -3.55 46.27 -9.05
CA SER A 633 -4.83 46.58 -9.72
C SER A 633 -5.45 47.93 -9.32
N ARG A 634 -4.97 48.57 -8.25
CA ARG A 634 -5.41 49.90 -7.81
C ARG A 634 -4.23 50.80 -7.41
N ILE A 635 -4.27 52.07 -7.83
CA ILE A 635 -3.30 53.14 -7.55
C ILE A 635 -4.07 54.34 -7.01
N GLU A 636 -3.58 55.02 -5.97
CA GLU A 636 -4.24 56.22 -5.42
C GLU A 636 -3.25 57.36 -5.12
N ASP A 637 -3.61 58.57 -5.51
CA ASP A 637 -2.90 59.83 -5.18
C ASP A 637 -3.72 60.68 -4.20
N GLY B 85 -15.99 40.32 35.88
CA GLY B 85 -16.45 38.93 36.03
C GLY B 85 -16.96 38.55 37.42
N SER B 86 -17.85 37.55 37.48
CA SER B 86 -18.41 36.94 38.69
C SER B 86 -18.67 35.44 38.49
N LYS B 87 -18.91 34.67 39.55
CA LYS B 87 -19.29 33.25 39.46
C LYS B 87 -20.31 32.84 40.52
N ASP B 88 -21.08 31.79 40.26
CA ASP B 88 -22.10 31.26 41.16
C ASP B 88 -22.20 29.73 41.06
N ILE B 89 -21.89 29.03 42.16
CA ILE B 89 -21.93 27.57 42.26
C ILE B 89 -23.37 27.13 42.54
N LYS B 90 -24.03 26.47 41.59
CA LYS B 90 -25.48 26.23 41.65
C LYS B 90 -25.87 24.98 42.46
N LYS B 91 -25.18 23.86 42.27
CA LYS B 91 -25.57 22.54 42.85
C LYS B 91 -24.75 22.11 44.07
N ASN B 92 -23.43 22.02 43.93
CA ASN B 92 -22.45 21.79 45.00
C ASN B 92 -22.78 20.66 46.01
N LYS B 93 -23.40 19.57 45.57
CA LYS B 93 -23.71 18.41 46.44
C LYS B 93 -22.42 17.68 46.80
N ASN B 94 -22.21 17.39 48.09
CA ASN B 94 -20.91 16.94 48.58
C ASN B 94 -20.48 15.58 48.04
N VAL B 95 -19.17 15.40 47.85
CA VAL B 95 -18.54 14.09 47.63
C VAL B 95 -18.79 13.16 48.82
N THR B 96 -18.84 11.85 48.57
CA THR B 96 -19.26 10.87 49.59
C THR B 96 -18.35 10.86 50.81
N ASN B 97 -18.92 10.73 52.02
CA ASN B 97 -18.19 10.28 53.19
C ASN B 97 -17.73 8.82 53.00
N ARG B 98 -16.66 8.42 53.70
CA ARG B 98 -16.18 7.02 53.69
C ARG B 98 -17.24 6.12 54.33
N SER B 99 -17.69 5.12 53.58
CA SER B 99 -18.94 4.38 53.88
C SER B 99 -18.87 3.61 55.20
N LYS B 100 -19.88 3.80 56.06
CA LYS B 100 -19.90 3.29 57.45
C LYS B 100 -20.02 1.77 57.59
N GLY B 101 -20.63 1.08 56.63
CA GLY B 101 -20.84 -0.37 56.68
C GLY B 101 -21.76 -0.92 55.59
N THR B 102 -22.10 -2.20 55.69
CA THR B 102 -22.96 -2.92 54.73
C THR B 102 -24.46 -2.60 54.86
N ALA B 103 -24.88 -1.93 55.94
CA ALA B 103 -26.29 -1.68 56.27
C ALA B 103 -27.10 -0.90 55.20
N GLU B 104 -26.44 -0.10 54.36
CA GLU B 104 -27.06 0.61 53.24
C GLU B 104 -26.03 0.98 52.17
N LYS B 105 -25.54 0.00 51.41
CA LYS B 105 -24.61 0.22 50.27
C LYS B 105 -25.28 1.07 49.17
N LEU B 106 -24.60 2.10 48.69
CA LEU B 106 -25.13 3.08 47.75
C LEU B 106 -25.18 2.54 46.30
N LYS B 107 -26.10 3.05 45.50
CA LYS B 107 -26.15 2.86 44.04
C LYS B 107 -25.08 3.71 43.34
N PRO B 108 -24.57 3.33 42.15
CA PRO B 108 -23.55 4.11 41.44
C PRO B 108 -23.98 5.52 41.00
N GLU B 109 -25.28 5.83 41.00
CA GLU B 109 -25.80 7.19 40.81
C GLU B 109 -25.79 8.04 42.10
N ASP B 110 -25.87 7.40 43.27
CA ASP B 110 -25.89 8.07 44.57
C ASP B 110 -24.47 8.39 45.08
N ILE B 111 -23.49 7.55 44.76
CA ILE B 111 -22.07 7.81 45.04
C ILE B 111 -21.62 9.05 44.25
N THR B 112 -21.03 10.02 44.95
CA THR B 112 -20.54 11.29 44.36
C THR B 112 -19.04 11.42 44.59
N GLN B 113 -18.27 11.64 43.53
CA GLN B 113 -16.81 11.73 43.55
C GLN B 113 -16.27 13.10 43.12
N ILE B 114 -17.02 13.89 42.34
CA ILE B 114 -16.62 15.24 41.91
C ILE B 114 -17.52 16.32 42.53
N GLN B 115 -16.92 17.37 43.12
CA GLN B 115 -17.63 18.23 44.08
C GLN B 115 -18.66 19.21 43.47
N PRO B 116 -18.33 20.25 42.70
CA PRO B 116 -19.33 21.11 42.07
C PRO B 116 -19.93 20.42 40.84
N GLN B 117 -21.21 20.07 40.81
CA GLN B 117 -21.84 19.46 39.61
C GLN B 117 -22.21 20.49 38.53
N GLN B 118 -22.42 21.76 38.90
CA GLN B 118 -22.75 22.85 37.97
C GLN B 118 -22.40 24.20 38.58
N LEU B 119 -21.82 25.09 37.78
CA LEU B 119 -21.59 26.50 38.13
C LEU B 119 -21.70 27.40 36.88
N VAL B 120 -21.97 28.68 37.10
CA VAL B 120 -22.05 29.70 36.06
C VAL B 120 -20.98 30.77 36.26
N LEU B 121 -20.21 31.07 35.20
CA LEU B 121 -19.11 32.03 35.15
C LEU B 121 -19.50 33.20 34.24
N ARG B 122 -19.49 34.43 34.75
CA ARG B 122 -19.51 35.65 33.96
C ARG B 122 -18.09 36.00 33.48
N LEU B 123 -17.81 35.81 32.19
CA LEU B 123 -16.54 36.22 31.56
C LEU B 123 -16.64 37.66 31.06
N ARG B 124 -15.51 38.39 31.06
CA ARG B 124 -15.42 39.81 30.68
C ARG B 124 -14.16 40.07 29.86
N SER B 125 -14.31 40.21 28.54
CA SER B 125 -13.20 40.46 27.61
C SER B 125 -12.01 39.52 27.86
N GLY B 126 -10.79 40.06 27.98
CA GLY B 126 -9.57 39.31 28.29
C GLY B 126 -9.38 38.89 29.75
N GLU B 127 -10.32 39.11 30.66
CA GLU B 127 -10.16 38.73 32.08
C GLU B 127 -10.24 37.19 32.27
N PRO B 128 -9.23 36.55 32.89
CA PRO B 128 -9.29 35.13 33.23
C PRO B 128 -10.18 34.88 34.46
N GLN B 129 -10.97 33.82 34.42
CA GLN B 129 -11.85 33.39 35.51
C GLN B 129 -11.46 32.01 36.03
N THR B 130 -11.13 31.90 37.30
CA THR B 130 -10.68 30.64 37.91
C THR B 130 -11.72 30.05 38.86
N PHE B 131 -11.92 28.74 38.78
CA PHE B 131 -12.72 27.97 39.73
C PHE B 131 -11.98 26.70 40.15
N THR B 132 -12.40 26.05 41.24
CA THR B 132 -11.78 24.83 41.74
C THR B 132 -12.79 23.71 41.89
N LEU B 133 -12.36 22.49 41.56
CA LEU B 133 -13.10 21.27 41.80
C LEU B 133 -12.26 20.30 42.64
N LYS B 134 -12.93 19.58 43.53
CA LYS B 134 -12.35 18.51 44.34
C LYS B 134 -12.80 17.18 43.78
N PHE B 135 -11.94 16.18 43.82
CA PHE B 135 -12.23 14.80 43.46
C PHE B 135 -11.93 13.88 44.66
N LYS B 136 -12.72 12.81 44.85
CA LYS B 136 -12.51 11.84 45.92
C LYS B 136 -12.85 10.42 45.45
N ARG B 137 -11.86 9.54 45.34
CA ARG B 137 -12.06 8.16 44.84
C ARG B 137 -12.96 7.36 45.78
N ALA B 138 -14.13 6.94 45.34
CA ALA B 138 -15.11 6.23 46.17
C ALA B 138 -14.62 4.85 46.65
N GLU B 139 -15.26 4.32 47.69
CA GLU B 139 -14.83 3.10 48.38
C GLU B 139 -15.05 1.82 47.55
N ASP B 140 -16.21 1.70 46.91
CA ASP B 140 -16.71 0.45 46.33
C ASP B 140 -17.63 0.73 45.13
N TYR B 141 -17.10 1.43 44.12
CA TYR B 141 -17.80 1.66 42.87
C TYR B 141 -17.78 0.36 42.04
N PRO B 142 -18.90 -0.11 41.45
CA PRO B 142 -18.94 -1.38 40.73
C PRO B 142 -18.02 -1.47 39.52
N ILE B 143 -17.76 -2.70 39.05
CA ILE B 143 -16.95 -3.00 37.87
C ILE B 143 -17.75 -3.85 36.89
N ASP B 144 -17.64 -3.55 35.60
CA ASP B 144 -17.96 -4.44 34.49
C ASP B 144 -16.65 -4.80 33.78
N LEU B 145 -16.36 -6.09 33.58
CA LEU B 145 -15.21 -6.57 32.82
C LEU B 145 -15.66 -7.31 31.57
N TYR B 146 -15.22 -6.88 30.40
CA TYR B 146 -15.35 -7.65 29.18
C TYR B 146 -13.99 -8.25 28.82
N TYR B 147 -13.89 -9.57 28.67
CA TYR B 147 -12.69 -10.24 28.22
C TYR B 147 -12.79 -10.54 26.72
N LEU B 148 -11.94 -9.92 25.92
CA LEU B 148 -11.90 -10.03 24.47
C LEU B 148 -10.64 -10.79 24.07
N MET B 149 -10.79 -11.95 23.44
CA MET B 149 -9.71 -12.90 23.23
C MET B 149 -9.47 -13.27 21.76
N ASP B 150 -8.22 -13.21 21.36
CA ASP B 150 -7.71 -13.74 20.10
C ASP B 150 -7.82 -15.26 20.09
N LEU B 151 -8.61 -15.85 19.19
CA LEU B 151 -8.76 -17.31 19.07
C LEU B 151 -8.07 -17.89 17.84
N SER B 152 -6.98 -17.27 17.39
CA SER B 152 -6.02 -17.91 16.49
C SER B 152 -5.32 -19.09 17.17
N TYR B 153 -4.75 -20.04 16.42
CA TYR B 153 -4.29 -21.32 16.97
C TYR B 153 -3.23 -21.22 18.07
N SER B 154 -2.32 -20.25 18.01
CA SER B 154 -1.28 -20.09 19.03
C SER B 154 -1.83 -19.75 20.42
N MET B 155 -3.11 -19.38 20.52
CA MET B 155 -3.83 -19.14 21.77
C MET B 155 -4.57 -20.39 22.29
N LYS B 156 -4.31 -21.60 21.77
CA LYS B 156 -5.01 -22.84 22.17
C LYS B 156 -4.77 -23.20 23.63
N ASP B 157 -3.53 -23.14 24.11
CA ASP B 157 -3.17 -23.38 25.50
C ASP B 157 -3.59 -22.23 26.42
N ASP B 158 -3.60 -20.99 25.94
CA ASP B 158 -4.23 -19.87 26.62
C ASP B 158 -5.71 -20.12 26.89
N LEU B 159 -6.47 -20.56 25.89
CA LEU B 159 -7.89 -20.86 26.04
C LEU B 159 -8.13 -21.98 27.07
N GLU B 160 -7.26 -22.99 27.14
CA GLU B 160 -7.35 -24.03 28.16
C GLU B 160 -7.13 -23.50 29.59
N ASN B 161 -6.32 -22.47 29.80
CA ASN B 161 -6.16 -21.82 31.10
C ASN B 161 -7.25 -20.77 31.40
N VAL B 162 -7.80 -20.13 30.37
CA VAL B 162 -8.84 -19.10 30.47
C VAL B 162 -10.22 -19.66 30.84
N LYS B 163 -10.48 -20.96 30.66
CA LYS B 163 -11.75 -21.62 31.05
C LYS B 163 -12.23 -21.32 32.47
N SER B 164 -11.35 -21.01 33.41
CA SER B 164 -11.67 -20.87 34.84
C SER B 164 -11.74 -19.43 35.39
N LEU B 165 -11.53 -18.38 34.57
CA LEU B 165 -11.64 -16.99 35.04
C LEU B 165 -13.03 -16.69 35.63
N GLY B 166 -14.08 -17.30 35.09
CA GLY B 166 -15.45 -17.12 35.56
C GLY B 166 -15.72 -17.61 36.97
N THR B 167 -14.74 -18.19 37.69
CA THR B 167 -14.84 -18.37 39.14
C THR B 167 -13.61 -17.83 39.87
N ASP B 168 -12.41 -18.04 39.34
CA ASP B 168 -11.18 -17.55 39.97
C ASP B 168 -11.10 -16.02 39.99
N LEU B 169 -11.39 -15.33 38.87
CA LEU B 169 -11.38 -13.88 38.83
C LEU B 169 -12.56 -13.28 39.58
N MET B 170 -13.73 -13.93 39.58
CA MET B 170 -14.86 -13.52 40.42
C MET B 170 -14.49 -13.53 41.91
N ASN B 171 -13.73 -14.54 42.36
CA ASN B 171 -13.22 -14.61 43.73
C ASN B 171 -12.17 -13.54 44.00
N GLU B 172 -11.11 -13.41 43.19
CA GLU B 172 -10.07 -12.41 43.46
C GLU B 172 -10.56 -10.97 43.31
N MET B 173 -11.64 -10.72 42.54
CA MET B 173 -12.31 -9.41 42.49
C MET B 173 -13.26 -9.16 43.66
N ARG B 174 -13.69 -10.17 44.42
CA ARG B 174 -14.63 -10.00 45.55
C ARG B 174 -14.06 -9.19 46.73
N ARG B 175 -12.73 -9.08 46.85
CA ARG B 175 -12.10 -8.11 47.77
C ARG B 175 -12.03 -6.68 47.22
N ILE B 176 -12.20 -6.51 45.91
CA ILE B 176 -12.02 -5.25 45.20
C ILE B 176 -13.33 -4.47 45.12
N THR B 177 -14.46 -5.14 44.84
CA THR B 177 -15.81 -4.55 44.86
C THR B 177 -16.87 -5.53 45.34
N SER B 178 -17.99 -5.02 45.85
CA SER B 178 -19.21 -5.82 46.10
C SER B 178 -19.83 -6.30 44.79
N ASP B 179 -19.96 -5.41 43.82
CA ASP B 179 -20.53 -5.72 42.50
C ASP B 179 -19.43 -5.82 41.44
N PHE B 180 -19.37 -6.97 40.77
CA PHE B 180 -18.50 -7.27 39.64
C PHE B 180 -19.29 -8.13 38.65
N ARG B 181 -19.18 -7.86 37.34
CA ARG B 181 -19.73 -8.70 36.27
C ARG B 181 -18.71 -8.95 35.19
N ILE B 182 -18.76 -10.12 34.57
CA ILE B 182 -17.81 -10.61 33.58
C ILE B 182 -18.50 -10.99 32.26
N GLY B 183 -17.87 -10.74 31.13
CA GLY B 183 -18.33 -11.13 29.80
C GLY B 183 -17.18 -11.62 28.93
N PHE B 184 -17.47 -12.36 27.87
CA PHE B 184 -16.46 -12.92 26.97
C PHE B 184 -16.85 -12.71 25.51
N GLY B 185 -15.90 -12.35 24.68
CA GLY B 185 -16.02 -12.36 23.23
C GLY B 185 -14.70 -12.65 22.56
N SER B 186 -14.73 -13.12 21.32
CA SER B 186 -13.55 -13.66 20.65
C SER B 186 -13.40 -13.18 19.22
N PHE B 187 -12.16 -13.06 18.74
CA PHE B 187 -11.87 -12.52 17.41
C PHE B 187 -10.79 -13.31 16.67
N VAL B 188 -10.74 -13.17 15.34
CA VAL B 188 -9.63 -13.65 14.52
C VAL B 188 -9.22 -12.60 13.48
N GLU B 189 -9.98 -12.43 12.40
CA GLU B 189 -9.56 -11.62 11.26
C GLU B 189 -10.73 -11.28 10.32
N LYS B 190 -10.59 -10.29 9.44
CA LYS B 190 -11.49 -10.14 8.29
C LYS B 190 -11.50 -11.40 7.44
N THR B 191 -12.67 -11.90 7.09
CA THR B 191 -12.86 -13.14 6.33
C THR B 191 -12.77 -12.93 4.81
N VAL B 192 -11.70 -12.29 4.33
CA VAL B 192 -11.49 -11.96 2.90
C VAL B 192 -10.05 -12.19 2.43
N MET B 193 -9.89 -12.26 1.11
CA MET B 193 -8.84 -13.00 0.38
C MET B 193 -7.36 -12.80 0.76
N PRO B 194 -6.84 -11.62 1.15
CA PRO B 194 -5.43 -11.52 1.55
C PRO B 194 -5.16 -12.11 2.94
N TYR B 195 -6.12 -11.98 3.87
CA TYR B 195 -5.92 -12.24 5.29
C TYR B 195 -6.23 -13.69 5.69
N ILE B 196 -6.96 -14.43 4.85
CA ILE B 196 -7.28 -15.83 5.02
C ILE B 196 -6.97 -16.62 3.75
N SER B 197 -6.38 -17.81 3.86
CA SER B 197 -6.29 -18.71 2.71
C SER B 197 -7.69 -19.16 2.32
N THR B 198 -8.06 -18.95 1.06
CA THR B 198 -9.47 -18.95 0.61
C THR B 198 -9.82 -20.22 -0.19
N THR B 199 -8.93 -21.22 -0.24
CA THR B 199 -9.26 -22.52 -0.83
C THR B 199 -10.37 -23.21 -0.04
N PRO B 200 -11.19 -24.10 -0.64
CA PRO B 200 -12.29 -24.76 0.07
C PRO B 200 -11.84 -25.54 1.32
N ALA B 201 -10.68 -26.19 1.24
CA ALA B 201 -10.04 -26.86 2.36
C ALA B 201 -9.71 -25.89 3.51
N LYS B 202 -9.02 -24.77 3.24
CA LYS B 202 -8.63 -23.80 4.27
C LYS B 202 -9.77 -22.90 4.75
N LEU B 203 -10.89 -22.84 4.04
CA LEU B 203 -12.14 -22.30 4.58
C LEU B 203 -12.79 -23.26 5.59
N ARG B 204 -12.77 -24.58 5.36
CA ARG B 204 -13.31 -25.56 6.32
C ARG B 204 -12.43 -25.73 7.56
N ASN B 205 -11.11 -25.83 7.41
CA ASN B 205 -10.13 -25.92 8.48
C ASN B 205 -8.93 -25.02 8.16
N PRO B 206 -8.76 -23.87 8.84
CA PRO B 206 -7.68 -22.92 8.56
C PRO B 206 -6.24 -23.38 8.86
N CYS B 207 -6.04 -24.58 9.39
CA CYS B 207 -4.78 -25.07 9.97
C CYS B 207 -4.26 -26.33 9.25
N THR B 208 -3.17 -26.93 9.73
CA THR B 208 -2.69 -28.24 9.25
C THR B 208 -3.66 -29.36 9.66
N SER B 209 -3.74 -30.45 8.89
CA SER B 209 -4.86 -31.42 9.01
C SER B 209 -4.97 -32.12 10.37
N GLU B 210 -3.89 -32.22 11.14
CA GLU B 210 -3.90 -32.74 12.53
C GLU B 210 -4.40 -31.74 13.58
N GLN B 211 -4.59 -30.46 13.22
CA GLN B 211 -5.10 -29.40 14.08
C GLN B 211 -6.56 -29.12 13.69
N ASN B 212 -7.46 -29.32 14.65
CA ASN B 212 -8.90 -29.19 14.41
C ASN B 212 -9.46 -27.79 14.61
N CYS B 213 -9.03 -26.86 13.82
CA CYS B 213 -9.50 -25.48 13.83
C CYS B 213 -10.91 -25.33 13.21
N THR B 214 -11.76 -24.51 13.83
CA THR B 214 -13.01 -24.02 13.20
C THR B 214 -12.72 -22.97 12.12
N SER B 215 -13.64 -22.72 11.19
CA SER B 215 -13.46 -21.71 10.14
C SER B 215 -13.35 -20.28 10.73
N PRO B 216 -12.69 -19.32 10.03
CA PRO B 216 -12.39 -18.02 10.61
C PRO B 216 -13.61 -17.11 10.76
N PHE B 217 -13.52 -16.13 11.64
CA PHE B 217 -14.56 -15.15 11.95
C PHE B 217 -13.93 -13.83 12.36
N SER B 218 -14.64 -12.72 12.24
CA SER B 218 -14.09 -11.43 12.66
C SER B 218 -14.27 -11.17 14.15
N TYR B 219 -15.49 -11.28 14.67
CA TYR B 219 -15.79 -11.14 16.10
C TYR B 219 -17.06 -11.91 16.50
N LYS B 220 -17.08 -12.51 17.69
CA LYS B 220 -18.23 -13.11 18.39
C LYS B 220 -18.44 -12.50 19.76
N ASN B 221 -19.63 -12.01 20.06
CA ASN B 221 -20.04 -11.69 21.43
C ASN B 221 -20.58 -12.95 22.12
N VAL B 222 -19.71 -13.79 22.68
CA VAL B 222 -20.09 -15.10 23.25
C VAL B 222 -21.00 -14.94 24.47
N LEU B 223 -20.66 -14.03 25.38
CA LEU B 223 -21.35 -13.83 26.65
C LEU B 223 -21.36 -12.35 27.03
N SER B 224 -22.53 -11.72 26.92
CA SER B 224 -22.81 -10.39 27.44
C SER B 224 -22.71 -10.36 28.96
N LEU B 225 -22.27 -9.25 29.53
CA LEU B 225 -21.83 -9.15 30.93
C LEU B 225 -22.81 -9.80 31.92
N THR B 226 -22.31 -10.63 32.84
CA THR B 226 -23.14 -11.34 33.82
C THR B 226 -22.47 -11.46 35.18
N ASN B 227 -23.25 -11.59 36.26
CA ASN B 227 -22.75 -11.94 37.59
C ASN B 227 -22.69 -13.46 37.82
N LYS B 228 -23.29 -14.27 36.94
CA LYS B 228 -23.32 -15.74 37.04
C LYS B 228 -22.01 -16.31 36.49
N GLY B 229 -20.98 -16.33 37.33
CA GLY B 229 -19.63 -16.70 36.95
C GLY B 229 -19.50 -18.09 36.34
N GLU B 230 -20.24 -19.08 36.80
CA GLU B 230 -20.23 -20.44 36.24
C GLU B 230 -20.74 -20.52 34.78
N VAL B 231 -21.50 -19.53 34.30
CA VAL B 231 -21.90 -19.42 32.88
C VAL B 231 -20.73 -18.99 32.01
N PHE B 232 -19.80 -18.17 32.52
CA PHE B 232 -18.54 -17.89 31.83
C PHE B 232 -17.75 -19.18 31.66
N ASN B 233 -17.51 -19.94 32.74
CA ASN B 233 -16.78 -21.21 32.64
C ASN B 233 -17.43 -22.19 31.65
N GLU B 234 -18.76 -22.32 31.69
CA GLU B 234 -19.51 -23.18 30.78
C GLU B 234 -19.32 -22.79 29.31
N LEU B 235 -19.61 -21.55 28.94
CA LEU B 235 -19.55 -21.11 27.55
C LEU B 235 -18.10 -21.00 27.06
N VAL B 236 -17.19 -20.43 27.84
CA VAL B 236 -15.77 -20.31 27.45
C VAL B 236 -15.09 -21.69 27.35
N GLY B 237 -15.50 -22.67 28.15
CA GLY B 237 -14.96 -24.01 28.10
C GLY B 237 -15.36 -24.82 26.87
N LYS B 238 -16.38 -24.38 26.10
CA LYS B 238 -16.86 -25.06 24.89
C LYS B 238 -16.61 -24.31 23.59
N GLN B 239 -15.83 -23.23 23.60
CA GLN B 239 -15.33 -22.58 22.39
C GLN B 239 -14.27 -23.47 21.73
N ARG B 240 -14.12 -23.38 20.40
CA ARG B 240 -13.08 -24.07 19.64
C ARG B 240 -12.17 -23.07 18.93
N ILE B 241 -10.87 -23.34 18.94
CA ILE B 241 -9.85 -22.48 18.34
C ILE B 241 -9.98 -22.41 16.82
N SER B 242 -9.51 -21.35 16.19
CA SER B 242 -9.54 -21.14 14.75
C SER B 242 -8.14 -20.84 14.20
N GLY B 243 -8.02 -20.33 12.98
CA GLY B 243 -6.71 -20.02 12.39
C GLY B 243 -6.82 -18.97 11.31
N ASN B 244 -5.66 -18.50 10.87
CA ASN B 244 -5.54 -17.31 10.04
C ASN B 244 -4.24 -17.31 9.23
N LEU B 245 -4.14 -16.50 8.18
CA LEU B 245 -2.93 -16.45 7.38
C LEU B 245 -1.89 -15.43 7.88
N ASP B 246 -2.15 -14.12 7.79
CA ASP B 246 -1.13 -13.13 8.14
C ASP B 246 -0.99 -12.93 9.67
N SER B 247 0.21 -12.58 10.12
CA SER B 247 0.54 -12.52 11.55
C SER B 247 -0.27 -11.50 12.37
N PRO B 248 -0.34 -10.20 12.03
CA PRO B 248 -1.18 -9.26 12.78
C PRO B 248 -2.64 -9.63 12.62
N GLU B 249 -3.48 -9.45 13.64
CA GLU B 249 -4.84 -9.99 13.65
C GLU B 249 -5.90 -8.89 13.63
N GLY B 250 -7.13 -9.23 13.28
CA GLY B 250 -8.22 -8.27 13.11
C GLY B 250 -8.97 -7.92 14.39
N GLY B 251 -8.21 -7.46 15.39
CA GLY B 251 -8.73 -7.18 16.74
C GLY B 251 -9.29 -5.79 16.92
N PHE B 252 -8.88 -4.83 16.11
CA PHE B 252 -9.34 -3.44 16.21
C PHE B 252 -10.80 -3.23 15.80
N ASP B 253 -11.34 -3.94 14.80
CA ASP B 253 -12.78 -3.93 14.55
C ASP B 253 -13.59 -4.87 15.47
N ALA B 254 -12.94 -5.61 16.37
CA ALA B 254 -13.57 -6.21 17.55
C ALA B 254 -13.60 -5.25 18.75
N ILE B 255 -12.54 -4.47 19.01
CA ILE B 255 -12.54 -3.38 20.00
C ILE B 255 -13.62 -2.35 19.66
N MET B 256 -13.76 -1.94 18.39
CA MET B 256 -14.78 -0.98 17.99
C MET B 256 -16.18 -1.48 18.32
N GLN B 257 -16.54 -2.73 18.02
CA GLN B 257 -17.87 -3.26 18.28
C GLN B 257 -18.16 -3.37 19.77
N VAL B 258 -17.19 -3.80 20.59
CA VAL B 258 -17.32 -3.81 22.06
C VAL B 258 -17.58 -2.41 22.62
N ALA B 259 -16.96 -1.36 22.09
CA ALA B 259 -17.20 0.00 22.53
C ALA B 259 -18.59 0.51 22.14
N VAL B 260 -18.97 0.39 20.87
CA VAL B 260 -20.18 1.02 20.31
C VAL B 260 -21.47 0.21 20.45
N CYS B 261 -21.42 -1.09 20.74
CA CYS B 261 -22.62 -1.94 20.87
C CYS B 261 -23.36 -1.84 22.22
N GLY B 262 -22.85 -1.15 23.23
CA GLY B 262 -23.64 -0.70 24.39
C GLY B 262 -24.47 -1.79 25.07
N SER B 263 -25.79 -1.71 24.95
CA SER B 263 -26.77 -2.63 25.57
C SER B 263 -26.67 -4.08 25.11
N LEU B 264 -26.08 -4.38 23.95
CA LEU B 264 -25.84 -5.76 23.50
C LEU B 264 -24.71 -6.41 24.29
N ILE B 265 -23.63 -5.68 24.54
CA ILE B 265 -22.55 -6.13 25.44
C ILE B 265 -23.03 -6.14 26.89
N GLY B 266 -23.91 -5.21 27.24
CA GLY B 266 -24.60 -5.14 28.52
C GLY B 266 -24.02 -4.13 29.51
N TRP B 267 -23.17 -3.21 29.07
CA TRP B 267 -22.45 -2.27 29.94
C TRP B 267 -23.37 -1.40 30.82
N ARG B 268 -23.02 -1.21 32.10
CA ARG B 268 -23.66 -0.24 33.03
C ARG B 268 -22.92 1.10 33.05
N ASN B 269 -23.38 1.99 33.95
CA ASN B 269 -22.70 3.25 34.23
C ASN B 269 -21.91 2.90 35.47
N VAL B 270 -20.75 2.32 35.30
CA VAL B 270 -19.80 1.79 36.32
C VAL B 270 -18.38 1.87 35.75
N THR B 271 -17.32 1.32 36.37
CA THR B 271 -16.03 1.24 35.64
C THR B 271 -16.07 0.12 34.60
N ARG B 272 -15.96 0.46 33.31
CA ARG B 272 -15.94 -0.47 32.19
C ARG B 272 -14.51 -0.86 31.84
N LEU B 273 -14.11 -2.09 32.13
CA LEU B 273 -12.79 -2.63 31.82
C LEU B 273 -12.88 -3.54 30.59
N LEU B 274 -12.03 -3.32 29.59
CA LEU B 274 -11.90 -4.21 28.45
C LEU B 274 -10.54 -4.87 28.53
N VAL B 275 -10.46 -6.20 28.64
CA VAL B 275 -9.19 -6.93 28.55
C VAL B 275 -9.04 -7.44 27.13
N PHE B 276 -8.01 -6.99 26.43
CA PHE B 276 -7.69 -7.41 25.08
C PHE B 276 -6.49 -8.35 25.12
N SER B 277 -6.74 -9.64 24.86
CA SER B 277 -5.77 -10.73 25.03
C SER B 277 -5.36 -11.31 23.68
N THR B 278 -4.07 -11.29 23.37
CA THR B 278 -3.51 -11.68 22.07
C THR B 278 -2.01 -11.88 22.14
N ASP B 279 -1.42 -12.51 21.12
CA ASP B 279 0.01 -12.74 20.97
C ASP B 279 0.55 -12.22 19.62
N ALA B 280 -0.09 -11.21 19.02
CA ALA B 280 0.29 -10.62 17.74
C ALA B 280 0.02 -9.11 17.66
N GLY B 281 0.58 -8.45 16.66
CA GLY B 281 0.27 -7.05 16.33
C GLY B 281 -1.14 -6.84 15.77
N PHE B 282 -1.52 -5.59 15.56
CA PHE B 282 -2.88 -5.20 15.16
C PHE B 282 -2.91 -4.73 13.70
N HIS B 283 -3.92 -5.14 12.93
CA HIS B 283 -4.26 -4.46 11.68
C HIS B 283 -4.96 -3.13 11.98
N PHE B 284 -4.69 -2.08 11.21
CA PHE B 284 -5.26 -0.73 11.34
C PHE B 284 -5.69 -0.17 9.99
N ALA B 285 -6.37 0.99 9.96
CA ALA B 285 -6.90 1.55 8.72
C ALA B 285 -5.87 1.69 7.60
N GLY B 286 -6.27 1.48 6.36
CA GLY B 286 -5.39 1.42 5.20
C GLY B 286 -4.91 -0.01 4.87
N ASP B 287 -4.91 -0.93 5.82
CA ASP B 287 -4.67 -2.36 5.58
C ASP B 287 -5.82 -3.02 4.81
N GLY B 288 -7.03 -2.46 4.85
CA GLY B 288 -8.16 -2.91 4.07
C GLY B 288 -7.92 -2.79 2.56
N LYS B 289 -7.08 -1.86 2.11
CA LYS B 289 -6.85 -1.59 0.69
C LYS B 289 -6.28 -2.80 -0.05
N LEU B 290 -5.46 -3.63 0.61
CA LEU B 290 -4.95 -4.87 0.04
C LEU B 290 -6.07 -5.88 -0.26
N GLY B 291 -7.18 -5.84 0.46
CA GLY B 291 -8.37 -6.65 0.22
C GLY B 291 -9.44 -5.95 -0.63
N GLY B 292 -9.17 -4.78 -1.18
CA GLY B 292 -10.15 -3.99 -1.92
C GLY B 292 -11.20 -3.30 -1.05
N ILE B 293 -10.94 -3.17 0.26
CA ILE B 293 -11.85 -2.53 1.21
C ILE B 293 -11.41 -1.08 1.41
N VAL B 294 -12.26 -0.12 1.04
CA VAL B 294 -11.90 1.31 0.98
C VAL B 294 -12.82 2.24 1.77
N LEU B 295 -14.03 1.81 2.16
CA LEU B 295 -14.89 2.57 3.07
C LEU B 295 -14.26 2.60 4.46
N PRO B 296 -14.09 3.78 5.09
CA PRO B 296 -13.68 3.88 6.49
C PRO B 296 -14.67 3.21 7.43
N ASN B 297 -14.22 2.80 8.62
CA ASN B 297 -15.11 2.28 9.64
C ASN B 297 -16.06 3.38 10.14
N ASP B 298 -17.38 3.16 10.11
CA ASP B 298 -18.35 4.16 10.58
C ASP B 298 -18.45 4.24 12.10
N GLY B 299 -17.99 3.22 12.84
CA GLY B 299 -18.01 3.20 14.30
C GLY B 299 -19.42 3.08 14.87
N GLN B 300 -20.15 2.07 14.40
CA GLN B 300 -21.54 1.77 14.76
C GLN B 300 -21.71 0.26 14.95
N CYS B 301 -22.76 -0.17 15.65
CA CYS B 301 -22.93 -1.58 15.96
C CYS B 301 -23.52 -2.35 14.77
N HIS B 302 -22.87 -3.42 14.33
CA HIS B 302 -23.26 -4.26 13.19
C HIS B 302 -23.37 -5.76 13.56
N LEU B 303 -23.65 -6.06 14.82
CA LEU B 303 -23.86 -7.44 15.31
C LEU B 303 -25.21 -7.99 14.84
N GLU B 304 -25.21 -9.21 14.31
CA GLU B 304 -26.41 -10.02 14.05
C GLU B 304 -26.16 -11.42 14.59
N ASN B 305 -27.10 -12.02 15.35
CA ASN B 305 -26.92 -13.31 16.01
C ASN B 305 -25.59 -13.39 16.80
N ASN B 306 -25.20 -12.30 17.46
CA ASN B 306 -23.93 -12.08 18.17
C ASN B 306 -22.63 -12.10 17.32
N MET B 307 -22.72 -12.30 16.01
CA MET B 307 -21.59 -12.21 15.07
C MET B 307 -21.43 -10.80 14.51
N TYR B 308 -20.21 -10.29 14.37
CA TYR B 308 -19.97 -9.09 13.56
C TYR B 308 -20.10 -9.42 12.08
N THR B 309 -21.21 -8.98 11.50
CA THR B 309 -21.44 -8.93 10.05
C THR B 309 -20.79 -7.68 9.46
N MET B 310 -20.45 -7.66 8.17
CA MET B 310 -19.84 -6.50 7.48
C MET B 310 -18.37 -6.20 7.78
N SER B 311 -17.62 -7.17 8.30
CA SER B 311 -16.15 -7.04 8.39
C SER B 311 -15.47 -6.98 7.01
N HIS B 312 -16.08 -7.54 5.98
CA HIS B 312 -15.69 -7.49 4.57
C HIS B 312 -15.99 -6.16 3.87
N TYR B 313 -16.71 -5.25 4.51
CA TYR B 313 -17.27 -4.04 3.88
C TYR B 313 -16.61 -2.76 4.39
N TYR B 314 -16.35 -2.66 5.70
CA TYR B 314 -15.70 -1.52 6.33
C TYR B 314 -14.24 -1.83 6.64
N ASP B 315 -13.32 -0.90 6.42
CA ASP B 315 -11.91 -1.02 6.80
C ASP B 315 -11.73 -1.19 8.33
N TYR B 316 -10.53 -1.56 8.78
CA TYR B 316 -10.18 -1.49 10.20
C TYR B 316 -10.20 -0.03 10.66
N PRO B 317 -10.47 0.28 11.95
CA PRO B 317 -10.34 1.66 12.42
C PRO B 317 -8.88 2.09 12.53
N SER B 318 -8.62 3.38 12.42
CA SER B 318 -7.36 3.98 12.83
C SER B 318 -7.30 4.05 14.35
N ILE B 319 -6.11 4.24 14.93
CA ILE B 319 -5.98 4.49 16.37
C ILE B 319 -6.76 5.75 16.76
N ALA B 320 -6.78 6.78 15.92
CA ALA B 320 -7.50 8.03 16.17
C ALA B 320 -9.02 7.90 16.27
N HIS B 321 -9.62 6.87 15.67
CA HIS B 321 -11.03 6.54 15.79
C HIS B 321 -11.32 5.68 17.02
N LEU B 322 -10.42 4.77 17.41
CA LEU B 322 -10.50 4.08 18.71
C LEU B 322 -10.28 5.03 19.90
N VAL B 323 -9.35 5.98 19.81
CA VAL B 323 -9.16 7.04 20.82
C VAL B 323 -10.46 7.78 21.08
N GLN B 324 -11.18 8.17 20.02
CA GLN B 324 -12.49 8.79 20.12
C GLN B 324 -13.52 7.86 20.79
N LYS B 325 -13.77 6.68 20.23
CA LYS B 325 -14.88 5.80 20.64
C LYS B 325 -14.67 5.13 21.99
N LEU B 326 -13.45 4.80 22.39
CA LEU B 326 -13.18 4.30 23.73
C LEU B 326 -13.42 5.41 24.76
N SER B 327 -12.92 6.62 24.53
CA SER B 327 -13.08 7.77 25.44
C SER B 327 -14.52 8.23 25.57
N GLU B 328 -15.28 8.26 24.48
CA GLU B 328 -16.70 8.60 24.46
C GLU B 328 -17.57 7.57 25.20
N ASN B 329 -17.24 6.28 25.11
CA ASN B 329 -17.98 5.19 25.73
C ASN B 329 -17.41 4.72 27.08
N ASN B 330 -16.55 5.50 27.72
CA ASN B 330 -16.00 5.29 29.07
C ASN B 330 -15.19 4.00 29.28
N ILE B 331 -14.58 3.45 28.24
CA ILE B 331 -13.93 2.12 28.32
C ILE B 331 -12.43 2.27 28.53
N GLN B 332 -11.92 1.51 29.50
CA GLN B 332 -10.52 1.47 29.90
C GLN B 332 -9.91 0.14 29.50
N THR B 333 -8.86 0.17 28.68
CA THR B 333 -8.37 -1.02 27.98
C THR B 333 -7.13 -1.57 28.67
N ILE B 334 -7.10 -2.86 28.95
CA ILE B 334 -5.95 -3.59 29.44
C ILE B 334 -5.45 -4.44 28.27
N PHE B 335 -4.29 -4.12 27.73
CA PHE B 335 -3.62 -4.92 26.71
C PHE B 335 -2.81 -6.01 27.39
N ALA B 336 -3.41 -7.19 27.56
CA ALA B 336 -2.76 -8.36 28.13
C ALA B 336 -2.06 -9.11 27.00
N VAL B 337 -0.80 -8.77 26.69
CA VAL B 337 -0.12 -9.23 25.47
C VAL B 337 1.25 -9.84 25.77
N THR B 338 1.69 -10.79 24.97
CA THR B 338 2.89 -11.59 25.24
C THR B 338 4.17 -10.75 25.18
N GLU B 339 5.28 -11.30 25.68
CA GLU B 339 6.56 -10.60 25.84
C GLU B 339 7.16 -10.07 24.54
N GLU B 340 6.88 -10.70 23.40
CA GLU B 340 7.41 -10.31 22.08
C GLU B 340 6.86 -8.96 21.59
N PHE B 341 5.59 -8.68 21.86
CA PHE B 341 4.86 -7.54 21.31
C PHE B 341 4.71 -6.36 22.28
N GLN B 342 5.34 -6.43 23.45
CA GLN B 342 5.42 -5.30 24.37
C GLN B 342 5.80 -3.97 23.70
N PRO B 343 6.85 -3.83 22.86
CA PRO B 343 7.24 -2.54 22.30
C PRO B 343 6.24 -1.88 21.34
N VAL B 344 5.29 -2.60 20.72
CA VAL B 344 4.17 -1.96 20.00
C VAL B 344 3.04 -1.57 20.93
N TYR B 345 2.55 -2.45 21.81
CA TYR B 345 1.44 -2.12 22.70
C TYR B 345 1.82 -1.08 23.77
N LYS B 346 3.09 -1.00 24.19
CA LYS B 346 3.64 0.08 25.03
C LYS B 346 3.58 1.47 24.37
N GLU B 347 3.46 1.56 23.04
CA GLU B 347 3.23 2.83 22.33
C GLU B 347 1.76 3.05 21.96
N LEU B 348 1.00 2.00 21.66
CA LEU B 348 -0.46 2.08 21.58
C LEU B 348 -1.07 2.62 22.88
N LYS B 349 -0.52 2.24 24.05
CA LYS B 349 -0.80 2.80 25.37
C LYS B 349 -0.56 4.31 25.46
N ASN B 350 0.46 4.85 24.80
CA ASN B 350 0.76 6.28 24.83
C ASN B 350 -0.26 7.08 23.99
N LEU B 351 -0.82 6.48 22.94
CA LEU B 351 -1.83 7.10 22.11
C LEU B 351 -3.24 6.99 22.71
N ILE B 352 -3.66 5.80 23.17
CA ILE B 352 -5.00 5.55 23.72
C ILE B 352 -5.05 5.94 25.21
N PRO B 353 -5.75 7.02 25.61
CA PRO B 353 -5.73 7.52 26.98
C PRO B 353 -6.47 6.60 27.96
N LYS B 354 -5.99 6.55 29.20
CA LYS B 354 -6.50 5.66 30.27
C LYS B 354 -6.55 4.19 29.86
N SER B 355 -5.41 3.70 29.37
CA SER B 355 -5.16 2.30 29.02
C SER B 355 -3.85 1.79 29.64
N ALA B 356 -3.70 0.47 29.77
CA ALA B 356 -2.60 -0.19 30.45
C ALA B 356 -2.11 -1.40 29.67
N VAL B 357 -0.86 -1.85 29.89
CA VAL B 357 -0.26 -3.02 29.23
C VAL B 357 0.31 -3.96 30.27
N GLY B 358 0.10 -5.27 30.12
CA GLY B 358 0.72 -6.30 30.96
C GLY B 358 1.46 -7.33 30.09
N THR B 359 2.43 -8.03 30.67
CA THR B 359 3.14 -9.13 30.00
C THR B 359 2.41 -10.44 30.26
N LEU B 360 1.66 -10.91 29.27
CA LEU B 360 0.92 -12.16 29.33
C LEU B 360 1.88 -13.36 29.29
N SER B 361 1.69 -14.35 30.15
CA SER B 361 2.38 -15.65 30.06
C SER B 361 2.00 -16.36 28.77
N ALA B 362 2.92 -17.08 28.16
CA ALA B 362 2.62 -17.85 26.94
C ALA B 362 1.29 -18.58 27.05
N ASN B 363 0.87 -19.09 28.23
CA ASN B 363 -0.37 -19.89 28.40
C ASN B 363 -1.37 -19.13 29.27
N SER B 364 -1.31 -17.81 29.33
CA SER B 364 -2.25 -16.95 30.08
C SER B 364 -2.42 -17.40 31.53
N SER B 365 -1.48 -18.16 32.06
CA SER B 365 -1.54 -18.63 33.45
C SER B 365 -1.43 -17.52 34.51
N ASN B 366 -0.93 -16.32 34.19
CA ASN B 366 -0.88 -15.18 35.09
C ASN B 366 -2.06 -14.19 34.95
N VAL B 367 -3.15 -14.54 34.25
CA VAL B 367 -4.18 -13.57 33.85
C VAL B 367 -4.81 -12.82 35.02
N ILE B 368 -5.17 -13.48 36.10
CA ILE B 368 -5.90 -12.85 37.20
C ILE B 368 -5.07 -11.75 37.88
N GLN B 369 -3.78 -11.98 38.14
CA GLN B 369 -2.91 -10.97 38.73
C GLN B 369 -2.53 -9.86 37.72
N LEU B 370 -2.43 -10.18 36.43
CA LEU B 370 -2.19 -9.19 35.38
C LEU B 370 -3.33 -8.15 35.34
N ILE B 371 -4.58 -8.62 35.34
CA ILE B 371 -5.78 -7.77 35.35
C ILE B 371 -5.83 -6.90 36.59
N ILE B 372 -5.54 -7.44 37.77
CA ILE B 372 -5.61 -6.71 39.05
C ILE B 372 -4.48 -5.68 39.18
N ASP B 373 -3.25 -5.98 38.77
CA ASP B 373 -2.17 -4.98 38.71
C ASP B 373 -2.52 -3.84 37.74
N ALA B 374 -3.08 -4.17 36.57
CA ALA B 374 -3.48 -3.18 35.58
C ALA B 374 -4.65 -2.31 36.08
N TYR B 375 -5.68 -2.91 36.70
CA TYR B 375 -6.77 -2.17 37.32
C TYR B 375 -6.28 -1.19 38.38
N ASN B 376 -5.34 -1.58 39.26
CA ASN B 376 -4.76 -0.67 40.24
C ASN B 376 -4.02 0.51 39.58
N SER B 377 -3.37 0.30 38.44
CA SER B 377 -2.75 1.36 37.63
C SER B 377 -3.78 2.29 36.97
N LEU B 378 -4.85 1.74 36.39
CA LEU B 378 -5.94 2.50 35.77
C LEU B 378 -6.74 3.30 36.79
N SER B 379 -7.04 2.72 37.95
CA SER B 379 -7.95 3.29 38.95
C SER B 379 -7.33 4.39 39.81
N SER B 380 -6.02 4.34 40.05
CA SER B 380 -5.28 5.30 40.89
C SER B 380 -4.83 6.59 40.17
N GLU B 381 -5.35 6.88 38.98
CA GLU B 381 -5.07 8.11 38.22
C GLU B 381 -6.36 8.78 37.71
N VAL B 382 -6.40 10.11 37.75
CA VAL B 382 -7.46 10.95 37.17
C VAL B 382 -6.91 11.74 35.99
N ILE B 383 -7.68 11.87 34.91
CA ILE B 383 -7.39 12.78 33.80
C ILE B 383 -8.66 13.60 33.51
N LEU B 384 -8.59 14.94 33.46
CA LEU B 384 -9.74 15.79 33.14
C LEU B 384 -9.83 16.11 31.64
N GLU B 385 -10.88 15.59 31.00
CA GLU B 385 -11.37 15.99 29.68
C GLU B 385 -12.24 17.25 29.79
N ASN B 386 -12.44 17.97 28.69
CA ASN B 386 -13.49 18.98 28.58
C ASN B 386 -14.19 18.91 27.21
N GLY B 387 -15.47 19.27 27.17
CA GLY B 387 -16.20 19.47 25.91
C GLY B 387 -15.62 20.61 25.08
N LYS B 388 -15.91 20.61 23.77
CA LYS B 388 -15.42 21.62 22.81
C LYS B 388 -15.77 23.04 23.25
N LEU B 389 -14.76 23.90 23.35
CA LEU B 389 -14.93 25.32 23.59
C LEU B 389 -15.44 26.07 22.35
N SER B 390 -16.31 27.06 22.55
CA SER B 390 -16.73 28.01 21.51
C SER B 390 -15.61 29.01 21.16
N GLU B 391 -15.78 29.73 20.05
CA GLU B 391 -14.72 30.56 19.45
C GLU B 391 -14.15 31.63 20.39
N GLY B 392 -12.83 31.79 20.38
CA GLY B 392 -12.12 32.77 21.23
C GLY B 392 -12.01 32.41 22.71
N VAL B 393 -12.71 31.38 23.20
CA VAL B 393 -12.59 30.88 24.58
C VAL B 393 -11.30 30.07 24.74
N THR B 394 -10.72 30.05 25.94
CA THR B 394 -9.49 29.33 26.30
C THR B 394 -9.63 28.72 27.69
N ILE B 395 -8.95 27.60 27.95
CA ILE B 395 -8.95 26.89 29.24
C ILE B 395 -7.53 26.46 29.63
N SER B 396 -7.22 26.47 30.92
CA SER B 396 -5.97 25.89 31.45
C SER B 396 -6.17 25.30 32.85
N TYR B 397 -5.28 24.37 33.23
CA TYR B 397 -5.43 23.53 34.41
C TYR B 397 -4.21 23.60 35.33
N LYS B 398 -4.44 23.58 36.64
CA LYS B 398 -3.45 23.22 37.67
C LYS B 398 -4.00 22.10 38.55
N SER B 399 -3.12 21.20 38.97
CA SER B 399 -3.48 19.98 39.69
C SER B 399 -2.64 19.83 40.95
N TYR B 400 -3.28 19.52 42.08
CA TYR B 400 -2.64 19.34 43.38
C TYR B 400 -2.92 17.93 43.93
N CYS B 401 -1.88 17.13 44.12
CA CYS B 401 -1.98 15.70 44.37
C CYS B 401 -1.33 15.27 45.70
N LYS B 402 -1.34 13.96 46.00
CA LYS B 402 -0.83 13.40 47.26
C LYS B 402 0.68 13.63 47.43
N ASN B 403 1.15 13.70 48.68
CA ASN B 403 2.55 13.94 49.03
C ASN B 403 3.13 15.27 48.45
N GLY B 404 2.26 16.25 48.15
CA GLY B 404 2.64 17.59 47.70
C GLY B 404 3.07 17.72 46.24
N VAL B 405 3.03 16.65 45.43
CA VAL B 405 3.37 16.72 44.00
C VAL B 405 2.26 17.41 43.20
N ASN B 406 2.63 18.39 42.35
CA ASN B 406 1.64 19.15 41.56
C ASN B 406 1.96 19.21 40.08
N GLY B 407 1.10 19.85 39.29
CA GLY B 407 1.27 20.00 37.84
C GLY B 407 0.52 21.17 37.23
N THR B 408 0.96 21.59 36.05
CA THR B 408 0.45 22.75 35.29
C THR B 408 0.54 22.47 33.77
N GLY B 409 -0.15 23.26 32.94
CA GLY B 409 -0.24 23.02 31.49
C GLY B 409 -1.10 21.80 31.16
N GLU B 410 -0.83 21.07 30.07
CA GLU B 410 -1.57 19.82 29.80
C GLU B 410 -1.34 18.74 30.86
N ASN B 411 -0.17 18.72 31.51
CA ASN B 411 0.07 17.86 32.68
C ASN B 411 -0.83 18.25 33.88
N GLY B 412 -1.31 19.49 33.94
CA GLY B 412 -2.31 19.95 34.91
C GLY B 412 -3.67 19.24 34.79
N ARG B 413 -3.97 18.53 33.71
CA ARG B 413 -5.16 17.68 33.62
C ARG B 413 -5.06 16.38 34.42
N LYS B 414 -3.85 15.91 34.73
CA LYS B 414 -3.57 14.61 35.38
C LYS B 414 -3.49 14.73 36.90
N CYS B 415 -3.76 13.64 37.62
CA CYS B 415 -3.35 13.45 39.01
C CYS B 415 -3.19 11.97 39.37
N SER B 416 -2.27 11.62 40.28
CA SER B 416 -1.72 10.25 40.42
C SER B 416 -1.60 9.75 41.87
N ASN B 417 -1.49 8.45 42.07
CA ASN B 417 -1.34 7.90 43.42
C ASN B 417 -2.62 8.06 44.24
N ILE B 418 -3.76 8.08 43.58
CA ILE B 418 -5.04 8.29 44.25
C ILE B 418 -5.50 6.99 44.92
N SER B 419 -5.33 6.90 46.23
CA SER B 419 -5.71 5.71 47.02
C SER B 419 -7.22 5.64 47.30
N ILE B 420 -7.73 4.50 47.75
CA ILE B 420 -9.17 4.33 47.99
C ILE B 420 -9.61 5.30 49.11
N GLY B 421 -10.65 6.10 48.87
CA GLY B 421 -11.11 7.13 49.81
C GLY B 421 -10.25 8.40 49.87
N ASP B 422 -9.19 8.50 49.06
CA ASP B 422 -8.29 9.65 49.00
C ASP B 422 -8.85 10.81 48.15
N GLU B 423 -8.38 12.03 48.39
CA GLU B 423 -8.91 13.26 47.78
C GLU B 423 -7.84 14.11 47.07
N VAL B 424 -8.29 14.88 46.08
CA VAL B 424 -7.48 15.61 45.09
C VAL B 424 -8.13 16.95 44.78
N GLN B 425 -7.36 17.97 44.40
CA GLN B 425 -7.90 19.25 43.93
C GLN B 425 -7.37 19.63 42.56
N PHE B 426 -8.22 20.26 41.75
CA PHE B 426 -7.85 20.94 40.53
C PHE B 426 -8.31 22.40 40.59
N GLU B 427 -7.54 23.30 40.00
CA GLU B 427 -7.96 24.67 39.72
C GLU B 427 -7.92 24.92 38.22
N ILE B 428 -8.99 25.49 37.67
CA ILE B 428 -9.21 25.59 36.23
C ILE B 428 -9.53 27.03 35.88
N SER B 429 -8.83 27.58 34.90
CA SER B 429 -8.97 28.98 34.47
C SER B 429 -9.55 29.05 33.06
N ILE B 430 -10.73 29.66 32.94
CA ILE B 430 -11.36 30.01 31.66
C ILE B 430 -10.90 31.41 31.24
N THR B 431 -10.90 31.72 29.95
CA THR B 431 -10.53 33.04 29.39
C THR B 431 -11.30 33.27 28.08
N SER B 432 -11.48 34.52 27.66
CA SER B 432 -12.10 34.86 26.37
C SER B 432 -11.31 35.94 25.62
N ASN B 433 -11.58 36.08 24.33
CA ASN B 433 -10.95 37.05 23.42
C ASN B 433 -11.97 37.77 22.51
N LYS B 434 -13.28 37.50 22.68
CA LYS B 434 -14.38 37.92 21.81
C LYS B 434 -15.67 38.14 22.63
N CYS B 435 -16.65 38.81 22.03
CA CYS B 435 -18.05 38.77 22.49
C CYS B 435 -18.92 38.03 21.46
N PRO B 436 -19.23 36.74 21.65
CA PRO B 436 -20.04 35.95 20.71
C PRO B 436 -21.48 36.46 20.55
N LYS B 437 -22.13 36.06 19.45
CA LYS B 437 -23.50 36.49 19.07
C LYS B 437 -24.60 36.10 20.07
N LYS B 438 -24.38 35.04 20.86
CA LYS B 438 -25.26 34.56 21.94
C LYS B 438 -24.65 34.86 23.30
N ASP B 439 -25.47 35.29 24.26
CA ASP B 439 -25.02 35.67 25.60
C ASP B 439 -24.41 34.51 26.42
N SER B 440 -24.75 33.25 26.08
CA SER B 440 -24.26 32.05 26.76
C SER B 440 -24.08 30.82 25.88
N ASP B 441 -23.18 29.96 26.34
CA ASP B 441 -23.03 28.55 25.98
C ASP B 441 -22.49 27.79 27.21
N SER B 442 -22.54 26.45 27.21
CA SER B 442 -22.01 25.64 28.32
C SER B 442 -21.29 24.39 27.83
N PHE B 443 -20.40 23.87 28.66
CA PHE B 443 -19.58 22.70 28.38
C PHE B 443 -19.32 21.92 29.66
N LYS B 444 -18.99 20.63 29.56
CA LYS B 444 -18.73 19.77 30.72
C LYS B 444 -17.24 19.47 30.84
N ILE B 445 -16.71 19.56 32.06
CA ILE B 445 -15.39 19.04 32.45
C ILE B 445 -15.58 17.72 33.20
N ARG B 446 -14.89 16.67 32.78
CA ARG B 446 -15.15 15.34 33.32
C ARG B 446 -13.96 14.41 33.44
N PRO B 447 -13.87 13.61 34.50
CA PRO B 447 -12.82 12.61 34.63
C PRO B 447 -12.96 11.54 33.55
N LEU B 448 -11.92 11.27 32.76
CA LEU B 448 -11.94 10.12 31.84
C LEU B 448 -12.21 8.83 32.62
N GLY B 449 -13.03 7.94 32.05
CA GLY B 449 -13.47 6.71 32.71
C GLY B 449 -14.71 6.82 33.59
N PHE B 450 -15.32 8.01 33.75
CA PHE B 450 -16.53 8.22 34.56
C PHE B 450 -17.59 9.07 33.86
N THR B 451 -18.85 8.88 34.23
CA THR B 451 -20.01 9.68 33.78
C THR B 451 -20.26 10.93 34.61
N GLU B 452 -19.63 11.08 35.77
CA GLU B 452 -19.72 12.28 36.60
C GLU B 452 -19.03 13.49 35.95
N GLU B 453 -19.65 14.66 36.01
CA GLU B 453 -19.22 15.87 35.30
C GLU B 453 -19.42 17.11 36.18
N VAL B 454 -18.66 18.17 35.90
CA VAL B 454 -19.07 19.53 36.24
C VAL B 454 -19.49 20.24 34.97
N GLU B 455 -20.70 20.77 34.93
CA GLU B 455 -21.10 21.70 33.87
C GLU B 455 -20.64 23.12 34.21
N VAL B 456 -19.87 23.73 33.31
CA VAL B 456 -19.54 25.16 33.35
C VAL B 456 -20.42 25.86 32.34
N ILE B 457 -21.18 26.86 32.81
CA ILE B 457 -22.01 27.71 31.97
C ILE B 457 -21.31 29.07 31.85
N LEU B 458 -21.10 29.56 30.63
CA LEU B 458 -20.42 30.83 30.39
C LEU B 458 -21.44 31.91 30.06
N GLN B 459 -21.34 33.05 30.73
CA GLN B 459 -22.08 34.27 30.40
C GLN B 459 -21.08 35.32 29.90
N TYR B 460 -21.16 35.75 28.66
CA TYR B 460 -20.19 36.69 28.09
C TYR B 460 -20.48 38.12 28.58
N ILE B 461 -20.08 39.11 29.41
CA ILE B 461 -20.16 40.57 29.78
C ILE B 461 -19.51 41.38 28.67
N GLU C 1 8.09 -42.02 -20.59
CA GLU C 1 7.22 -40.90 -21.04
C GLU C 1 8.06 -39.66 -21.41
N VAL C 2 7.44 -38.65 -22.03
CA VAL C 2 8.05 -37.36 -22.44
C VAL C 2 9.36 -37.50 -23.26
N HIS C 3 9.37 -38.42 -24.21
CA HIS C 3 10.53 -38.75 -25.03
C HIS C 3 10.83 -37.70 -26.13
N LEU C 4 12.11 -37.60 -26.48
CA LEU C 4 12.63 -36.98 -27.69
C LEU C 4 13.58 -37.98 -28.36
N VAL C 5 13.51 -38.13 -29.68
CA VAL C 5 14.26 -39.16 -30.41
C VAL C 5 14.84 -38.60 -31.71
N GLU C 6 16.15 -38.38 -31.75
CA GLU C 6 16.89 -37.92 -32.91
C GLU C 6 17.23 -39.04 -33.89
N SER C 7 17.21 -38.72 -35.20
CA SER C 7 17.51 -39.62 -36.32
C SER C 7 18.20 -38.86 -37.46
N GLY C 8 18.95 -39.57 -38.29
CA GLY C 8 19.63 -39.00 -39.47
C GLY C 8 21.13 -38.75 -39.31
N GLY C 9 21.76 -39.20 -38.22
CA GLY C 9 23.21 -39.14 -38.04
C GLY C 9 23.96 -40.08 -38.98
N ASP C 10 25.04 -39.61 -39.59
CA ASP C 10 25.75 -40.33 -40.67
C ASP C 10 27.20 -39.83 -40.84
N LEU C 11 28.01 -40.56 -41.60
CA LEU C 11 29.36 -40.17 -42.00
C LEU C 11 29.32 -39.56 -43.40
N VAL C 12 29.81 -38.32 -43.54
CA VAL C 12 29.69 -37.52 -44.76
C VAL C 12 30.96 -36.73 -45.03
N GLN C 13 31.27 -36.44 -46.29
CA GLN C 13 32.44 -35.66 -46.66
C GLN C 13 32.21 -34.17 -46.34
N PRO C 14 33.27 -33.39 -46.02
CA PRO C 14 33.15 -31.94 -45.90
C PRO C 14 32.66 -31.31 -47.20
N GLY C 15 31.98 -30.16 -47.10
CA GLY C 15 31.28 -29.50 -48.20
C GLY C 15 29.89 -30.08 -48.50
N SER C 16 29.56 -31.28 -47.99
CA SER C 16 28.24 -31.90 -48.19
C SER C 16 27.14 -31.24 -47.37
N SER C 17 25.92 -31.78 -47.44
CA SER C 17 24.74 -31.38 -46.67
C SER C 17 24.05 -32.60 -46.04
N LEU C 18 23.38 -32.40 -44.91
CA LEU C 18 22.76 -33.48 -44.14
C LEU C 18 21.46 -33.01 -43.47
N LYS C 19 20.49 -33.90 -43.27
CA LYS C 19 19.19 -33.61 -42.66
C LYS C 19 19.04 -34.44 -41.39
N LEU C 20 18.96 -33.77 -40.24
CA LEU C 20 18.69 -34.36 -38.93
C LEU C 20 17.23 -34.13 -38.55
N SER C 21 16.61 -35.14 -37.97
CA SER C 21 15.20 -35.15 -37.56
C SER C 21 15.09 -35.47 -36.09
N CYS C 22 14.10 -34.94 -35.40
CA CYS C 22 13.78 -35.28 -34.03
C CYS C 22 12.27 -35.45 -33.88
N ALA C 23 11.83 -36.54 -33.25
CA ALA C 23 10.41 -36.78 -32.94
C ALA C 23 10.16 -36.62 -31.44
N ALA C 24 9.12 -35.88 -31.07
CA ALA C 24 8.66 -35.77 -29.69
C ALA C 24 7.49 -36.73 -29.39
N SER C 25 7.28 -37.09 -28.13
CA SER C 25 6.12 -37.87 -27.66
C SER C 25 5.80 -37.59 -26.20
N GLY C 26 4.55 -37.76 -25.79
CA GLY C 26 4.12 -37.62 -24.39
C GLY C 26 3.97 -36.19 -23.86
N PHE C 27 4.24 -35.18 -24.67
CA PHE C 27 3.96 -33.77 -24.37
C PHE C 27 3.46 -33.01 -25.61
N THR C 28 2.78 -31.88 -25.39
CA THR C 28 2.22 -31.06 -26.48
C THR C 28 3.32 -30.24 -27.16
N PHE C 29 3.94 -30.82 -28.19
CA PHE C 29 5.08 -30.26 -28.92
C PHE C 29 4.84 -28.83 -29.46
N SER C 30 3.62 -28.51 -29.86
CA SER C 30 3.21 -27.19 -30.32
C SER C 30 3.14 -26.11 -29.22
N ASN C 31 3.34 -26.47 -27.95
CA ASN C 31 3.36 -25.56 -26.79
C ASN C 31 4.76 -25.34 -26.19
N ARG C 32 5.83 -25.89 -26.77
CA ARG C 32 7.21 -25.74 -26.29
C ARG C 32 8.13 -25.21 -27.37
N TRP C 33 9.08 -24.37 -27.03
CA TRP C 33 10.21 -24.02 -27.90
C TRP C 33 11.21 -25.17 -27.88
N LEU C 34 11.70 -25.57 -29.05
CA LEU C 34 12.62 -26.71 -29.16
C LEU C 34 13.93 -26.20 -29.69
N TYR C 35 14.98 -26.93 -29.51
CA TYR C 35 16.33 -26.42 -29.56
C TYR C 35 17.28 -27.56 -29.95
N TRP C 36 18.39 -27.22 -30.59
CA TRP C 36 19.48 -28.13 -30.92
C TRP C 36 20.73 -27.75 -30.14
N VAL C 37 21.40 -28.73 -29.55
CA VAL C 37 22.66 -28.53 -28.82
C VAL C 37 23.63 -29.58 -29.31
N LYS C 38 24.85 -29.21 -29.73
CA LYS C 38 25.88 -30.15 -30.18
C LYS C 38 26.87 -30.41 -29.05
N GLN C 39 27.57 -31.53 -29.10
CA GLN C 39 28.76 -31.76 -28.30
C GLN C 39 29.83 -32.48 -29.13
N ALA C 40 30.92 -31.80 -29.44
CA ALA C 40 32.03 -32.39 -30.18
C ALA C 40 32.72 -33.50 -29.35
N PRO C 41 33.41 -34.48 -29.97
CA PRO C 41 33.67 -35.81 -29.36
C PRO C 41 34.57 -35.90 -28.10
N GLY C 42 35.00 -34.77 -27.52
CA GLY C 42 35.68 -34.69 -26.24
C GLY C 42 35.62 -33.30 -25.58
N LYS C 43 34.55 -32.54 -25.84
CA LYS C 43 34.43 -31.10 -25.54
C LYS C 43 33.10 -30.76 -24.85
N GLY C 44 32.98 -29.55 -24.31
CA GLY C 44 31.77 -29.06 -23.67
C GLY C 44 30.60 -28.84 -24.63
N LEU C 45 29.40 -28.65 -24.09
CA LEU C 45 28.18 -28.40 -24.86
C LEU C 45 28.27 -27.09 -25.65
N GLU C 46 27.71 -27.05 -26.86
CA GLU C 46 27.50 -25.83 -27.63
C GLU C 46 26.06 -25.78 -28.14
N TRP C 47 25.37 -24.68 -27.91
CA TRP C 47 24.05 -24.43 -28.47
C TRP C 47 24.13 -24.16 -29.98
N VAL C 48 23.37 -24.88 -30.80
CA VAL C 48 23.38 -24.75 -32.27
C VAL C 48 22.36 -23.71 -32.75
N GLY C 49 21.13 -23.81 -32.26
CA GLY C 49 20.04 -22.92 -32.64
C GLY C 49 18.71 -23.42 -32.08
N GLY C 50 17.61 -22.77 -32.41
CA GLY C 50 16.29 -23.16 -31.92
C GLY C 50 15.15 -22.51 -32.67
N LEU C 51 13.92 -22.88 -32.30
CA LEU C 51 12.70 -22.56 -33.03
C LEU C 51 11.49 -22.49 -32.09
N LYS C 52 10.87 -21.31 -32.00
CA LYS C 52 9.70 -21.01 -31.17
C LYS C 52 8.40 -21.57 -31.75
N THR C 53 7.30 -21.39 -31.04
CA THR C 53 5.95 -21.88 -31.38
C THR C 53 5.13 -20.85 -32.16
N LYS C 54 3.89 -21.19 -32.54
CA LYS C 54 2.96 -20.36 -33.33
C LYS C 54 2.68 -18.95 -32.75
N PRO C 55 2.46 -18.73 -31.43
CA PRO C 55 2.23 -17.39 -30.90
C PRO C 55 3.42 -16.45 -31.04
N ASN C 56 4.64 -17.01 -31.05
CA ASN C 56 5.90 -16.33 -31.35
C ASN C 56 6.30 -16.46 -32.83
N LEU C 57 5.31 -16.60 -33.72
CA LEU C 57 5.43 -16.54 -35.18
C LEU C 57 6.42 -17.56 -35.79
N TYR C 58 6.69 -18.66 -35.07
CA TYR C 58 7.72 -19.64 -35.41
C TYR C 58 9.11 -19.00 -35.62
N ALA C 59 9.47 -17.98 -34.84
CA ALA C 59 10.78 -17.34 -34.91
C ALA C 59 11.92 -18.31 -34.59
N THR C 60 13.09 -18.11 -35.20
CA THR C 60 14.22 -19.05 -35.15
C THR C 60 15.57 -18.36 -34.96
N GLU C 61 16.47 -19.02 -34.24
CA GLU C 61 17.69 -18.47 -33.65
C GLU C 61 18.89 -19.37 -33.98
N TYR C 62 20.06 -18.77 -34.15
CA TYR C 62 21.23 -19.55 -34.45
C TYR C 62 22.53 -18.99 -33.89
N ALA C 63 23.47 -19.84 -33.51
CA ALA C 63 24.79 -19.44 -33.09
C ALA C 63 25.62 -18.87 -34.25
N ASP C 64 26.58 -17.98 -34.00
CA ASP C 64 27.39 -17.37 -35.07
C ASP C 64 28.31 -18.38 -35.79
N SER C 65 28.66 -19.49 -35.15
CA SER C 65 29.35 -20.65 -35.74
C SER C 65 28.52 -21.39 -36.80
N VAL C 66 27.22 -21.09 -36.90
CA VAL C 66 26.19 -21.86 -37.59
C VAL C 66 25.31 -21.01 -38.52
N LYS C 67 25.16 -19.69 -38.27
CA LYS C 67 24.38 -18.75 -39.08
C LYS C 67 24.67 -18.88 -40.57
N GLY C 68 23.62 -18.90 -41.38
CA GLY C 68 23.68 -19.01 -42.84
C GLY C 68 24.01 -20.40 -43.39
N ARG C 69 24.69 -21.26 -42.62
CA ARG C 69 25.00 -22.65 -43.00
C ARG C 69 23.85 -23.60 -42.67
N PHE C 70 23.31 -23.56 -41.46
CA PHE C 70 22.21 -24.43 -41.05
C PHE C 70 20.86 -23.71 -41.05
N THR C 71 19.76 -24.46 -41.05
CA THR C 71 18.38 -23.98 -40.96
C THR C 71 17.53 -24.96 -40.17
N ILE C 72 16.67 -24.46 -39.28
CA ILE C 72 15.82 -25.28 -38.40
C ILE C 72 14.35 -25.09 -38.80
N SER C 73 13.58 -26.17 -38.78
CA SER C 73 12.16 -26.18 -39.16
C SER C 73 11.36 -27.16 -38.30
N ARG C 74 10.04 -27.05 -38.33
CA ARG C 74 9.10 -27.68 -37.39
C ARG C 74 7.88 -28.19 -38.14
N ASP C 75 7.32 -29.31 -37.70
CA ASP C 75 5.99 -29.77 -38.12
C ASP C 75 5.17 -30.21 -36.91
N ASP C 76 4.34 -29.30 -36.40
CA ASP C 76 3.45 -29.53 -35.27
C ASP C 76 2.37 -30.60 -35.55
N SER C 77 2.11 -30.95 -36.82
CA SER C 77 1.18 -32.04 -37.16
C SER C 77 1.85 -33.42 -37.04
N LYS C 78 3.18 -33.47 -37.18
CA LYS C 78 4.02 -34.67 -37.04
C LYS C 78 4.75 -34.76 -35.69
N ASN C 79 4.53 -33.82 -34.77
CA ASN C 79 5.29 -33.68 -33.52
C ASN C 79 6.82 -33.79 -33.76
N SER C 80 7.33 -33.15 -34.82
CA SER C 80 8.69 -33.37 -35.29
C SER C 80 9.42 -32.07 -35.64
N LEU C 81 10.71 -32.04 -35.37
CA LEU C 81 11.64 -30.93 -35.53
C LEU C 81 12.76 -31.35 -36.47
N TYR C 82 13.29 -30.45 -37.29
CA TYR C 82 14.34 -30.76 -38.26
C TYR C 82 15.47 -29.74 -38.22
N LEU C 83 16.69 -30.19 -38.49
CA LEU C 83 17.87 -29.38 -38.77
C LEU C 83 18.39 -29.74 -40.17
N GLN C 84 18.44 -28.78 -41.08
CA GLN C 84 19.09 -28.90 -42.38
C GLN C 84 20.46 -28.26 -42.26
N MET C 85 21.51 -29.01 -42.56
CA MET C 85 22.90 -28.59 -42.44
C MET C 85 23.52 -28.49 -43.83
N ASN C 86 24.10 -27.35 -44.24
CA ASN C 86 24.67 -27.16 -45.58
C ASN C 86 26.14 -26.75 -45.51
N THR C 87 26.94 -27.12 -46.51
CA THR C 87 28.39 -26.81 -46.57
C THR C 87 29.11 -27.20 -45.28
N LEU C 88 28.97 -28.46 -44.87
CA LEU C 88 29.51 -29.00 -43.63
C LEU C 88 31.03 -28.83 -43.53
N ARG C 89 31.54 -28.36 -42.38
CA ARG C 89 32.97 -28.32 -42.02
C ARG C 89 33.34 -29.57 -41.22
N VAL C 90 34.62 -29.89 -41.11
CA VAL C 90 35.09 -30.91 -40.14
C VAL C 90 34.77 -30.51 -38.68
N ASP C 91 34.67 -29.20 -38.41
CA ASP C 91 34.19 -28.66 -37.12
C ASP C 91 32.75 -29.06 -36.76
N ASP C 92 31.94 -29.56 -37.69
CA ASP C 92 30.56 -29.96 -37.45
C ASP C 92 30.41 -31.40 -36.93
N THR C 93 31.50 -32.15 -36.71
CA THR C 93 31.45 -33.46 -36.03
C THR C 93 30.97 -33.30 -34.59
N ALA C 94 29.87 -33.93 -34.21
CA ALA C 94 29.36 -33.91 -32.85
C ALA C 94 28.24 -34.93 -32.64
N LEU C 95 27.84 -35.18 -31.39
CA LEU C 95 26.49 -35.65 -31.09
C LEU C 95 25.55 -34.45 -31.05
N TYR C 96 24.47 -34.49 -31.84
CA TYR C 96 23.46 -33.43 -31.88
C TYR C 96 22.27 -33.87 -31.04
N TYR C 97 22.02 -33.16 -29.94
CA TYR C 97 20.90 -33.38 -29.03
C TYR C 97 19.75 -32.45 -29.38
N CYS C 98 18.55 -32.99 -29.29
CA CYS C 98 17.29 -32.30 -29.43
C CYS C 98 16.70 -32.06 -28.03
N THR C 99 16.22 -30.86 -27.75
CA THR C 99 15.85 -30.47 -26.39
C THR C 99 14.80 -29.34 -26.35
N SER C 100 14.16 -29.10 -25.21
CA SER C 100 13.04 -28.16 -25.01
C SER C 100 13.33 -27.10 -23.94
N LEU C 101 13.06 -25.81 -24.16
CA LEU C 101 13.13 -24.81 -23.08
C LEU C 101 11.82 -24.72 -22.29
N THR C 102 11.91 -24.63 -20.96
CA THR C 102 10.84 -24.18 -20.07
C THR C 102 10.72 -22.66 -19.99
N GLY C 103 9.67 -22.14 -19.36
CA GLY C 103 9.48 -20.71 -19.14
C GLY C 103 10.60 -20.05 -18.35
N MET C 104 11.18 -20.78 -17.39
CA MET C 104 12.37 -20.39 -16.61
C MET C 104 13.71 -20.66 -17.33
N ARG C 105 13.67 -20.96 -18.63
CA ARG C 105 14.79 -21.05 -19.58
C ARG C 105 15.85 -22.09 -19.19
N TYR C 106 15.37 -23.27 -18.80
CA TYR C 106 16.20 -24.44 -18.59
C TYR C 106 15.74 -25.57 -19.51
N PHE C 107 16.65 -26.43 -19.93
CA PHE C 107 16.35 -27.56 -20.79
C PHE C 107 15.79 -28.73 -19.99
N ASP C 108 14.48 -28.91 -19.96
CA ASP C 108 13.85 -29.95 -19.14
C ASP C 108 14.06 -31.35 -19.71
N TYR C 109 13.81 -31.55 -21.02
CA TYR C 109 13.96 -32.84 -21.71
C TYR C 109 15.04 -32.78 -22.78
N TRP C 110 15.82 -33.84 -22.89
CA TRP C 110 16.87 -34.07 -23.88
C TRP C 110 16.63 -35.43 -24.56
N GLY C 111 16.99 -35.58 -25.83
CA GLY C 111 17.00 -36.88 -26.50
C GLY C 111 18.23 -37.71 -26.14
N GLN C 112 18.81 -38.42 -27.12
CA GLN C 112 20.12 -39.06 -27.01
C GLN C 112 20.78 -38.97 -28.39
N GLY C 113 21.61 -37.95 -28.56
CA GLY C 113 21.85 -37.34 -29.85
C GLY C 113 22.46 -38.24 -30.92
N THR C 114 22.18 -37.91 -32.17
CA THR C 114 22.79 -38.53 -33.35
C THR C 114 24.23 -38.08 -33.54
N MET C 115 25.18 -39.00 -33.68
CA MET C 115 26.52 -38.69 -34.18
C MET C 115 26.46 -38.20 -35.64
N VAL C 116 27.10 -37.08 -35.93
CA VAL C 116 27.42 -36.63 -37.29
C VAL C 116 28.94 -36.71 -37.43
N THR C 117 29.44 -37.40 -38.45
CA THR C 117 30.88 -37.59 -38.67
C THR C 117 31.30 -36.96 -40.00
N VAL C 118 31.59 -35.66 -40.00
CA VAL C 118 32.09 -34.97 -41.19
C VAL C 118 33.58 -35.26 -41.39
N SER C 119 33.92 -36.15 -42.32
CA SER C 119 35.31 -36.60 -42.53
C SER C 119 35.56 -37.06 -43.96
N SER C 120 36.77 -36.79 -44.49
CA SER C 120 37.21 -37.20 -45.84
C SER C 120 37.54 -38.68 -45.93
N LEU D 1 28.72 -10.17 -25.82
CA LEU D 1 27.61 -11.09 -25.44
C LEU D 1 27.94 -11.79 -24.11
N ASP D 2 27.05 -12.63 -23.59
CA ASP D 2 27.24 -13.30 -22.30
C ASP D 2 28.37 -14.35 -22.37
N VAL D 3 29.37 -14.21 -21.50
CA VAL D 3 30.46 -15.15 -21.25
C VAL D 3 30.29 -15.76 -19.85
N LEU D 4 30.31 -17.09 -19.76
CA LEU D 4 30.22 -17.87 -18.51
C LEU D 4 31.55 -18.59 -18.23
N THR D 5 32.16 -18.34 -17.08
CA THR D 5 33.51 -18.85 -16.76
C THR D 5 33.44 -19.95 -15.70
N GLN D 6 33.94 -21.15 -15.99
CA GLN D 6 34.05 -22.26 -15.04
C GLN D 6 35.49 -22.76 -14.91
N SER D 7 35.91 -23.19 -13.71
CA SER D 7 37.18 -23.91 -13.51
C SER D 7 37.10 -25.36 -14.03
N PRO D 8 38.12 -25.93 -14.70
CA PRO D 8 38.02 -27.23 -15.36
C PRO D 8 37.76 -28.44 -14.44
N SER D 9 38.14 -28.38 -13.16
CA SER D 9 38.04 -29.51 -12.22
C SER D 9 37.80 -29.06 -10.78
N ALA D 10 37.15 -29.91 -9.99
CA ALA D 10 36.96 -29.83 -8.54
C ALA D 10 37.02 -31.24 -7.95
N SER D 11 37.36 -31.40 -6.67
CA SER D 11 37.45 -32.74 -6.05
C SER D 11 37.16 -32.74 -4.55
N ALA D 12 36.66 -33.87 -4.03
CA ALA D 12 36.52 -34.11 -2.59
C ALA D 12 36.51 -35.60 -2.24
N SER D 13 36.88 -35.95 -1.01
CA SER D 13 36.75 -37.32 -0.50
C SER D 13 35.28 -37.76 -0.44
N LEU D 14 35.00 -39.05 -0.62
CA LEU D 14 33.64 -39.59 -0.52
C LEU D 14 33.07 -39.24 0.86
N GLY D 15 31.93 -38.57 0.90
CA GLY D 15 31.30 -38.09 2.13
C GLY D 15 31.63 -36.65 2.54
N ASN D 16 32.56 -35.96 1.88
CA ASN D 16 32.80 -34.51 2.07
C ASN D 16 32.04 -33.67 1.03
N SER D 17 31.95 -32.36 1.25
CA SER D 17 31.29 -31.42 0.34
C SER D 17 32.18 -30.95 -0.81
N VAL D 18 31.55 -30.49 -1.90
CA VAL D 18 32.15 -29.83 -3.07
C VAL D 18 31.39 -28.54 -3.35
N LYS D 19 32.07 -27.46 -3.76
CA LYS D 19 31.44 -26.28 -4.35
C LYS D 19 32.00 -26.02 -5.75
N LEU D 20 31.14 -26.01 -6.76
CA LEU D 20 31.47 -25.54 -8.12
C LEU D 20 31.17 -24.05 -8.22
N THR D 21 31.87 -23.32 -9.09
CA THR D 21 31.58 -21.91 -9.37
C THR D 21 31.43 -21.65 -10.86
N CYS D 22 30.49 -20.79 -11.23
CA CYS D 22 30.33 -20.23 -12.55
C CYS D 22 30.23 -18.71 -12.46
N THR D 23 31.06 -17.96 -13.17
CA THR D 23 31.09 -16.49 -13.09
C THR D 23 30.53 -15.88 -14.36
N LEU D 24 29.50 -15.05 -14.24
CA LEU D 24 28.90 -14.30 -15.32
C LEU D 24 29.72 -13.08 -15.72
N SER D 25 29.49 -12.58 -16.93
CA SER D 25 30.03 -11.29 -17.40
C SER D 25 29.54 -10.15 -16.51
N SER D 26 30.35 -9.13 -16.27
CA SER D 26 29.97 -8.03 -15.35
C SER D 26 28.80 -7.18 -15.85
N GLN D 27 28.56 -7.13 -17.16
CA GLN D 27 27.35 -6.53 -17.75
C GLN D 27 26.06 -7.32 -17.45
N HIS D 28 26.20 -8.61 -17.14
CA HIS D 28 25.13 -9.60 -17.00
C HIS D 28 25.11 -10.25 -15.60
N SER D 29 25.68 -9.59 -14.59
CA SER D 29 25.88 -10.17 -13.27
C SER D 29 24.58 -10.54 -12.53
N THR D 30 23.43 -9.99 -12.92
CA THR D 30 22.11 -10.30 -12.35
C THR D 30 21.34 -11.41 -13.08
N TYR D 31 21.89 -12.08 -14.08
CA TYR D 31 21.17 -13.09 -14.86
C TYR D 31 20.95 -14.39 -14.06
N THR D 32 19.84 -15.08 -14.30
CA THR D 32 19.51 -16.42 -13.77
C THR D 32 20.13 -17.51 -14.65
N ILE D 33 20.71 -18.55 -14.05
CA ILE D 33 21.39 -19.66 -14.76
C ILE D 33 20.77 -21.03 -14.46
N GLY D 34 20.90 -21.98 -15.39
CA GLY D 34 20.66 -23.40 -15.16
C GLY D 34 21.96 -24.16 -14.90
N TRP D 35 21.90 -25.21 -14.10
CA TRP D 35 22.98 -26.19 -13.87
C TRP D 35 22.59 -27.54 -14.46
N TYR D 36 23.49 -28.16 -15.20
CA TYR D 36 23.32 -29.49 -15.77
C TYR D 36 24.41 -30.42 -15.29
N GLN D 37 24.10 -31.69 -15.06
CA GLN D 37 25.04 -32.76 -14.77
C GLN D 37 25.09 -33.69 -15.98
N ALA D 38 26.25 -34.01 -16.53
CA ALA D 38 26.31 -34.56 -17.89
C ALA D 38 27.48 -35.52 -18.15
N GLY D 39 28.20 -35.92 -17.12
CA GLY D 39 29.45 -36.69 -17.27
C GLY D 39 29.26 -38.19 -17.38
N HIS D 40 28.05 -38.69 -17.15
CA HIS D 40 27.81 -40.13 -17.12
C HIS D 40 28.01 -40.73 -18.52
N PRO D 41 28.55 -41.97 -18.65
CA PRO D 41 29.27 -42.39 -19.87
C PRO D 41 28.47 -42.26 -21.16
N ASP D 42 28.82 -41.27 -21.97
CA ASP D 42 28.18 -40.92 -23.24
C ASP D 42 26.67 -40.61 -23.17
N LYS D 43 26.09 -40.41 -21.97
CA LYS D 43 24.66 -40.06 -21.81
C LYS D 43 24.40 -38.56 -21.96
N ALA D 44 23.20 -38.21 -22.41
CA ALA D 44 22.74 -36.83 -22.54
C ALA D 44 22.77 -36.09 -21.18
N PRO D 45 22.90 -34.74 -21.15
CA PRO D 45 22.86 -33.97 -19.92
C PRO D 45 21.57 -34.13 -19.12
N LYS D 46 21.61 -33.74 -17.85
CA LYS D 46 20.48 -33.79 -16.91
C LYS D 46 20.37 -32.46 -16.19
N TYR D 47 19.19 -31.86 -16.20
CA TYR D 47 18.94 -30.61 -15.48
C TYR D 47 18.99 -30.84 -13.97
N VAL D 48 19.88 -30.15 -13.26
CA VAL D 48 20.01 -30.21 -11.80
C VAL D 48 19.15 -29.16 -11.10
N MET D 49 19.24 -27.90 -11.54
CA MET D 49 18.74 -26.75 -10.79
C MET D 49 18.71 -25.51 -11.66
N TYR D 50 17.93 -24.49 -11.32
CA TYR D 50 18.18 -23.11 -11.76
C TYR D 50 18.39 -22.20 -10.56
N LEU D 51 19.16 -21.14 -10.73
CA LEU D 51 19.68 -20.32 -9.64
C LEU D 51 19.63 -18.82 -10.01
N ASN D 52 18.99 -18.03 -9.16
CA ASN D 52 18.75 -16.59 -9.34
C ASN D 52 19.88 -15.73 -8.78
N SER D 53 19.92 -14.46 -9.18
CA SER D 53 20.88 -13.45 -8.70
C SER D 53 20.91 -13.30 -7.18
N ASP D 54 19.75 -13.40 -6.55
CA ASP D 54 19.57 -13.25 -5.09
C ASP D 54 19.91 -14.51 -4.28
N GLY D 55 20.27 -15.61 -4.94
CA GLY D 55 20.55 -16.90 -4.32
C GLY D 55 19.37 -17.88 -4.32
N SER D 56 18.16 -17.49 -4.75
CA SER D 56 16.99 -18.38 -4.79
C SER D 56 17.16 -19.47 -5.84
N HIS D 57 16.88 -20.73 -5.52
CA HIS D 57 17.02 -21.84 -6.47
C HIS D 57 15.82 -22.78 -6.44
N ASN D 58 15.65 -23.53 -7.52
CA ASN D 58 14.65 -24.59 -7.62
C ASN D 58 15.33 -25.80 -8.25
N LYS D 59 15.18 -27.00 -7.67
CA LYS D 59 15.82 -28.25 -8.11
C LYS D 59 14.96 -29.03 -9.11
N GLY D 60 15.60 -29.84 -9.94
CA GLY D 60 14.93 -30.79 -10.84
C GLY D 60 14.20 -31.89 -10.09
N ASP D 61 13.25 -32.54 -10.76
CA ASP D 61 12.22 -33.37 -10.12
C ASP D 61 12.76 -34.58 -9.35
N GLY D 62 13.88 -35.14 -9.81
CA GLY D 62 14.53 -36.33 -9.25
C GLY D 62 15.81 -36.09 -8.45
N LEU D 63 16.18 -34.84 -8.13
CA LEU D 63 17.50 -34.53 -7.58
C LEU D 63 17.62 -34.86 -6.07
N PRO D 64 18.71 -35.51 -5.61
CA PRO D 64 18.83 -36.08 -4.25
C PRO D 64 18.83 -35.15 -3.02
N ASP D 65 18.53 -33.85 -3.14
CA ASP D 65 18.57 -32.86 -2.02
C ASP D 65 19.95 -32.59 -1.38
N ARG D 66 20.99 -33.34 -1.76
CA ARG D 66 22.41 -33.02 -1.48
C ARG D 66 22.88 -31.77 -2.21
N PHE D 67 22.31 -31.52 -3.38
CA PHE D 67 22.56 -30.35 -4.22
C PHE D 67 21.84 -29.12 -3.70
N SER D 68 22.53 -27.99 -3.56
CA SER D 68 21.92 -26.67 -3.28
C SER D 68 22.76 -25.55 -3.89
N GLY D 69 22.17 -24.39 -4.17
CA GLY D 69 22.84 -23.29 -4.88
C GLY D 69 22.88 -21.99 -4.09
N SER D 70 23.82 -21.10 -4.44
CA SER D 70 23.96 -19.77 -3.82
C SER D 70 24.66 -18.81 -4.77
N SER D 71 24.55 -17.50 -4.53
CA SER D 71 24.99 -16.46 -5.45
C SER D 71 25.76 -15.36 -4.73
N SER D 72 26.69 -14.69 -5.41
CA SER D 72 27.43 -13.54 -4.85
C SER D 72 27.86 -12.59 -5.95
N GLY D 73 27.07 -11.57 -6.24
CA GLY D 73 27.29 -10.70 -7.39
C GLY D 73 27.25 -11.50 -8.69
N ALA D 74 28.35 -11.45 -9.46
CA ALA D 74 28.49 -12.20 -10.71
C ALA D 74 28.72 -13.71 -10.54
N HIS D 75 29.04 -14.21 -9.35
CA HIS D 75 29.31 -15.63 -9.11
C HIS D 75 28.04 -16.43 -8.81
N ARG D 76 27.99 -17.68 -9.27
CA ARG D 76 26.93 -18.66 -9.02
C ARG D 76 27.55 -19.95 -8.57
N TYR D 77 27.03 -20.59 -7.53
CA TYR D 77 27.62 -21.79 -6.97
C TYR D 77 26.64 -22.96 -6.98
N LEU D 78 27.16 -24.17 -7.21
CA LEU D 78 26.47 -25.42 -6.93
C LEU D 78 27.25 -26.12 -5.82
N SER D 79 26.58 -26.48 -4.73
CA SER D 79 27.16 -27.18 -3.60
C SER D 79 26.64 -28.60 -3.58
N ILE D 80 27.51 -29.60 -3.49
CA ILE D 80 27.11 -31.00 -3.26
C ILE D 80 27.55 -31.37 -1.84
N SER D 81 26.65 -31.80 -0.96
CA SER D 81 26.90 -31.81 0.50
C SER D 81 27.81 -32.92 1.01
N ASN D 82 27.69 -34.13 0.46
CA ASN D 82 28.45 -35.31 0.88
C ASN D 82 28.58 -36.24 -0.30
N ILE D 83 29.63 -36.05 -1.10
CA ILE D 83 29.85 -36.69 -2.39
C ILE D 83 29.65 -38.19 -2.31
N GLN D 84 28.70 -38.71 -3.10
CA GLN D 84 28.54 -40.12 -3.41
C GLN D 84 29.33 -40.47 -4.69
N PRO D 85 29.58 -41.75 -5.01
CA PRO D 85 30.15 -42.14 -6.30
C PRO D 85 29.34 -41.64 -7.50
N GLU D 86 28.01 -41.59 -7.38
CA GLU D 86 27.09 -41.11 -8.41
C GLU D 86 27.10 -39.57 -8.62
N ASP D 87 27.91 -38.81 -7.88
CA ASP D 87 28.09 -37.36 -8.09
C ASP D 87 29.31 -37.04 -8.98
N GLU D 88 30.12 -38.05 -9.32
CA GLU D 88 31.29 -37.92 -10.19
C GLU D 88 30.85 -37.65 -11.65
N ALA D 89 30.96 -36.41 -12.12
CA ALA D 89 30.42 -35.97 -13.40
C ALA D 89 31.03 -34.64 -13.88
N ASP D 90 30.84 -34.31 -15.16
CA ASP D 90 30.89 -32.94 -15.66
C ASP D 90 29.63 -32.17 -15.26
N TYR D 91 29.79 -30.96 -14.76
CA TYR D 91 28.71 -30.03 -14.50
C TYR D 91 28.85 -28.79 -15.35
N PHE D 92 27.81 -28.49 -16.14
CA PHE D 92 27.76 -27.36 -17.05
C PHE D 92 26.83 -26.28 -16.52
N CYS D 93 27.33 -25.08 -16.41
CA CYS D 93 26.57 -23.85 -16.21
C CYS D 93 25.89 -23.43 -17.52
N GLY D 94 24.77 -22.70 -17.51
CA GLY D 94 24.17 -22.19 -18.75
C GLY D 94 23.20 -21.02 -18.55
N SER D 95 23.18 -20.07 -19.48
CA SER D 95 22.44 -18.80 -19.37
C SER D 95 21.77 -18.45 -20.67
N SER D 96 20.46 -18.22 -20.64
CA SER D 96 19.69 -17.65 -21.74
C SER D 96 19.89 -16.13 -21.79
N TYR D 97 19.97 -15.55 -22.98
CA TYR D 97 20.07 -14.11 -23.18
C TYR D 97 19.28 -13.70 -24.45
N SER D 98 19.18 -12.40 -24.75
CA SER D 98 18.20 -11.84 -25.70
C SER D 98 18.09 -12.52 -27.08
N SER D 99 19.18 -13.12 -27.55
CA SER D 99 19.29 -13.72 -28.89
C SER D 99 19.79 -15.17 -28.89
N GLY D 100 19.78 -15.89 -27.76
CA GLY D 100 20.20 -17.29 -27.71
C GLY D 100 20.41 -17.88 -26.31
N TYR D 101 21.40 -18.76 -26.20
CA TYR D 101 21.81 -19.48 -25.00
C TYR D 101 23.34 -19.62 -25.02
N VAL D 102 23.98 -19.76 -23.87
CA VAL D 102 25.43 -20.03 -23.76
C VAL D 102 25.66 -21.02 -22.64
N PHE D 103 26.63 -21.93 -22.79
CA PHE D 103 27.04 -22.88 -21.77
C PHE D 103 28.45 -22.53 -21.26
N GLY D 104 28.69 -22.75 -19.98
CA GLY D 104 30.05 -22.74 -19.43
C GLY D 104 30.89 -23.89 -19.98
N SER D 105 32.21 -23.79 -19.87
CA SER D 105 33.16 -24.81 -20.34
C SER D 105 33.13 -26.15 -19.57
N GLY D 106 32.35 -26.25 -18.48
CA GLY D 106 32.18 -27.46 -17.68
C GLY D 106 33.27 -27.67 -16.62
N THR D 107 32.88 -28.24 -15.48
CA THR D 107 33.75 -28.62 -14.36
C THR D 107 33.62 -30.12 -14.12
N LYS D 108 34.71 -30.90 -14.14
CA LYS D 108 34.65 -32.30 -13.67
C LYS D 108 34.75 -32.35 -12.16
N VAL D 109 33.88 -33.14 -11.52
CA VAL D 109 33.93 -33.42 -10.07
C VAL D 109 34.49 -34.79 -9.86
N GLU D 110 35.53 -34.89 -9.03
CA GLU D 110 36.34 -36.09 -8.85
C GLU D 110 36.35 -36.53 -7.38
N LEU D 111 36.24 -37.85 -7.13
CA LEU D 111 36.56 -38.42 -5.82
C LEU D 111 38.08 -38.55 -5.68
N LYS D 112 38.63 -38.46 -4.46
CA LYS D 112 40.07 -38.60 -4.19
C LYS D 112 40.42 -39.52 -3.01
C1 NAG E . -22.06 -6.72 -12.94
C2 NAG E . -22.61 -5.48 -12.24
C3 NAG E . -23.39 -5.86 -10.97
C4 NAG E . -24.39 -6.98 -11.25
C5 NAG E . -23.67 -8.12 -11.97
C6 NAG E . -24.60 -9.29 -12.25
C7 NAG E . -21.17 -3.55 -12.69
C8 NAG E . -19.95 -2.78 -12.27
N2 NAG E . -21.55 -4.55 -11.90
O3 NAG E . -24.02 -4.70 -10.45
O4 NAG E . -24.88 -7.58 -10.05
O5 NAG E . -23.11 -7.65 -13.18
O6 NAG E . -25.57 -8.83 -13.18
O7 NAG E . -21.78 -3.25 -13.72
C1 NAG E . -26.30 -7.48 -9.89
C2 NAG E . -26.74 -8.62 -9.00
C3 NAG E . -28.26 -8.58 -8.73
C4 NAG E . -28.84 -7.18 -8.49
C5 NAG E . -28.15 -6.09 -9.32
C6 NAG E . -28.78 -4.73 -9.07
C7 NAG E . -25.28 -10.57 -9.33
C8 NAG E . -25.01 -11.80 -10.15
N2 NAG E . -26.41 -9.91 -9.59
O3 NAG E . -28.59 -9.57 -7.75
O4 NAG E . -30.26 -7.17 -8.56
O5 NAG E . -26.72 -6.24 -9.33
O6 NAG E . -28.50 -4.37 -7.72
O7 NAG E . -24.49 -10.19 -8.47
C1 BMA E . -30.90 -6.72 -7.36
C2 BMA E . -32.27 -6.15 -7.74
C3 BMA E . -33.06 -5.69 -6.51
C4 BMA E . -32.95 -6.61 -5.30
C5 BMA E . -31.58 -7.27 -5.13
C6 BMA E . -31.68 -8.45 -4.17
O2 BMA E . -32.71 -6.74 -8.97
O3 BMA E . -34.43 -5.55 -6.85
O4 BMA E . -33.26 -5.83 -4.11
O5 BMA E . -31.07 -7.76 -6.40
O6 BMA E . -30.41 -9.11 -4.05
C1 NAG F . 17.05 1.70 4.96
C2 NAG F . 18.53 1.32 4.88
C3 NAG F . 18.67 -0.18 4.63
C4 NAG F . 17.95 -0.96 5.71
C5 NAG F . 16.50 -0.51 5.78
C6 NAG F . 15.85 -1.13 6.98
C7 NAG F . 19.98 3.13 4.26
C8 NAG F . 20.31 3.20 5.72
N2 NAG F . 19.19 2.14 3.89
O3 NAG F . 20.06 -0.48 4.66
O4 NAG F . 17.90 -2.32 5.30
O5 NAG F . 16.42 0.93 5.97
O6 NAG F . 14.53 -0.67 7.15
O7 NAG F . 20.40 3.97 3.47
C1 NAG F . 18.31 -3.36 6.14
C2 NAG F . 17.91 -4.65 5.45
C3 NAG F . 18.52 -5.83 6.18
C4 NAG F . 20.03 -5.68 6.26
C5 NAG F . 20.35 -4.35 6.94
C6 NAG F . 21.82 -4.05 6.92
C7 NAG F . 15.66 -4.74 4.40
C8 NAG F . 16.33 -4.64 3.06
N2 NAG F . 16.47 -4.80 5.46
O3 NAG F . 18.17 -7.03 5.50
O4 NAG F . 20.62 -6.71 7.03
O5 NAG F . 19.72 -3.27 6.22
O6 NAG F . 22.27 -3.92 5.58
O7 NAG F . 14.44 -4.76 4.52
C1 BMA F . 21.70 -7.33 6.42
C2 BMA F . 22.55 -8.10 7.39
C3 BMA F . 23.66 -8.78 6.64
C4 BMA F . 23.09 -9.68 5.58
C5 BMA F . 22.22 -8.86 4.65
C6 BMA F . 21.49 -9.72 3.66
O2 BMA F . 21.77 -9.06 8.07
O3 BMA F . 24.45 -9.55 7.55
O4 BMA F . 24.14 -10.23 4.82
O5 BMA F . 21.21 -8.22 5.42
O6 BMA F . 20.70 -10.67 4.36
C1 MAN F . 20.19 -11.69 3.56
C2 MAN F . 19.68 -12.76 4.49
C3 MAN F . 20.78 -13.19 5.42
C4 MAN F . 21.92 -13.74 4.61
C5 MAN F . 22.40 -12.65 3.67
C6 MAN F . 23.50 -13.11 2.76
O2 MAN F . 19.28 -13.89 3.73
O3 MAN F . 20.32 -14.16 6.36
O4 MAN F . 23.00 -14.12 5.46
O5 MAN F . 21.30 -12.24 2.83
O6 MAN F . 23.08 -14.26 2.05
C1 MAN F . 19.31 -13.64 7.16
C2 MAN F . 19.26 -14.45 8.45
C3 MAN F . 18.90 -15.88 8.14
C4 MAN F . 17.61 -15.95 7.33
C5 MAN F . 17.74 -15.09 6.08
C6 MAN F . 16.47 -15.02 5.26
O2 MAN F . 18.36 -13.86 9.38
O3 MAN F . 18.73 -16.60 9.36
O4 MAN F . 17.35 -17.29 6.94
O5 MAN F . 18.10 -13.74 6.43
O6 MAN F . 16.74 -14.51 3.96
C1 MAN F . 22.39 -13.98 0.86
C2 MAN F . 22.33 -15.26 0.09
C3 MAN F . 23.69 -15.83 -0.12
C4 MAN F . 24.58 -14.81 -0.80
C5 MAN F . 24.59 -13.50 -0.02
C6 MAN F . 25.32 -12.37 -0.71
O2 MAN F . 21.73 -15.04 -1.18
O3 MAN F . 23.56 -16.99 -0.93
O4 MAN F . 25.91 -15.30 -0.89
O5 MAN F . 23.24 -13.04 0.18
O6 MAN F . 26.73 -12.44 -0.49
C1 MAN F . 25.03 -8.73 8.51
C2 MAN F . 26.54 -8.88 8.54
C3 MAN F . 26.92 -10.22 9.10
C4 MAN F . 26.30 -10.39 10.48
C5 MAN F . 24.80 -10.21 10.40
C6 MAN F . 24.13 -10.23 11.75
O2 MAN F . 27.10 -7.82 9.29
O3 MAN F . 28.35 -10.30 9.19
O4 MAN F . 26.59 -11.68 10.99
O5 MAN F . 24.49 -8.93 9.82
O6 MAN F . 22.74 -9.92 11.64
C1 NAG G . 1.58 -22.74 31.89
C2 NAG G . 1.74 -24.24 32.16
C3 NAG G . 2.34 -24.46 33.53
C4 NAG G . 3.67 -23.73 33.64
C5 NAG G . 3.44 -22.27 33.29
C6 NAG G . 4.71 -21.46 33.25
C7 NAG G . -0.61 -24.62 32.71
C8 NAG G . -1.86 -25.31 32.26
N2 NAG G . 0.48 -24.94 32.03
O3 NAG G . 2.50 -25.86 33.68
O4 NAG G . 4.20 -23.80 34.96
O5 NAG G . 2.88 -22.19 31.97
O6 NAG G . 5.43 -21.75 32.06
O7 NAG G . -0.59 -23.83 33.65
C1 NAG G . 4.97 -24.92 35.26
C2 NAG G . 6.05 -24.68 36.30
C3 NAG G . 6.91 -25.93 36.48
C4 NAG G . 6.07 -27.19 36.61
C5 NAG G . 5.06 -27.25 35.48
C6 NAG G . 4.15 -28.45 35.56
C7 NAG G . 7.40 -23.50 34.69
C8 NAG G . 7.69 -22.13 34.16
N2 NAG G . 6.86 -23.56 35.90
O3 NAG G . 7.75 -25.74 37.62
O4 NAG G . 6.90 -28.35 36.48
O5 NAG G . 4.23 -26.08 35.57
O6 NAG G . 3.96 -29.02 34.27
O7 NAG G . 7.65 -24.51 34.03
C1 BMA G . 7.16 -29.11 37.62
C2 BMA G . 7.67 -30.46 37.17
C3 BMA G . 8.06 -31.32 38.34
C4 BMA G . 9.01 -30.56 39.26
C5 BMA G . 8.40 -29.22 39.66
C6 BMA G . 9.33 -28.37 40.50
O2 BMA G . 8.75 -30.29 36.26
O3 BMA G . 8.69 -32.51 37.87
O4 BMA G . 9.27 -31.32 40.44
O5 BMA G . 8.10 -28.46 38.48
O6 BMA G . 10.41 -27.86 39.72
C1 NAG H . -4.40 4.41 -31.47
C2 NAG H . -4.90 5.15 -32.69
C3 NAG H . -6.21 5.82 -32.35
C4 NAG H . -7.19 4.81 -31.83
C5 NAG H . -6.61 4.08 -30.64
C6 NAG H . -7.59 3.02 -30.15
C7 NAG H . -3.03 5.93 -33.99
C8 NAG H . -3.28 4.77 -34.89
N2 NAG H . -3.97 6.18 -33.09
O3 NAG H . -6.73 6.40 -33.55
O4 NAG H . -8.34 5.49 -31.38
O5 NAG H . -5.36 3.48 -31.00
O6 NAG H . -7.99 2.18 -31.25
O7 NAG H . -2.01 6.62 -34.07
C1 NAG H . -9.47 5.07 -32.16
C2 NAG H . -10.74 5.76 -31.66
C3 NAG H . -11.91 5.25 -32.46
C4 NAG H . -11.66 5.48 -33.93
C5 NAG H . -10.37 4.80 -34.34
C6 NAG H . -10.09 5.10 -35.81
C7 NAG H . -10.68 6.42 -29.32
C8 NAG H . -11.50 6.32 -28.07
N2 NAG H . -10.96 5.53 -30.26
O3 NAG H . -13.08 5.97 -32.04
O4 NAG H . -12.70 4.89 -34.71
O5 NAG H . -9.28 5.30 -33.55
O6 NAG H . -10.05 6.52 -35.97
O7 NAG H . -9.81 7.27 -29.46
C1 BMA H . -13.67 5.88 -35.03
C2 BMA H . -14.03 5.76 -36.50
C3 BMA H . -15.07 6.81 -36.86
C4 BMA H . -16.28 6.63 -35.95
C5 BMA H . -15.85 6.72 -34.50
C6 BMA H . -17.02 6.50 -33.56
O2 BMA H . -14.57 4.47 -36.76
O3 BMA H . -15.47 6.66 -38.21
O4 BMA H . -17.24 7.64 -36.24
O5 BMA H . -14.85 5.73 -34.23
O6 BMA H . -16.56 6.56 -32.21
C1 MAN H . -14.38 7.03 -39.07
C2 MAN H . -14.95 7.49 -40.39
C3 MAN H . -15.72 6.34 -41.01
C4 MAN H . -14.77 5.17 -41.18
C5 MAN H . -14.20 4.79 -39.83
C6 MAN H . -13.24 3.62 -39.92
O2 MAN H . -13.89 7.88 -41.27
O3 MAN H . -16.25 6.73 -42.28
O4 MAN H . -15.48 4.08 -41.77
O5 MAN H . -13.51 5.92 -39.28
O6 MAN H . -13.97 2.41 -40.14
C1 NAG I . 11.30 4.36 13.60
C2 NAG I . 12.71 4.89 13.42
C3 NAG I . 13.27 5.19 14.80
C4 NAG I . 12.33 6.18 15.46
C5 NAG I . 10.93 5.61 15.56
C6 NAG I . 10.00 6.63 16.19
C7 NAG I . 13.85 4.13 11.46
C8 NAG I . 13.08 3.34 10.45
N2 NAG I . 13.54 3.92 12.74
O3 NAG I . 14.57 5.75 14.67
O4 NAG I . 12.78 6.50 16.77
O5 NAG I . 10.47 5.31 14.25
O6 NAG I . 9.96 7.79 15.34
O7 NAG I . 14.70 4.94 11.14
C1 NAG I . 13.07 7.91 16.70
C2 NAG I . 12.69 8.67 17.95
C3 NAG I . 12.85 10.15 17.66
C4 NAG I . 14.27 10.41 17.19
C5 NAG I . 14.58 9.57 15.97
C6 NAG I . 16.02 9.78 15.52
C7 NAG I . 11.06 7.39 19.21
C8 NAG I . 9.60 7.05 19.35
N2 NAG I . 11.34 8.37 18.34
O3 NAG I . 12.58 10.89 18.85
O4 NAG I . 14.39 11.79 16.86
O5 NAG I . 14.41 8.19 16.28
O6 NAG I . 16.90 9.21 16.49
O7 NAG I . 11.93 6.82 19.83
C1 NAG J . 23.42 3.65 -8.66
C2 NAG J . 24.59 4.19 -7.88
C3 NAG J . 25.73 4.53 -8.81
C4 NAG J . 26.07 3.30 -9.64
C5 NAG J . 24.84 2.80 -10.37
C6 NAG J . 25.16 1.51 -11.10
C7 NAG J . 24.84 6.09 -6.35
C8 NAG J . 25.39 7.35 -6.95
N2 NAG J . 24.10 5.35 -7.15
O3 NAG J . 26.89 4.88 -8.06
O4 NAG J . 27.05 3.66 -10.60
O5 NAG J . 23.81 2.53 -9.43
O6 NAG J . 25.77 0.60 -10.20
O7 NAG J . 25.04 5.78 -5.19
C1 NAG J . 28.12 2.70 -10.52
C2 NAG J . 28.64 2.42 -11.91
C3 NAG J . 29.78 1.44 -11.84
C4 NAG J . 30.85 2.02 -10.94
C5 NAG J . 30.27 2.31 -9.57
C6 NAG J . 31.33 2.94 -8.69
C7 NAG J . 26.98 2.59 -13.64
C8 NAG J . 25.80 1.95 -14.30
N2 NAG J . 27.62 1.84 -12.75
O3 NAG J . 30.30 1.24 -13.15
O4 NAG J . 31.92 1.08 -10.83
O5 NAG J . 29.17 3.21 -9.70
O6 NAG J . 31.74 4.17 -9.29
O7 NAG J . 27.34 3.72 -13.90
C1 BMA J . 32.87 1.47 -11.84
C2 BMA J . 33.51 2.79 -11.45
C3 BMA J . 34.37 3.26 -12.60
C4 BMA J . 35.40 2.18 -12.90
C5 BMA J . 34.68 0.88 -13.23
C6 BMA J . 35.67 -0.22 -13.55
O2 BMA J . 34.32 2.60 -10.29
O3 BMA J . 35.03 4.48 -12.26
O4 BMA J . 36.22 2.59 -14.00
O5 BMA J . 33.86 0.50 -12.13
O6 BMA J . 34.93 -1.42 -13.84
C1 NAG K . -12.98 49.53 -9.90
C2 NAG K . -13.56 48.21 -10.39
C3 NAG K . -15.06 48.14 -10.22
C4 NAG K . -15.46 48.45 -8.80
C5 NAG K . -14.85 49.75 -8.36
C6 NAG K . -15.14 49.90 -6.87
C7 NAG K . -12.18 47.92 -12.36
C8 NAG K . -12.19 48.27 -13.80
N2 NAG K . -13.37 48.02 -11.80
O3 NAG K . -15.51 46.82 -10.54
O4 NAG K . -16.87 48.59 -8.76
O5 NAG K . -13.44 49.76 -8.57
O6 NAG K . -14.73 48.71 -6.20
O7 NAG K . -11.19 47.59 -11.74
C1 NAG K . -17.38 47.69 -7.78
C2 NAG K . -18.81 47.34 -8.17
C3 NAG K . -19.40 46.38 -7.16
C4 NAG K . -18.50 45.16 -7.07
C5 NAG K . -17.08 45.58 -6.72
C6 NAG K . -16.15 44.38 -6.69
C7 NAG K . -19.35 49.56 -7.37
C8 NAG K . -18.86 50.83 -8.00
N2 NAG K . -19.59 48.56 -8.22
O3 NAG K . -20.71 45.99 -7.57
O4 NAG K . -19.00 44.27 -6.07
O5 NAG K . -16.59 46.50 -7.68
O6 NAG K . -15.98 43.89 -8.04
O7 NAG K . -19.50 49.44 -6.17
C1 NAG L . -13.24 -30.90 15.61
C2 NAG L . -13.55 -32.32 15.20
C3 NAG L . -15.00 -32.39 14.76
C4 NAG L . -15.85 -31.89 15.91
C5 NAG L . -15.45 -30.48 16.30
C6 NAG L . -16.29 -30.03 17.49
C7 NAG L . -11.52 -33.31 14.39
C8 NAG L . -10.40 -33.00 13.43
N2 NAG L . -12.69 -32.75 14.12
O3 NAG L . -15.34 -33.74 14.45
O4 NAG L . -17.22 -31.91 15.50
O5 NAG L . -14.09 -30.47 16.67
O6 NAG L . -16.08 -30.93 18.57
O7 NAG L . -11.36 -34.03 15.36
C1 NAG L . -17.95 -32.55 16.54
C2 NAG L . -19.43 -32.36 16.33
C3 NAG L . -20.20 -33.01 17.46
C4 NAG L . -19.80 -34.47 17.55
C5 NAG L . -18.30 -34.58 17.72
C6 NAG L . -17.86 -36.05 17.75
C7 NAG L . -19.52 -30.24 15.16
C8 NAG L . -18.52 -29.13 15.27
N2 NAG L . -19.74 -30.94 16.27
O3 NAG L . -21.61 -32.90 17.21
O4 NAG L . -20.47 -35.08 18.65
O5 NAG L . -17.63 -33.94 16.65
O6 NAG L . -18.03 -36.61 16.45
O7 NAG L . -20.11 -30.51 14.12
C1 NAG M . -25.53 6.36 31.95
C2 NAG M . -27.02 6.03 31.92
C3 NAG M . -27.64 6.49 30.61
C4 NAG M . -27.36 7.96 30.42
C5 NAG M . -25.87 8.23 30.49
C6 NAG M . -25.60 9.72 30.40
C7 NAG M . -27.14 4.03 33.26
C8 NAG M . -26.73 2.58 33.26
N2 NAG M . -27.20 4.61 32.07
O3 NAG M . -29.05 6.29 30.71
O4 NAG M . -27.81 8.35 29.13
O5 NAG M . -25.33 7.75 31.72
O6 NAG M . -26.08 10.35 31.60
O7 NAG M . -27.37 4.64 34.29
C1 NAG M . -28.84 9.33 29.30
C2 NAG M . -29.17 9.94 27.95
C3 NAG M . -30.28 10.97 28.10
C4 NAG M . -31.48 10.31 28.74
C5 NAG M . -31.08 9.68 30.07
C6 NAG M . -32.26 8.96 30.69
C7 NAG M . -27.12 9.85 26.69
C8 NAG M . -25.68 10.05 27.04
N2 NAG M . -28.00 10.57 27.39
O3 NAG M . -30.63 11.48 26.81
O4 NAG M . -32.50 11.28 28.96
O5 NAG M . -30.02 8.76 29.87
O6 NAG M . -32.58 7.83 29.88
O7 NAG M . -27.49 9.06 25.84
C1 NAG N . 0.97 22.03 45.39
C2 NAG N . 1.87 22.92 46.22
C3 NAG N . 1.40 22.89 47.66
C4 NAG N . -0.06 23.28 47.73
C5 NAG N . -0.88 22.39 46.84
C6 NAG N . -2.34 22.83 46.81
C7 NAG N . 4.00 22.70 45.11
C8 NAG N . 4.31 21.53 44.22
N2 NAG N . 3.23 22.44 46.15
O3 NAG N . 2.21 23.81 48.41
O4 NAG N . -0.54 23.11 49.05
O5 NAG N . -0.39 22.43 45.52
O6 NAG N . -2.41 24.18 46.32
O7 NAG N . 4.42 23.82 44.88
C1 NAG N . -0.31 24.31 49.81
C2 NAG N . -1.63 24.72 50.44
C3 NAG N . -1.40 25.97 51.28
C4 NAG N . -0.33 25.65 52.30
C5 NAG N . 0.96 25.21 51.59
C6 NAG N . 2.02 24.88 52.61
C7 NAG N . -3.59 24.13 49.17
C8 NAG N . -4.73 24.68 48.34
N2 NAG N . -2.63 25.00 49.44
O3 NAG N . -2.62 26.31 51.96
O4 NAG N . -0.07 26.79 53.13
O5 NAG N . 0.67 24.06 50.80
O6 NAG N . 1.56 23.81 53.44
O7 NAG N . -3.56 22.98 49.55
C1 BMA N . -0.20 26.32 54.48
C2 BMA N . -1.07 27.27 55.29
C3 BMA N . -1.19 26.78 56.73
C4 BMA N . -1.75 25.36 56.72
C5 BMA N . -0.87 24.48 55.86
C6 BMA N . -1.45 23.08 55.75
O2 BMA N . -2.36 27.34 54.71
O3 BMA N . -2.04 27.64 57.48
O4 BMA N . -1.79 24.85 58.05
O5 BMA N . -0.77 25.02 54.55
O6 BMA N . -0.75 22.34 54.73
CA CA O . 19.84 7.97 -10.32
CA CA P . 14.54 21.27 -5.59
CA CA Q . 4.23 27.64 -10.29
CA CA R . -3.89 23.41 -20.63
CA CA S . -0.08 -19.78 23.67
CA CA T . -4.05 -11.96 10.67
CA CA U . -1.02 -15.62 16.15
C1 NAG V . 2.71 7.44 46.16
C2 NAG V . 3.87 7.25 45.21
C3 NAG V . 4.88 6.29 45.82
C4 NAG V . 5.29 6.76 47.20
C5 NAG V . 4.06 6.97 48.07
C6 NAG V . 4.38 7.56 49.43
C7 NAG V . 3.36 7.48 42.83
C8 NAG V . 4.66 8.04 42.37
N2 NAG V . 3.38 6.75 43.95
O3 NAG V . 6.00 6.18 44.95
O4 NAG V . 6.12 5.78 47.81
O5 NAG V . 3.13 7.87 47.44
O6 NAG V . 3.23 7.61 50.26
O7 NAG V . 2.31 7.68 42.22
#